data_6LD7
#
_entry.id   6LD7
#
_cell.length_a   165.424
_cell.length_b   165.424
_cell.length_c   241.735
_cell.angle_alpha   90.000
_cell.angle_beta   90.000
_cell.angle_gamma   90.000
#
_symmetry.space_group_name_H-M   'I 41'
#
loop_
_entity.id
_entity.type
_entity.pdbx_description
1 polymer 'Cystathionine gamma-synthase'
2 non-polymer DI(HYDROXYETHYL)ETHER
3 non-polymer 'TRIETHYLENE GLYCOL'
4 water water
#
_entity_poly.entity_id   1
_entity_poly.type   'polypeptide(L)'
_entity_poly.pdbx_seq_one_letter_code
;GSHMSFRDPTHTPCTAATAAVRAGIDRDTAYGAVTPPIVLSSNFSFDGFGNKRQYDYTRSGNPTRDLLGEALAELEGGAG
GVITSTGMGAINLVLNAVLQPGDTLVVPHDAYGGSWRLFNALAKKGHFALITADLTVPRSLADALAQSPKLVLIETPSNP
LLRITDLRFVIEAAKKVGALTVVDNTFLSPALQKPLDFGADLVLHSTT(LLP)YINGHSDVVGGAVVARDAELHQQLVWW
ANALGLTGSPFDAFLTLRGLRTLDARLRVHQENADAIAELLDGHAMVNQVYFPGLATHPGHALAARQQKGFGAMMSFELE
GGEAAVRAFVDGLRYFTLAESLGGVESLIAHPASMTHAAMTAEARAAAGISDGLLRLSIGIESAEDLLIDLRAGLSRAEA
TLTTTNRKKVDA
;
_entity_poly.pdbx_strand_id   A,B,C,D
#
loop_
_chem_comp.id
_chem_comp.type
_chem_comp.name
_chem_comp.formula
PEG non-polymer DI(HYDROXYETHYL)ETHER 'C4 H10 O3'
PGE non-polymer 'TRIETHYLENE GLYCOL' 'C6 H14 O4'
#
# COMPACT_ATOMS: atom_id res chain seq x y z
N THR A 12 18.19 20.16 -25.45
CA THR A 12 18.42 18.68 -25.62
C THR A 12 17.23 17.91 -25.02
N PRO A 13 16.92 16.73 -25.57
CA PRO A 13 16.28 15.68 -24.78
C PRO A 13 17.25 15.30 -23.66
N CYS A 14 16.87 14.40 -22.80
CA CYS A 14 17.72 13.85 -21.73
C CYS A 14 17.92 12.42 -22.23
N THR A 15 18.85 11.64 -21.69
CA THR A 15 18.92 10.18 -21.88
C THR A 15 17.72 9.45 -21.28
N ALA A 16 17.62 8.18 -21.63
CA ALA A 16 16.64 7.22 -21.15
C ALA A 16 16.81 7.04 -19.64
N ALA A 17 18.02 6.85 -19.14
CA ALA A 17 18.25 6.72 -17.70
C ALA A 17 17.68 7.98 -16.97
N THR A 18 17.98 9.20 -17.45
CA THR A 18 17.54 10.44 -16.77
C THR A 18 15.99 10.46 -16.82
N ALA A 19 15.35 10.07 -17.93
CA ALA A 19 13.86 10.10 -18.06
C ALA A 19 13.22 9.12 -17.08
N ALA A 20 13.75 7.91 -16.98
CA ALA A 20 13.25 6.91 -16.03
C ALA A 20 13.41 7.43 -14.60
N VAL A 21 14.57 8.00 -14.26
CA VAL A 21 14.84 8.41 -12.86
C VAL A 21 13.87 9.53 -12.50
N ARG A 22 13.67 10.50 -13.39
CA ARG A 22 12.88 11.72 -13.15
C ARG A 22 11.43 11.60 -13.66
N ALA A 23 10.92 10.41 -13.93
CA ALA A 23 9.51 10.21 -14.34
C ALA A 23 8.54 10.69 -13.21
N GLY A 24 7.59 11.55 -13.52
CA GLY A 24 6.75 12.17 -12.42
C GLY A 24 7.43 12.80 -11.16
N ILE A 25 8.73 13.12 -11.20
CA ILE A 25 9.33 14.01 -10.17
C ILE A 25 8.93 15.48 -10.43
N ASP A 26 8.51 16.18 -9.39
CA ASP A 26 8.04 17.59 -9.36
C ASP A 26 6.97 17.78 -10.46
N ARG A 27 6.00 16.85 -10.55
CA ARG A 27 4.81 16.92 -11.43
C ARG A 27 3.53 16.98 -10.57
N ASP A 28 3.57 17.13 -9.24
CA ASP A 28 2.37 17.23 -8.39
C ASP A 28 1.94 18.70 -8.33
N THR A 29 0.76 19.05 -8.89
CA THR A 29 0.25 20.46 -8.90
C THR A 29 -0.42 20.76 -7.54
N ALA A 30 -0.82 19.77 -6.76
CA ALA A 30 -1.54 20.09 -5.50
C ALA A 30 -0.55 20.63 -4.46
N TYR A 31 0.59 19.95 -4.23
CA TYR A 31 1.45 20.21 -3.04
C TYR A 31 2.92 20.41 -3.44
N GLY A 32 3.31 20.27 -4.71
CA GLY A 32 4.71 20.23 -5.11
C GLY A 32 5.41 18.98 -4.54
N ALA A 33 4.69 17.89 -4.32
CA ALA A 33 5.36 16.66 -3.83
C ALA A 33 6.48 16.26 -4.80
N VAL A 34 7.64 15.86 -4.27
CA VAL A 34 8.71 15.34 -5.14
C VAL A 34 8.27 14.03 -5.83
N THR A 35 7.77 13.09 -5.09
CA THR A 35 7.23 11.73 -5.46
C THR A 35 5.74 11.90 -5.77
N PRO A 36 5.23 11.40 -6.91
CA PRO A 36 3.81 11.59 -7.25
C PRO A 36 2.82 10.89 -6.30
N PRO A 37 1.75 11.60 -5.88
CA PRO A 37 0.72 11.03 -5.00
C PRO A 37 0.07 9.84 -5.72
N ILE A 38 -0.23 8.77 -5.00
CA ILE A 38 -0.90 7.55 -5.56
C ILE A 38 -2.39 7.77 -5.66
N VAL A 39 -2.93 7.81 -6.86
CA VAL A 39 -4.38 8.09 -7.05
C VAL A 39 -5.12 6.75 -7.17
N LEU A 40 -5.54 6.21 -6.03
CA LEU A 40 -6.31 4.95 -5.98
C LEU A 40 -7.76 5.19 -6.44
N SER A 41 -8.24 6.42 -6.37
CA SER A 41 -9.69 6.75 -6.59
C SER A 41 -10.28 6.01 -7.82
N SER A 42 -11.40 5.34 -7.66
CA SER A 42 -12.09 4.69 -8.81
C SER A 42 -12.78 5.77 -9.64
N ASN A 43 -13.22 6.86 -9.01
CA ASN A 43 -14.03 7.89 -9.69
C ASN A 43 -13.54 9.30 -9.36
N PHE A 44 -13.94 10.24 -10.20
CA PHE A 44 -13.54 11.68 -10.17
C PHE A 44 -14.82 12.52 -10.39
N SER A 45 -14.93 13.60 -9.64
CA SER A 45 -16.07 14.56 -9.71
C SER A 45 -16.06 15.21 -11.07
N PHE A 46 -17.25 15.47 -11.59
CA PHE A 46 -17.49 16.47 -12.64
C PHE A 46 -17.22 17.86 -12.05
N ASP A 47 -16.69 18.77 -12.87
CA ASP A 47 -16.43 20.19 -12.50
C ASP A 47 -17.72 20.99 -12.78
N GLY A 48 -18.80 20.73 -12.04
CA GLY A 48 -20.15 21.24 -12.33
C GLY A 48 -20.87 20.47 -13.43
N PHE A 49 -22.18 20.72 -13.56
CA PHE A 49 -23.06 20.06 -14.56
C PHE A 49 -22.41 20.14 -15.94
N GLY A 50 -22.29 18.99 -16.57
CA GLY A 50 -21.87 18.81 -17.96
C GLY A 50 -20.38 18.98 -18.21
N ASN A 51 -19.53 19.11 -17.19
CA ASN A 51 -18.06 19.36 -17.35
C ASN A 51 -17.27 18.15 -16.82
N LYS A 52 -17.06 17.14 -17.65
CA LYS A 52 -16.16 16.01 -17.35
C LYS A 52 -14.74 16.61 -17.16
N ARG A 53 -14.01 16.20 -16.11
CA ARG A 53 -12.55 16.48 -15.97
C ARG A 53 -11.77 15.57 -16.94
N GLN A 54 -10.44 15.73 -16.95
CA GLN A 54 -9.58 14.88 -17.80
C GLN A 54 -9.86 13.41 -17.42
N TYR A 55 -10.00 13.10 -16.12
CA TYR A 55 -10.25 11.74 -15.59
C TYR A 55 -11.71 11.71 -15.11
N ASP A 56 -12.37 10.57 -15.32
CA ASP A 56 -13.75 10.35 -14.78
C ASP A 56 -13.84 8.97 -14.08
N TYR A 57 -13.13 7.93 -14.56
CA TYR A 57 -13.33 6.52 -14.11
C TYR A 57 -12.01 5.75 -14.32
N THR A 58 -11.45 5.23 -13.24
CA THR A 58 -10.10 4.57 -13.21
C THR A 58 -10.04 3.42 -14.23
N ARG A 59 -11.11 2.66 -14.53
CA ARG A 59 -10.97 1.56 -15.52
C ARG A 59 -10.49 2.12 -16.88
N SER A 60 -10.93 3.35 -17.19
CA SER A 60 -10.81 3.98 -18.53
C SER A 60 -9.55 4.89 -18.57
N GLY A 61 -9.17 5.55 -17.48
CA GLY A 61 -7.99 6.46 -17.39
C GLY A 61 -7.75 6.81 -15.93
N ASN A 62 -6.49 6.80 -15.49
CA ASN A 62 -6.08 7.10 -14.10
C ASN A 62 -4.70 7.78 -14.19
N PRO A 63 -4.45 8.88 -13.49
CA PRO A 63 -3.15 9.53 -13.63
C PRO A 63 -1.90 8.72 -13.15
N THR A 64 -1.99 7.96 -12.06
CA THR A 64 -0.85 7.15 -11.67
C THR A 64 -0.52 6.13 -12.77
N ARG A 65 -1.51 5.44 -13.30
CA ARG A 65 -1.27 4.49 -14.41
C ARG A 65 -0.74 5.24 -15.63
N ASP A 66 -1.24 6.44 -15.93
CA ASP A 66 -0.82 7.18 -17.11
C ASP A 66 0.63 7.64 -16.95
N LEU A 67 1.10 7.90 -15.74
CA LEU A 67 2.53 8.26 -15.52
C LEU A 67 3.41 7.10 -16.00
N LEU A 68 3.09 5.90 -15.58
CA LEU A 68 3.87 4.75 -16.01
C LEU A 68 3.75 4.60 -17.54
N GLY A 69 2.55 4.58 -18.10
CA GLY A 69 2.34 4.61 -19.56
C GLY A 69 3.24 5.55 -20.28
N GLU A 70 3.24 6.81 -19.88
CA GLU A 70 4.05 7.83 -20.53
C GLU A 70 5.54 7.53 -20.36
N ALA A 71 6.03 7.13 -19.17
CA ALA A 71 7.44 6.80 -18.97
C ALA A 71 7.86 5.69 -19.96
N LEU A 72 7.09 4.60 -20.08
CA LEU A 72 7.47 3.49 -20.97
C LEU A 72 7.35 3.93 -22.41
N ALA A 73 6.41 4.80 -22.75
CA ALA A 73 6.30 5.30 -24.15
C ALA A 73 7.55 6.14 -24.47
N GLU A 74 7.96 7.01 -23.56
CA GLU A 74 9.15 7.84 -23.75
C GLU A 74 10.40 6.92 -23.91
N LEU A 75 10.59 5.90 -23.08
CA LEU A 75 11.75 4.96 -23.14
C LEU A 75 11.73 4.16 -24.47
N GLU A 76 10.57 3.68 -24.93
CA GLU A 76 10.45 2.88 -26.16
C GLU A 76 10.43 3.81 -27.40
N GLY A 77 10.18 5.10 -27.24
CA GLY A 77 10.10 6.05 -28.35
C GLY A 77 8.76 5.92 -29.03
N GLY A 78 7.67 5.74 -28.29
CA GLY A 78 6.37 5.55 -28.95
C GLY A 78 5.45 6.67 -28.65
N ALA A 79 4.25 6.63 -29.19
CA ALA A 79 3.32 7.76 -29.03
C ALA A 79 2.56 7.63 -27.69
N GLY A 80 2.38 6.46 -27.14
CA GLY A 80 1.81 6.36 -25.77
C GLY A 80 1.86 4.91 -25.34
N GLY A 81 1.49 4.67 -24.09
CA GLY A 81 1.52 3.32 -23.53
C GLY A 81 0.23 3.03 -22.85
N VAL A 82 -0.13 1.77 -22.83
CA VAL A 82 -1.27 1.27 -22.04
C VAL A 82 -0.68 0.27 -21.06
N ILE A 83 -1.15 0.33 -19.83
CA ILE A 83 -0.76 -0.55 -18.70
C ILE A 83 -1.88 -1.52 -18.38
N THR A 84 -1.56 -2.78 -18.36
CA THR A 84 -2.51 -3.91 -18.22
C THR A 84 -2.23 -4.58 -16.88
N SER A 85 -3.14 -5.43 -16.46
CA SER A 85 -2.99 -6.16 -15.17
C SER A 85 -1.90 -7.22 -15.20
N THR A 86 -1.55 -7.75 -16.38
CA THR A 86 -0.50 -8.77 -16.53
C THR A 86 0.15 -8.59 -17.89
N GLY A 87 1.27 -9.30 -18.09
CA GLY A 87 1.92 -9.30 -19.41
C GLY A 87 1.04 -10.07 -20.39
N MET A 88 0.53 -11.23 -19.97
CA MET A 88 -0.45 -11.99 -20.81
C MET A 88 -1.60 -11.09 -21.28
N GLY A 89 -2.04 -10.19 -20.41
CA GLY A 89 -3.08 -9.21 -20.71
C GLY A 89 -2.69 -8.27 -21.79
N ALA A 90 -1.45 -7.82 -21.78
CA ALA A 90 -0.91 -6.94 -22.83
C ALA A 90 -0.94 -7.66 -24.20
N ILE A 91 -0.60 -8.94 -24.25
CA ILE A 91 -0.62 -9.75 -25.50
C ILE A 91 -2.11 -9.87 -25.92
N ASN A 92 -2.94 -10.19 -24.95
CA ASN A 92 -4.43 -10.29 -25.10
C ASN A 92 -4.95 -9.00 -25.74
N LEU A 93 -4.56 -7.88 -25.22
CA LEU A 93 -5.00 -6.58 -25.70
C LEU A 93 -4.64 -6.45 -27.19
N VAL A 94 -3.38 -6.68 -27.55
CA VAL A 94 -2.95 -6.59 -28.97
C VAL A 94 -3.76 -7.53 -29.88
N LEU A 95 -4.03 -8.77 -29.48
CA LEU A 95 -4.79 -9.71 -30.34
C LEU A 95 -6.18 -9.18 -30.66
N ASN A 96 -6.85 -8.58 -29.66
CA ASN A 96 -8.23 -8.05 -29.73
C ASN A 96 -8.19 -6.74 -30.49
N ALA A 97 -7.18 -5.89 -30.31
CA ALA A 97 -7.17 -4.60 -31.00
C ALA A 97 -6.90 -4.86 -32.50
N VAL A 98 -6.12 -5.86 -32.85
CA VAL A 98 -5.49 -5.89 -34.20
C VAL A 98 -6.19 -6.92 -35.06
N LEU A 99 -6.60 -8.08 -34.54
CA LEU A 99 -7.05 -9.21 -35.36
C LEU A 99 -8.57 -9.39 -35.33
N GLN A 100 -9.07 -9.97 -36.38
CA GLN A 100 -10.47 -10.47 -36.48
C GLN A 100 -10.48 -11.75 -37.31
N PRO A 101 -11.58 -12.53 -37.20
CA PRO A 101 -11.64 -13.86 -37.82
C PRO A 101 -11.32 -13.69 -39.30
N GLY A 102 -10.57 -14.63 -39.86
CA GLY A 102 -10.13 -14.43 -41.25
C GLY A 102 -8.71 -13.93 -41.29
N ASP A 103 -8.24 -13.21 -40.26
CA ASP A 103 -6.86 -12.67 -40.27
C ASP A 103 -5.93 -13.81 -39.86
N THR A 104 -4.66 -13.69 -40.27
CA THR A 104 -3.65 -14.63 -39.75
C THR A 104 -2.57 -13.88 -38.96
N LEU A 105 -2.12 -14.57 -37.94
CA LEU A 105 -1.05 -14.17 -36.99
C LEU A 105 0.12 -15.11 -37.22
N VAL A 106 1.31 -14.54 -37.40
CA VAL A 106 2.57 -15.32 -37.44
C VAL A 106 3.24 -15.20 -36.08
N VAL A 107 3.54 -16.34 -35.48
CA VAL A 107 4.27 -16.34 -34.22
C VAL A 107 5.55 -17.16 -34.33
N PRO A 108 6.55 -16.87 -33.48
CA PRO A 108 7.79 -17.64 -33.47
C PRO A 108 7.52 -19.04 -32.94
N HIS A 109 8.20 -20.06 -33.46
CA HIS A 109 8.13 -21.48 -33.00
C HIS A 109 8.56 -21.60 -31.53
N ASP A 110 9.41 -20.74 -30.97
CA ASP A 110 9.93 -20.89 -29.57
C ASP A 110 9.37 -19.72 -28.71
N ALA A 111 8.23 -19.15 -29.07
CA ALA A 111 7.62 -18.07 -28.25
C ALA A 111 7.42 -18.58 -26.80
N TYR A 112 7.41 -17.66 -25.82
CA TYR A 112 6.94 -17.87 -24.43
C TYR A 112 5.76 -18.84 -24.40
N GLY A 113 5.78 -19.81 -23.50
CA GLY A 113 4.74 -20.87 -23.40
C GLY A 113 3.34 -20.31 -23.09
N GLY A 114 3.24 -19.20 -22.38
CA GLY A 114 1.94 -18.52 -22.10
C GLY A 114 1.38 -17.88 -23.35
N SER A 115 2.27 -17.36 -24.17
CA SER A 115 1.88 -16.73 -25.45
C SER A 115 1.30 -17.85 -26.32
N TRP A 116 2.00 -18.97 -26.41
CA TRP A 116 1.58 -20.15 -27.18
C TRP A 116 0.22 -20.68 -26.69
N ARG A 117 0.01 -20.78 -25.39
CA ARG A 117 -1.26 -21.32 -24.80
C ARG A 117 -2.43 -20.42 -25.29
N LEU A 118 -2.23 -19.12 -25.21
CA LEU A 118 -3.25 -18.11 -25.58
C LEU A 118 -3.46 -18.17 -27.08
N PHE A 119 -2.40 -18.17 -27.89
CA PHE A 119 -2.55 -18.25 -29.36
C PHE A 119 -3.34 -19.51 -29.73
N ASN A 120 -3.02 -20.68 -29.16
CA ASN A 120 -3.67 -21.94 -29.56
C ASN A 120 -5.15 -21.91 -29.16
N ALA A 121 -5.48 -21.47 -27.92
CA ALA A 121 -6.87 -21.42 -27.42
C ALA A 121 -7.74 -20.52 -28.30
N LEU A 122 -7.28 -19.31 -28.60
CA LEU A 122 -8.07 -18.39 -29.43
C LEU A 122 -8.10 -18.85 -30.90
N ALA A 123 -7.03 -19.44 -31.44
CA ALA A 123 -7.05 -19.93 -32.83
C ALA A 123 -8.06 -21.08 -32.94
N LYS A 124 -8.02 -22.01 -31.98
CA LYS A 124 -8.86 -23.23 -31.91
C LYS A 124 -10.32 -22.79 -31.90
N LYS A 125 -10.64 -21.60 -31.39
CA LYS A 125 -12.04 -21.10 -31.49
C LYS A 125 -12.27 -20.32 -32.78
N GLY A 126 -11.28 -20.01 -33.58
CA GLY A 126 -11.51 -19.32 -34.86
C GLY A 126 -11.44 -17.81 -34.72
N HIS A 127 -10.78 -17.25 -33.72
CA HIS A 127 -10.66 -15.78 -33.64
C HIS A 127 -9.74 -15.29 -34.75
N PHE A 128 -8.79 -16.12 -35.17
CA PHE A 128 -7.80 -15.86 -36.26
C PHE A 128 -7.12 -17.17 -36.63
N ALA A 129 -6.35 -17.21 -37.70
CA ALA A 129 -5.88 -18.50 -38.24
C ALA A 129 -4.59 -19.00 -37.57
N LEU A 130 -3.57 -18.20 -37.33
CA LEU A 130 -2.29 -18.81 -36.75
C LEU A 130 -1.32 -19.54 -37.71
N ILE A 131 -0.09 -19.05 -37.85
CA ILE A 131 1.06 -19.74 -38.52
C ILE A 131 2.29 -19.67 -37.64
N THR A 132 2.92 -20.80 -37.35
CA THR A 132 4.16 -20.80 -36.53
C THR A 132 5.33 -20.90 -37.50
N ALA A 133 6.34 -20.06 -37.34
CA ALA A 133 7.50 -19.97 -38.22
C ALA A 133 8.76 -19.80 -37.35
N ASP A 134 9.90 -20.21 -37.93
CA ASP A 134 11.21 -19.96 -37.34
C ASP A 134 11.65 -18.65 -37.98
N LEU A 135 11.53 -17.57 -37.26
CA LEU A 135 11.80 -16.24 -37.86
C LEU A 135 13.29 -16.06 -38.10
N THR A 136 14.18 -16.91 -37.59
CA THR A 136 15.66 -16.80 -37.86
C THR A 136 16.03 -17.52 -39.18
N VAL A 137 15.13 -18.28 -39.81
CA VAL A 137 15.37 -19.05 -41.06
C VAL A 137 14.62 -18.36 -42.20
N PRO A 138 15.30 -17.68 -43.16
CA PRO A 138 14.60 -16.82 -44.16
C PRO A 138 13.48 -17.47 -44.98
N ARG A 139 13.59 -18.78 -45.20
CA ARG A 139 12.65 -19.61 -45.98
C ARG A 139 11.37 -19.71 -45.14
N SER A 140 11.47 -20.06 -43.85
CA SER A 140 10.33 -20.24 -42.90
C SER A 140 9.60 -18.89 -42.79
N LEU A 141 10.34 -17.78 -42.73
CA LEU A 141 9.76 -16.43 -42.70
C LEU A 141 9.06 -16.13 -44.02
N ALA A 142 9.74 -16.31 -45.17
CA ALA A 142 9.20 -15.97 -46.51
C ALA A 142 7.88 -16.75 -46.76
N ASP A 143 7.78 -18.03 -46.35
CA ASP A 143 6.59 -18.90 -46.49
C ASP A 143 5.46 -18.37 -45.59
N ALA A 144 5.74 -17.96 -44.34
CA ALA A 144 4.67 -17.33 -43.53
C ALA A 144 4.23 -16.00 -44.15
N LEU A 145 5.15 -15.14 -44.53
CA LEU A 145 4.73 -13.82 -45.07
C LEU A 145 3.98 -13.96 -46.40
N ALA A 146 4.14 -15.06 -47.16
CA ALA A 146 3.51 -15.18 -48.50
C ALA A 146 2.00 -15.43 -48.32
N GLN A 147 1.58 -15.85 -47.12
CA GLN A 147 0.16 -16.09 -46.73
C GLN A 147 -0.53 -14.81 -46.24
N SER A 148 0.06 -13.65 -46.47
CA SER A 148 -0.51 -12.31 -46.22
C SER A 148 -1.00 -12.13 -44.77
N PRO A 149 -0.17 -12.31 -43.72
CA PRO A 149 -0.65 -12.20 -42.33
C PRO A 149 -1.00 -10.76 -41.93
N LYS A 150 -1.92 -10.59 -40.97
CA LYS A 150 -2.23 -9.21 -40.55
C LYS A 150 -1.15 -8.75 -39.58
N LEU A 151 -0.59 -9.68 -38.78
CA LEU A 151 0.27 -9.35 -37.62
C LEU A 151 1.37 -10.39 -37.54
N VAL A 152 2.57 -9.94 -37.22
CA VAL A 152 3.75 -10.81 -36.94
C VAL A 152 4.27 -10.46 -35.57
N LEU A 153 4.37 -11.48 -34.72
CA LEU A 153 4.94 -11.40 -33.36
C LEU A 153 6.43 -11.78 -33.38
N ILE A 154 7.30 -10.93 -32.84
CA ILE A 154 8.74 -11.25 -32.65
C ILE A 154 9.02 -11.31 -31.15
N GLU A 155 9.71 -12.34 -30.72
CA GLU A 155 10.24 -12.42 -29.34
C GLU A 155 11.75 -12.65 -29.34
N THR A 156 12.52 -11.65 -29.00
CA THR A 156 14.00 -11.73 -29.05
C THR A 156 14.64 -11.01 -27.90
N PRO A 157 15.58 -11.65 -27.21
CA PRO A 157 15.90 -13.05 -27.40
C PRO A 157 14.83 -14.01 -26.89
N SER A 158 14.90 -15.25 -27.30
CA SER A 158 13.97 -16.33 -26.94
C SER A 158 14.40 -16.92 -25.59
N ASN A 159 13.50 -17.66 -24.96
CA ASN A 159 13.67 -18.18 -23.59
C ASN A 159 13.37 -19.65 -23.66
N PRO A 160 14.20 -20.63 -23.34
CA PRO A 160 15.45 -20.39 -22.65
C PRO A 160 16.78 -20.51 -23.44
N LEU A 161 16.75 -20.67 -24.77
CA LEU A 161 18.01 -20.87 -25.57
C LEU A 161 18.57 -19.55 -26.14
N LEU A 162 17.95 -18.39 -25.92
CA LEU A 162 18.51 -17.05 -26.25
C LEU A 162 18.78 -16.96 -27.77
N ARG A 163 17.86 -17.46 -28.59
CA ARG A 163 17.85 -17.23 -30.06
C ARG A 163 17.52 -15.78 -30.35
N ILE A 164 18.25 -15.23 -31.28
CA ILE A 164 18.17 -13.81 -31.65
C ILE A 164 17.45 -13.71 -32.99
N THR A 165 16.43 -12.89 -33.06
CA THR A 165 15.81 -12.62 -34.35
C THR A 165 16.21 -11.24 -34.78
N ASP A 166 16.43 -11.15 -36.08
CA ASP A 166 16.92 -9.90 -36.71
C ASP A 166 15.73 -8.98 -36.85
N LEU A 167 15.63 -8.00 -35.93
CA LEU A 167 14.48 -7.10 -35.87
C LEU A 167 14.34 -6.37 -37.23
N ARG A 168 15.35 -5.66 -37.69
CA ARG A 168 15.21 -4.86 -38.93
C ARG A 168 14.77 -5.74 -40.10
N PHE A 169 15.40 -6.91 -40.26
CA PHE A 169 15.11 -7.86 -41.35
C PHE A 169 13.64 -8.29 -41.32
N VAL A 170 13.14 -8.76 -40.17
CA VAL A 170 11.72 -9.25 -40.08
C VAL A 170 10.73 -8.09 -40.21
N ILE A 171 11.03 -6.97 -39.62
CA ILE A 171 10.09 -5.83 -39.70
C ILE A 171 9.96 -5.39 -41.18
N GLU A 172 11.07 -5.18 -41.87
CA GLU A 172 11.04 -4.74 -43.29
C GLU A 172 10.23 -5.74 -44.11
N ALA A 173 10.42 -7.04 -43.91
CA ALA A 173 9.78 -8.07 -44.75
C ALA A 173 8.27 -8.10 -44.42
N ALA A 174 7.90 -7.96 -43.13
CA ALA A 174 6.49 -7.82 -42.72
C ALA A 174 5.87 -6.58 -43.38
N LYS A 175 6.52 -5.42 -43.35
CA LYS A 175 5.99 -4.20 -43.98
C LYS A 175 5.79 -4.43 -45.51
N LYS A 176 6.69 -5.11 -46.22
CA LYS A 176 6.58 -5.37 -47.70
C LYS A 176 5.24 -6.04 -47.95
N VAL A 177 4.75 -6.95 -47.09
CA VAL A 177 3.45 -7.62 -47.36
C VAL A 177 2.33 -6.97 -46.56
N GLY A 178 2.46 -5.75 -46.03
CA GLY A 178 1.33 -5.06 -45.39
C GLY A 178 1.05 -5.54 -43.95
N ALA A 179 1.89 -6.36 -43.33
CA ALA A 179 1.64 -6.88 -41.94
C ALA A 179 2.14 -5.87 -40.90
N LEU A 180 1.41 -5.71 -39.79
CA LEU A 180 1.91 -5.02 -38.57
C LEU A 180 2.88 -5.94 -37.85
N THR A 181 3.84 -5.37 -37.12
CA THR A 181 4.71 -6.17 -36.23
C THR A 181 4.55 -5.78 -34.75
N VAL A 182 4.61 -6.77 -33.89
CA VAL A 182 4.59 -6.56 -32.45
C VAL A 182 5.79 -7.29 -31.87
N VAL A 183 6.59 -6.57 -31.09
CA VAL A 183 7.77 -7.18 -30.45
C VAL A 183 7.52 -7.29 -28.92
N ASP A 184 7.67 -8.51 -28.43
CA ASP A 184 7.72 -8.81 -27.00
C ASP A 184 9.16 -8.56 -26.55
N ASN A 185 9.37 -7.42 -25.90
CA ASN A 185 10.67 -6.87 -25.47
C ASN A 185 10.88 -7.11 -23.95
N THR A 186 10.17 -8.08 -23.38
CA THR A 186 10.27 -8.38 -21.93
C THR A 186 11.73 -8.61 -21.51
N PHE A 187 12.41 -9.52 -22.20
CA PHE A 187 13.70 -10.11 -21.76
C PHE A 187 14.77 -9.05 -21.58
N LEU A 188 14.80 -8.02 -22.40
CA LEU A 188 15.94 -7.08 -22.40
C LEU A 188 15.48 -5.76 -21.78
N SER A 189 14.18 -5.44 -21.82
CA SER A 189 13.63 -4.16 -21.33
C SER A 189 13.96 -3.05 -22.30
N PRO A 190 13.33 -1.87 -22.18
CA PRO A 190 13.66 -0.72 -23.04
C PRO A 190 15.10 -0.23 -22.88
N ALA A 191 15.72 -0.50 -21.72
CA ALA A 191 17.08 -0.03 -21.44
C ALA A 191 18.08 -0.76 -22.36
N LEU A 192 17.81 -1.98 -22.83
CA LEU A 192 18.81 -2.72 -23.63
C LEU A 192 18.36 -2.95 -25.10
N GLN A 193 17.10 -2.65 -25.48
CA GLN A 193 16.62 -2.93 -26.85
C GLN A 193 15.41 -2.08 -27.10
N LYS A 194 15.37 -1.47 -28.25
CA LYS A 194 14.34 -0.51 -28.62
C LYS A 194 13.78 -0.88 -29.99
N PRO A 195 12.88 -1.85 -30.06
CA PRO A 195 12.29 -2.28 -31.32
C PRO A 195 11.53 -1.26 -32.18
N LEU A 196 10.99 -0.19 -31.61
CA LEU A 196 10.37 0.87 -32.45
C LEU A 196 11.41 1.63 -33.25
N ASP A 197 12.69 1.65 -32.85
CA ASP A 197 13.77 2.30 -33.61
C ASP A 197 13.89 1.66 -35.01
N PHE A 198 13.62 0.36 -35.14
CA PHE A 198 13.76 -0.40 -36.40
C PHE A 198 12.41 -0.45 -37.16
N GLY A 199 11.38 0.23 -36.69
CA GLY A 199 10.13 0.39 -37.46
C GLY A 199 9.02 -0.47 -36.97
N ALA A 200 9.13 -1.19 -35.84
CA ALA A 200 8.01 -2.02 -35.36
C ALA A 200 6.79 -1.12 -35.08
N ASP A 201 5.57 -1.64 -35.20
CA ASP A 201 4.32 -0.90 -34.89
C ASP A 201 4.06 -0.88 -33.37
N LEU A 202 4.38 -1.96 -32.69
CA LEU A 202 4.00 -2.20 -31.27
C LEU A 202 5.17 -2.84 -30.56
N VAL A 203 5.38 -2.49 -29.29
CA VAL A 203 6.27 -3.27 -28.43
C VAL A 203 5.52 -3.47 -27.11
N LEU A 204 5.63 -4.68 -26.55
CA LEU A 204 4.95 -4.97 -25.29
C LEU A 204 5.90 -5.69 -24.34
N HIS A 205 5.58 -5.54 -23.06
CA HIS A 205 6.36 -6.07 -21.91
C HIS A 205 5.42 -6.73 -20.89
N SER A 206 5.90 -7.77 -20.25
CA SER A 206 5.56 -8.14 -18.87
C SER A 206 6.40 -7.22 -17.94
N THR A 207 5.79 -6.26 -17.23
CA THR A 207 6.52 -5.35 -16.30
C THR A 207 6.88 -6.15 -15.04
N THR A 208 6.34 -7.35 -14.94
CA THR A 208 6.57 -8.27 -13.80
C THR A 208 8.09 -8.54 -13.63
N1 LLP A 209 6.23 -12.50 -22.42
C2 LLP A 209 7.41 -12.94 -21.96
C2' LLP A 209 8.59 -12.98 -22.89
C3 LLP A 209 7.52 -13.36 -20.62
O3 LLP A 209 8.75 -13.70 -20.12
C4 LLP A 209 6.40 -13.32 -19.74
C4' LLP A 209 6.68 -13.65 -18.29
C5 LLP A 209 5.19 -12.87 -20.27
C6 LLP A 209 5.14 -12.53 -21.61
C5' LLP A 209 3.91 -12.91 -19.51
OP4 LLP A 209 3.73 -11.84 -18.55
P LLP A 209 2.94 -12.00 -17.16
OP1 LLP A 209 3.26 -10.69 -16.42
OP2 LLP A 209 3.52 -13.22 -16.51
OP3 LLP A 209 1.43 -12.12 -17.57
N LLP A 209 8.83 -8.40 -14.74
CA LLP A 209 10.19 -8.95 -14.83
CB LLP A 209 10.43 -9.78 -16.12
CG LLP A 209 9.33 -10.77 -16.58
CD LLP A 209 9.08 -11.97 -15.73
CE LLP A 209 7.95 -12.97 -16.18
NZ LLP A 209 7.84 -13.14 -17.65
C LLP A 209 11.14 -7.79 -14.52
O LLP A 209 11.04 -7.32 -13.38
N TYR A 210 11.96 -7.30 -15.49
CA TYR A 210 12.97 -6.31 -15.25
C TYR A 210 12.38 -4.94 -14.94
N ILE A 211 11.32 -4.48 -15.60
CA ILE A 211 10.88 -3.06 -15.43
C ILE A 211 10.55 -2.82 -13.94
N ASN A 212 9.77 -3.69 -13.32
CA ASN A 212 9.44 -3.59 -11.85
C ASN A 212 10.69 -3.97 -11.04
N GLY A 213 11.24 -5.14 -11.31
CA GLY A 213 12.56 -5.60 -10.83
C GLY A 213 12.53 -6.16 -9.43
N HIS A 214 11.41 -6.04 -8.71
CA HIS A 214 11.42 -6.41 -7.28
C HIS A 214 10.46 -7.54 -6.98
N SER A 215 9.98 -8.25 -7.99
CA SER A 215 9.21 -9.50 -7.78
C SER A 215 7.94 -9.28 -6.97
N ASP A 216 7.32 -8.09 -7.02
CA ASP A 216 6.18 -7.81 -6.11
C ASP A 216 5.01 -7.16 -6.90
N VAL A 217 5.10 -7.21 -8.21
CA VAL A 217 4.01 -6.75 -9.10
C VAL A 217 3.91 -7.67 -10.26
N VAL A 218 2.70 -8.06 -10.61
CA VAL A 218 2.49 -8.67 -11.92
C VAL A 218 1.81 -7.60 -12.76
N GLY A 219 2.30 -7.33 -13.98
CA GLY A 219 1.75 -6.26 -14.83
C GLY A 219 2.22 -6.38 -16.29
N GLY A 220 1.62 -5.60 -17.18
CA GLY A 220 2.10 -5.54 -18.57
C GLY A 220 2.02 -4.15 -19.11
N ALA A 221 2.49 -3.98 -20.35
CA ALA A 221 2.42 -2.70 -21.06
C ALA A 221 2.52 -2.97 -22.55
N VAL A 222 1.91 -2.06 -23.26
CA VAL A 222 1.90 -1.97 -24.72
C VAL A 222 2.21 -0.56 -25.12
N VAL A 223 3.22 -0.40 -25.96
CA VAL A 223 3.54 0.90 -26.52
C VAL A 223 3.38 0.77 -28.04
N ALA A 224 2.64 1.70 -28.63
CA ALA A 224 2.47 1.88 -30.07
C ALA A 224 3.31 3.05 -30.55
N ARG A 225 3.95 2.84 -31.72
CA ARG A 225 4.64 3.97 -32.44
C ARG A 225 3.61 5.02 -32.83
N ASP A 226 2.45 4.69 -33.43
CA ASP A 226 1.50 5.67 -34.05
C ASP A 226 0.43 6.05 -33.01
N ALA A 227 0.02 7.31 -32.94
CA ALA A 227 -1.00 7.82 -31.99
C ALA A 227 -2.36 7.18 -32.27
N GLU A 228 -2.68 6.87 -33.51
CA GLU A 228 -4.00 6.23 -33.85
C GLU A 228 -4.06 4.78 -33.34
N LEU A 229 -2.96 4.02 -33.45
CA LEU A 229 -2.98 2.65 -32.89
C LEU A 229 -3.01 2.72 -31.36
N HIS A 230 -2.30 3.66 -30.75
CA HIS A 230 -2.32 3.87 -29.28
C HIS A 230 -3.77 4.14 -28.82
N GLN A 231 -4.56 4.98 -29.50
CA GLN A 231 -5.96 5.31 -29.15
C GLN A 231 -6.82 4.06 -29.31
N GLN A 232 -6.52 3.20 -30.27
CA GLN A 232 -7.29 1.94 -30.41
C GLN A 232 -6.93 1.02 -29.27
N LEU A 233 -5.68 0.99 -28.79
CA LEU A 233 -5.32 0.08 -27.67
C LEU A 233 -6.01 0.59 -26.36
N VAL A 234 -6.07 1.91 -26.17
CA VAL A 234 -6.74 2.57 -25.03
C VAL A 234 -8.24 2.19 -25.06
N TRP A 235 -8.88 2.32 -26.24
CA TRP A 235 -10.32 1.96 -26.35
C TRP A 235 -10.52 0.48 -25.99
N TRP A 236 -9.69 -0.42 -26.49
CA TRP A 236 -9.93 -1.86 -26.26
C TRP A 236 -9.63 -2.20 -24.81
N ALA A 237 -8.58 -1.61 -24.25
CA ALA A 237 -8.16 -1.95 -22.90
C ALA A 237 -9.34 -1.61 -21.94
N ASN A 238 -9.97 -0.45 -22.14
CA ASN A 238 -11.14 0.00 -21.37
C ASN A 238 -12.29 -0.97 -21.64
N ALA A 239 -12.57 -1.28 -22.89
CA ALA A 239 -13.75 -2.11 -23.25
C ALA A 239 -13.62 -3.56 -22.76
N LEU A 240 -12.42 -4.14 -22.78
CA LEU A 240 -12.16 -5.52 -22.30
C LEU A 240 -11.88 -5.53 -20.79
N GLY A 241 -11.68 -4.41 -20.17
CA GLY A 241 -11.37 -4.43 -18.70
C GLY A 241 -10.02 -5.01 -18.34
N LEU A 242 -9.02 -4.78 -19.19
CA LEU A 242 -7.63 -5.28 -19.06
C LEU A 242 -6.71 -4.31 -18.32
N THR A 243 -7.12 -3.10 -17.97
CA THR A 243 -6.26 -2.10 -17.27
C THR A 243 -5.82 -2.55 -15.85
N GLY A 244 -4.63 -2.14 -15.45
CA GLY A 244 -3.98 -2.47 -14.19
C GLY A 244 -4.35 -1.55 -13.00
N SER A 245 -4.09 -2.05 -11.83
CA SER A 245 -4.23 -1.36 -10.55
C SER A 245 -3.27 -0.15 -10.52
N PRO A 246 -3.75 1.03 -10.09
CA PRO A 246 -2.90 2.17 -9.80
C PRO A 246 -1.84 1.89 -8.71
N PHE A 247 -2.11 1.04 -7.73
CA PHE A 247 -1.08 0.77 -6.74
C PHE A 247 0.12 0.07 -7.43
N ASP A 248 -0.17 -0.96 -8.20
CA ASP A 248 0.82 -1.70 -9.04
C ASP A 248 1.60 -0.76 -9.94
N ALA A 249 0.96 0.17 -10.59
CA ALA A 249 1.64 1.17 -11.41
C ALA A 249 2.60 2.02 -10.56
N PHE A 250 2.20 2.40 -9.35
CA PHE A 250 3.06 3.18 -8.41
C PHE A 250 4.32 2.32 -8.11
N LEU A 251 4.14 1.05 -7.73
CA LEU A 251 5.29 0.20 -7.42
C LEU A 251 6.15 -0.06 -8.69
N THR A 252 5.54 -0.15 -9.85
CA THR A 252 6.27 -0.42 -11.12
C THR A 252 7.12 0.79 -11.47
N LEU A 253 6.56 1.97 -11.34
CA LEU A 253 7.30 3.21 -11.60
C LEU A 253 8.42 3.39 -10.59
N ARG A 254 8.19 3.04 -9.33
CA ARG A 254 9.27 3.01 -8.35
C ARG A 254 10.42 2.13 -8.86
N GLY A 255 10.15 0.90 -9.27
CA GLY A 255 11.17 -0.03 -9.74
C GLY A 255 11.83 0.52 -10.97
N LEU A 256 11.08 1.12 -11.88
CA LEU A 256 11.64 1.62 -13.15
C LEU A 256 12.78 2.59 -12.83
N ARG A 257 12.65 3.39 -11.79
CA ARG A 257 13.67 4.44 -11.48
C ARG A 257 15.08 3.81 -11.31
N THR A 258 15.22 2.54 -10.88
CA THR A 258 16.52 1.92 -10.70
C THR A 258 16.87 0.96 -11.90
N LEU A 259 16.08 0.88 -12.98
CA LEU A 259 16.24 -0.16 -14.03
C LEU A 259 17.69 -0.11 -14.56
N ASP A 260 18.10 1.08 -14.88
CA ASP A 260 19.45 1.31 -15.44
C ASP A 260 20.56 0.95 -14.43
N ALA A 261 20.45 1.40 -13.17
CA ALA A 261 21.40 1.07 -12.11
C ALA A 261 21.43 -0.42 -11.89
N ARG A 262 20.28 -1.09 -11.91
CA ARG A 262 20.24 -2.56 -11.70
C ARG A 262 20.97 -3.27 -12.86
N LEU A 263 20.63 -2.96 -14.13
CA LEU A 263 21.13 -3.66 -15.33
C LEU A 263 22.65 -3.55 -15.39
N ARG A 264 23.25 -2.49 -14.91
CA ARG A 264 24.73 -2.41 -14.91
C ARG A 264 25.31 -3.51 -14.06
N VAL A 265 24.72 -3.76 -12.91
CA VAL A 265 25.23 -4.83 -12.05
C VAL A 265 24.84 -6.17 -12.64
N HIS A 266 23.56 -6.29 -13.08
CA HIS A 266 23.13 -7.60 -13.62
C HIS A 266 24.17 -8.06 -14.71
N GLN A 267 24.52 -7.15 -15.58
CA GLN A 267 25.36 -7.44 -16.76
C GLN A 267 26.81 -7.71 -16.34
N GLU A 268 27.36 -6.92 -15.42
CA GLU A 268 28.68 -7.24 -14.86
C GLU A 268 28.65 -8.66 -14.27
N ASN A 269 27.65 -9.06 -13.48
CA ASN A 269 27.56 -10.43 -12.92
C ASN A 269 27.41 -11.43 -14.07
N ALA A 270 26.58 -11.17 -15.06
CA ALA A 270 26.35 -12.16 -16.13
C ALA A 270 27.67 -12.45 -16.90
N ASP A 271 28.46 -11.44 -17.21
CA ASP A 271 29.76 -11.54 -17.95
C ASP A 271 30.70 -12.44 -17.15
N ALA A 272 30.73 -12.28 -15.83
CA ALA A 272 31.62 -13.09 -14.97
C ALA A 272 31.12 -14.51 -14.97
N ILE A 273 29.83 -14.74 -14.91
CA ILE A 273 29.29 -16.11 -14.81
C ILE A 273 29.45 -16.85 -16.14
N ALA A 274 29.22 -16.19 -17.26
CA ALA A 274 29.38 -16.78 -18.61
C ALA A 274 30.83 -17.24 -18.74
N GLU A 275 31.77 -16.47 -18.22
CA GLU A 275 33.20 -16.79 -18.35
C GLU A 275 33.55 -18.01 -17.48
N LEU A 276 32.97 -18.19 -16.29
CA LEU A 276 33.13 -19.42 -15.50
C LEU A 276 32.53 -20.60 -16.29
N LEU A 277 31.28 -20.47 -16.81
CA LEU A 277 30.57 -21.69 -17.31
C LEU A 277 31.14 -22.15 -18.68
N ASP A 278 31.53 -21.21 -19.53
CA ASP A 278 31.90 -21.48 -20.94
C ASP A 278 33.26 -22.21 -21.04
N GLY A 279 33.24 -23.46 -21.47
CA GLY A 279 34.42 -24.36 -21.50
C GLY A 279 34.72 -25.01 -20.14
N HIS A 280 33.91 -24.80 -19.08
CA HIS A 280 34.04 -25.53 -17.81
C HIS A 280 33.88 -27.01 -18.12
N ALA A 281 34.60 -27.84 -17.37
CA ALA A 281 34.61 -29.30 -17.58
C ALA A 281 33.20 -29.85 -17.38
N MET A 282 32.35 -29.31 -16.51
CA MET A 282 31.02 -29.89 -16.23
C MET A 282 29.92 -29.29 -17.12
N VAL A 283 30.28 -28.46 -18.08
CA VAL A 283 29.28 -27.71 -18.88
C VAL A 283 29.49 -28.06 -20.34
N ASN A 284 28.50 -28.59 -21.01
CA ASN A 284 28.63 -28.96 -22.44
C ASN A 284 28.31 -27.77 -23.35
N GLN A 285 27.49 -26.81 -22.95
CA GLN A 285 27.11 -25.68 -23.85
C GLN A 285 26.53 -24.54 -22.99
N VAL A 286 26.92 -23.30 -23.26
CA VAL A 286 26.28 -22.09 -22.72
C VAL A 286 25.50 -21.39 -23.82
N TYR A 287 24.28 -21.01 -23.50
CA TYR A 287 23.42 -20.18 -24.34
C TYR A 287 23.36 -18.78 -23.75
N PHE A 288 24.14 -17.89 -24.36
CA PHE A 288 24.33 -16.49 -23.92
C PHE A 288 24.83 -15.69 -25.08
N PRO A 289 24.11 -14.65 -25.50
CA PRO A 289 24.47 -13.90 -26.69
C PRO A 289 25.78 -13.11 -26.57
N GLY A 290 26.30 -12.94 -25.36
CA GLY A 290 27.60 -12.30 -25.15
C GLY A 290 28.75 -13.14 -25.69
N LEU A 291 28.59 -14.45 -25.77
CA LEU A 291 29.68 -15.29 -26.29
C LEU A 291 29.77 -15.13 -27.83
N ALA A 292 30.97 -15.00 -28.37
CA ALA A 292 31.24 -14.85 -29.84
C ALA A 292 30.81 -16.14 -30.54
N THR A 293 30.72 -17.26 -29.82
CA THR A 293 30.38 -18.56 -30.42
C THR A 293 28.85 -18.75 -30.49
N HIS A 294 28.06 -17.91 -29.82
CA HIS A 294 26.58 -18.08 -29.79
C HIS A 294 26.06 -17.62 -31.14
N PRO A 295 25.28 -18.44 -31.83
CA PRO A 295 24.51 -17.98 -33.00
C PRO A 295 23.58 -16.81 -32.67
N GLY A 296 23.79 -15.65 -33.27
CA GLY A 296 23.10 -14.40 -32.89
C GLY A 296 23.96 -13.40 -32.21
N HIS A 297 25.24 -13.75 -31.93
CA HIS A 297 26.09 -12.86 -31.14
C HIS A 297 26.19 -11.54 -31.87
N ALA A 298 26.54 -11.55 -33.15
CA ALA A 298 26.83 -10.29 -33.87
C ALA A 298 25.55 -9.47 -33.99
N LEU A 299 24.43 -10.13 -34.28
CA LEU A 299 23.11 -9.46 -34.32
C LEU A 299 22.77 -8.82 -32.95
N ALA A 300 23.03 -9.56 -31.88
CA ALA A 300 22.78 -9.07 -30.52
C ALA A 300 23.64 -7.85 -30.23
N ALA A 301 24.91 -7.83 -30.71
CA ALA A 301 25.85 -6.71 -30.44
C ALA A 301 25.34 -5.48 -31.20
N ARG A 302 24.62 -5.67 -32.31
CA ARG A 302 24.18 -4.57 -33.17
C ARG A 302 22.78 -4.05 -32.68
N GLN A 303 21.77 -4.89 -32.42
CA GLN A 303 20.40 -4.39 -32.18
C GLN A 303 20.11 -4.20 -30.65
N GLN A 304 20.99 -4.67 -29.79
CA GLN A 304 20.92 -4.54 -28.31
C GLN A 304 22.08 -3.66 -27.83
N LYS A 305 21.84 -2.95 -26.75
CA LYS A 305 22.82 -2.11 -26.05
C LYS A 305 23.63 -2.96 -25.05
N GLY A 306 23.20 -4.16 -24.73
CA GLY A 306 24.02 -5.04 -23.93
C GLY A 306 23.48 -6.42 -24.07
N PHE A 307 24.17 -7.41 -23.52
CA PHE A 307 23.84 -8.82 -23.80
C PHE A 307 22.87 -9.37 -22.77
N GLY A 308 22.53 -8.57 -21.78
CA GLY A 308 21.59 -8.99 -20.73
C GLY A 308 22.15 -9.85 -19.61
N ALA A 309 21.24 -10.44 -18.87
CA ALA A 309 21.67 -11.20 -17.70
C ALA A 309 20.89 -12.51 -17.60
N MET A 310 20.16 -12.86 -18.63
CA MET A 310 19.64 -14.26 -18.73
C MET A 310 20.65 -15.15 -19.50
N MET A 311 20.82 -16.39 -19.05
CA MET A 311 21.56 -17.39 -19.80
C MET A 311 21.09 -18.78 -19.35
N SER A 312 21.27 -19.74 -20.21
CA SER A 312 21.08 -21.15 -19.86
CA SER A 312 21.05 -21.16 -19.93
C SER A 312 22.35 -21.93 -20.21
N PHE A 313 22.49 -23.10 -19.62
CA PHE A 313 23.67 -23.94 -19.82
C PHE A 313 23.21 -25.39 -19.63
N GLU A 314 23.92 -26.27 -20.29
CA GLU A 314 23.75 -27.73 -20.22
C GLU A 314 24.79 -28.30 -19.29
N LEU A 315 24.31 -28.86 -18.21
CA LEU A 315 25.16 -29.53 -17.23
C LEU A 315 25.34 -30.97 -17.69
N GLU A 316 26.55 -31.45 -17.65
CA GLU A 316 26.88 -32.87 -17.89
C GLU A 316 26.33 -33.70 -16.74
N GLY A 317 25.81 -34.89 -17.01
CA GLY A 317 25.40 -35.88 -15.98
C GLY A 317 23.88 -36.02 -15.85
N GLY A 318 23.09 -35.40 -16.73
CA GLY A 318 21.61 -35.44 -16.69
C GLY A 318 21.02 -34.98 -15.36
N GLU A 319 19.85 -35.54 -15.10
CA GLU A 319 18.99 -35.22 -13.95
C GLU A 319 19.74 -35.47 -12.63
N ALA A 320 20.46 -36.54 -12.43
CA ALA A 320 21.16 -36.70 -11.14
C ALA A 320 22.15 -35.55 -10.93
N ALA A 321 22.87 -35.12 -11.97
CA ALA A 321 23.81 -33.97 -11.80
C ALA A 321 23.02 -32.68 -11.45
N VAL A 322 21.85 -32.46 -12.04
CA VAL A 322 21.02 -31.26 -11.84
C VAL A 322 20.54 -31.26 -10.38
N ARG A 323 20.06 -32.37 -9.86
CA ARG A 323 19.60 -32.46 -8.46
C ARG A 323 20.77 -32.13 -7.52
N ALA A 324 21.95 -32.69 -7.77
CA ALA A 324 23.08 -32.39 -6.86
C ALA A 324 23.47 -30.90 -7.02
N PHE A 325 23.52 -30.37 -8.25
CA PHE A 325 23.80 -28.93 -8.49
C PHE A 325 22.85 -28.07 -7.65
N VAL A 326 21.54 -28.23 -7.77
CA VAL A 326 20.58 -27.27 -7.12
C VAL A 326 20.49 -27.49 -5.61
N ASP A 327 20.85 -28.67 -5.12
CA ASP A 327 20.71 -29.03 -3.68
C ASP A 327 21.35 -27.95 -2.80
N GLY A 328 22.64 -27.82 -2.60
CA GLY A 328 22.92 -26.69 -1.63
C GLY A 328 23.05 -25.23 -2.15
N LEU A 329 22.30 -24.73 -3.15
CA LEU A 329 22.55 -23.34 -3.66
C LEU A 329 22.10 -22.33 -2.62
N ARG A 330 22.99 -21.45 -2.18
CA ARG A 330 22.68 -20.44 -1.16
C ARG A 330 22.18 -19.16 -1.82
N TYR A 331 22.56 -18.82 -3.06
CA TYR A 331 22.28 -17.44 -3.59
C TYR A 331 21.45 -17.43 -4.87
N PHE A 332 20.97 -18.60 -5.25
CA PHE A 332 20.09 -18.76 -6.41
C PHE A 332 18.87 -19.47 -5.86
N THR A 333 17.74 -18.82 -5.88
CA THR A 333 16.44 -19.40 -5.49
C THR A 333 15.87 -20.21 -6.65
N LEU A 334 15.46 -21.45 -6.39
CA LEU A 334 14.76 -22.29 -7.40
C LEU A 334 13.33 -21.82 -7.57
N ALA A 335 13.04 -21.19 -8.69
CA ALA A 335 11.75 -20.51 -8.90
C ALA A 335 11.60 -20.13 -10.34
N GLU A 336 10.36 -19.91 -10.72
CA GLU A 336 9.97 -19.36 -12.03
C GLU A 336 10.13 -17.82 -11.96
N SER A 337 9.88 -17.20 -13.08
CA SER A 337 9.99 -15.74 -13.32
C SER A 337 11.49 -15.37 -13.47
N LEU A 338 11.74 -14.09 -13.73
CA LEU A 338 13.11 -13.63 -13.99
C LEU A 338 13.12 -12.13 -13.81
N GLY A 339 14.29 -11.52 -13.83
CA GLY A 339 14.39 -10.05 -13.92
C GLY A 339 14.28 -9.34 -12.60
N GLY A 340 14.32 -10.08 -11.51
CA GLY A 340 14.36 -9.48 -10.15
C GLY A 340 15.81 -9.24 -9.73
N VAL A 341 15.96 -8.49 -8.66
CA VAL A 341 17.26 -8.15 -8.06
C VAL A 341 17.90 -9.39 -7.46
N GLU A 342 17.15 -10.40 -7.15
CA GLU A 342 17.67 -11.69 -6.56
C GLU A 342 17.86 -12.74 -7.67
N SER A 343 19.00 -13.45 -7.63
CA SER A 343 19.33 -14.51 -8.59
C SER A 343 18.34 -15.67 -8.37
N LEU A 344 17.89 -16.20 -9.48
CA LEU A 344 17.00 -17.36 -9.64
C LEU A 344 17.63 -18.38 -10.58
N ILE A 345 17.23 -19.62 -10.38
CA ILE A 345 17.52 -20.76 -11.25
C ILE A 345 16.20 -21.48 -11.48
N ALA A 346 16.07 -21.96 -12.67
CA ALA A 346 14.95 -22.80 -13.12
C ALA A 346 15.55 -23.97 -13.92
N HIS A 347 14.84 -25.08 -13.93
CA HIS A 347 15.19 -26.30 -14.72
C HIS A 347 14.04 -26.46 -15.69
N PRO A 348 14.16 -26.04 -16.95
CA PRO A 348 13.03 -26.08 -17.88
C PRO A 348 12.33 -27.45 -17.94
N ALA A 349 13.02 -28.58 -18.04
CA ALA A 349 12.33 -29.90 -18.16
C ALA A 349 11.33 -30.16 -17.00
N SER A 350 11.62 -29.82 -15.74
CA SER A 350 10.66 -29.99 -14.61
C SER A 350 9.87 -28.72 -14.25
N MET A 351 10.00 -27.60 -14.95
CA MET A 351 9.44 -26.31 -14.44
C MET A 351 8.72 -25.60 -15.61
N THR A 352 9.40 -24.77 -16.36
CA THR A 352 8.83 -23.98 -17.48
C THR A 352 8.27 -24.84 -18.63
N HIS A 353 8.78 -26.02 -18.90
CA HIS A 353 8.45 -26.85 -20.10
C HIS A 353 7.97 -28.23 -19.68
N ALA A 354 7.56 -28.38 -18.42
CA ALA A 354 7.20 -29.68 -17.78
C ALA A 354 5.92 -30.24 -18.44
N ALA A 355 4.98 -29.34 -18.80
CA ALA A 355 3.75 -29.57 -19.62
C ALA A 355 4.11 -30.34 -20.90
N MET A 356 5.06 -29.87 -21.68
CA MET A 356 5.52 -30.52 -22.93
C MET A 356 5.75 -32.00 -22.64
N THR A 357 5.92 -32.82 -23.68
CA THR A 357 6.39 -34.23 -23.64
C THR A 357 7.90 -34.31 -23.88
N ALA A 358 8.54 -35.47 -23.62
CA ALA A 358 10.01 -35.68 -23.72
C ALA A 358 10.46 -35.49 -25.17
N GLU A 359 9.66 -35.99 -26.14
CA GLU A 359 9.95 -35.87 -27.60
C GLU A 359 9.78 -34.42 -28.04
N ALA A 360 8.73 -33.70 -27.61
CA ALA A 360 8.46 -32.26 -27.91
C ALA A 360 9.61 -31.38 -27.36
N ARG A 361 10.10 -31.68 -26.15
CA ARG A 361 11.26 -31.02 -25.49
C ARG A 361 12.55 -31.34 -26.24
N ALA A 362 12.76 -32.58 -26.64
CA ALA A 362 13.90 -32.98 -27.50
C ALA A 362 13.83 -32.21 -28.82
N ALA A 363 12.62 -32.00 -29.35
CA ALA A 363 12.42 -31.33 -30.65
C ALA A 363 12.81 -29.85 -30.49
N ALA A 364 12.54 -29.25 -29.33
CA ALA A 364 12.74 -27.81 -29.09
C ALA A 364 14.18 -27.58 -28.65
N GLY A 365 15.01 -28.63 -28.49
CA GLY A 365 16.41 -28.53 -28.05
C GLY A 365 16.53 -28.32 -26.54
N ILE A 366 15.55 -28.73 -25.75
CA ILE A 366 15.52 -28.56 -24.28
C ILE A 366 15.98 -29.89 -23.64
N SER A 367 17.23 -30.02 -23.24
CA SER A 367 17.61 -31.24 -22.54
C SER A 367 17.26 -31.21 -21.05
N ASP A 368 17.28 -32.39 -20.45
CA ASP A 368 17.22 -32.69 -19.00
C ASP A 368 18.38 -32.05 -18.22
N GLY A 369 19.50 -31.81 -18.87
CA GLY A 369 20.66 -31.11 -18.29
C GLY A 369 20.57 -29.58 -18.34
N LEU A 370 19.60 -28.99 -19.01
CA LEU A 370 19.54 -27.53 -19.20
C LEU A 370 19.09 -26.84 -17.93
N LEU A 371 19.88 -25.87 -17.45
CA LEU A 371 19.50 -24.97 -16.34
C LEU A 371 19.47 -23.55 -16.90
N ARG A 372 18.48 -22.78 -16.47
CA ARG A 372 18.37 -21.35 -16.82
C ARG A 372 18.67 -20.48 -15.58
N LEU A 373 19.55 -19.49 -15.76
CA LEU A 373 19.87 -18.51 -14.71
C LEU A 373 19.22 -17.19 -15.06
N SER A 374 18.57 -16.60 -14.06
CA SER A 374 18.26 -15.14 -13.99
C SER A 374 19.24 -14.56 -13.01
N ILE A 375 20.26 -13.92 -13.54
CA ILE A 375 21.37 -13.41 -12.70
C ILE A 375 20.94 -12.07 -12.10
N GLY A 376 20.95 -12.00 -10.78
CA GLY A 376 20.59 -10.79 -10.03
C GLY A 376 21.78 -9.87 -9.77
N ILE A 377 21.68 -9.06 -8.72
CA ILE A 377 22.61 -7.94 -8.43
C ILE A 377 23.38 -8.17 -7.14
N GLU A 378 23.48 -9.40 -6.71
CA GLU A 378 24.37 -9.75 -5.58
C GLU A 378 25.84 -9.60 -6.03
N SER A 379 26.81 -9.65 -5.13
CA SER A 379 28.25 -9.51 -5.53
CA SER A 379 28.26 -9.52 -5.50
C SER A 379 28.67 -10.72 -6.38
N ALA A 380 29.34 -10.46 -7.49
CA ALA A 380 29.76 -11.54 -8.40
C ALA A 380 30.46 -12.66 -7.63
N GLU A 381 31.31 -12.31 -6.70
CA GLU A 381 32.14 -13.34 -6.07
C GLU A 381 31.25 -14.35 -5.30
N ASP A 382 30.18 -13.91 -4.67
CA ASP A 382 29.28 -14.81 -3.94
C ASP A 382 28.58 -15.69 -4.99
N LEU A 383 28.10 -15.11 -6.08
CA LEU A 383 27.42 -15.95 -7.09
C LEU A 383 28.41 -17.00 -7.70
N LEU A 384 29.66 -16.63 -7.94
CA LEU A 384 30.65 -17.57 -8.55
C LEU A 384 31.00 -18.68 -7.56
N ILE A 385 31.12 -18.34 -6.29
CA ILE A 385 31.47 -19.35 -5.27
C ILE A 385 30.33 -20.36 -5.25
N ASP A 386 29.08 -19.86 -5.25
CA ASP A 386 27.88 -20.70 -5.18
C ASP A 386 27.86 -21.61 -6.41
N LEU A 387 28.07 -21.08 -7.61
CA LEU A 387 28.01 -21.92 -8.83
C LEU A 387 29.15 -22.94 -8.92
N ARG A 388 30.35 -22.55 -8.55
CA ARG A 388 31.54 -23.47 -8.45
C ARG A 388 31.26 -24.63 -7.51
N ALA A 389 30.63 -24.39 -6.35
CA ALA A 389 30.28 -25.47 -5.42
C ALA A 389 29.14 -26.33 -6.04
N GLY A 390 28.18 -25.76 -6.80
CA GLY A 390 27.17 -26.61 -7.49
C GLY A 390 27.84 -27.50 -8.55
N LEU A 391 28.76 -26.95 -9.30
CA LEU A 391 29.51 -27.74 -10.31
C LEU A 391 30.28 -28.90 -9.63
N SER A 392 30.93 -28.72 -8.48
CA SER A 392 31.60 -29.87 -7.74
C SER A 392 30.56 -30.88 -7.32
N ARG A 393 29.43 -30.46 -6.78
CA ARG A 393 28.41 -31.44 -6.38
C ARG A 393 27.95 -32.22 -7.62
N ALA A 394 27.75 -31.59 -8.77
CA ALA A 394 27.33 -32.30 -10.00
C ALA A 394 28.43 -33.30 -10.41
N GLU A 395 29.67 -32.86 -10.37
CA GLU A 395 30.81 -33.69 -10.77
C GLU A 395 30.94 -34.96 -9.88
N ALA A 396 30.61 -34.90 -8.58
CA ALA A 396 30.65 -36.02 -7.61
C ALA A 396 29.65 -37.09 -8.02
N THR A 397 28.52 -36.73 -8.63
CA THR A 397 27.62 -37.60 -9.43
C THR A 397 28.51 -38.21 -10.54
N LEU A 398 28.10 -39.08 -11.46
CA LEU A 398 29.01 -39.43 -12.64
C LEU A 398 29.70 -40.80 -12.47
N PRO B 13 31.41 -14.37 6.04
CA PRO B 13 30.04 -14.54 5.50
C PRO B 13 29.96 -14.43 3.95
N CYS B 14 28.91 -13.72 3.48
CA CYS B 14 28.61 -13.13 2.14
C CYS B 14 28.94 -11.62 2.18
N THR B 15 29.04 -10.89 1.05
CA THR B 15 29.22 -9.41 1.08
C THR B 15 27.93 -8.64 1.56
N ALA B 16 28.11 -7.33 1.79
CA ALA B 16 27.05 -6.35 2.15
C ALA B 16 26.02 -6.24 1.01
N ALA B 17 26.47 -6.16 -0.26
CA ALA B 17 25.56 -6.09 -1.42
C ALA B 17 24.72 -7.38 -1.38
N THR B 18 25.36 -8.54 -1.26
CA THR B 18 24.61 -9.80 -1.30
C THR B 18 23.56 -9.82 -0.18
N ALA B 19 23.95 -9.43 1.03
CA ALA B 19 23.07 -9.50 2.24
C ALA B 19 21.87 -8.54 2.10
N ALA B 20 22.09 -7.34 1.55
CA ALA B 20 21.03 -6.33 1.32
C ALA B 20 20.06 -6.84 0.23
N VAL B 21 20.64 -7.38 -0.86
CA VAL B 21 19.84 -7.79 -2.01
C VAL B 21 18.96 -8.93 -1.61
N ARG B 22 19.48 -9.87 -0.81
CA ARG B 22 18.80 -11.15 -0.39
C ARG B 22 18.15 -11.01 0.99
N ALA B 23 17.91 -9.80 1.49
CA ALA B 23 17.39 -9.65 2.88
C ALA B 23 15.90 -10.08 2.99
N GLY B 24 15.15 -10.21 1.90
CA GLY B 24 13.76 -10.72 1.91
C GLY B 24 13.60 -12.22 1.56
N ILE B 25 14.51 -12.79 0.75
CA ILE B 25 14.15 -13.87 -0.17
C ILE B 25 14.15 -15.18 0.58
N ASP B 26 13.21 -16.09 0.35
CA ASP B 26 13.19 -17.41 1.09
C ASP B 26 13.08 -17.19 2.61
N ARG B 27 12.17 -16.37 3.05
CA ARG B 27 11.93 -16.09 4.50
C ARG B 27 10.45 -16.43 4.82
N ASP B 28 9.65 -16.89 3.86
CA ASP B 28 8.18 -17.03 4.03
C ASP B 28 7.88 -18.49 4.24
N THR B 29 7.59 -18.89 5.49
CA THR B 29 7.22 -20.29 5.81
C THR B 29 5.79 -20.57 5.30
N ALA B 30 4.94 -19.59 5.07
CA ALA B 30 3.52 -19.87 4.73
C ALA B 30 3.46 -20.35 3.28
N TYR B 31 4.07 -19.64 2.33
CA TYR B 31 3.79 -19.93 0.90
C TYR B 31 5.08 -20.13 0.09
N GLY B 32 6.26 -19.94 0.70
CA GLY B 32 7.54 -19.88 -0.02
C GLY B 32 7.63 -18.64 -0.94
N ALA B 33 6.85 -17.57 -0.67
CA ALA B 33 6.86 -16.31 -1.42
C ALA B 33 8.32 -15.86 -1.47
N VAL B 34 8.78 -15.44 -2.64
CA VAL B 34 10.16 -14.93 -2.81
C VAL B 34 10.27 -13.58 -2.06
N THR B 35 9.31 -12.70 -2.19
CA THR B 35 9.31 -11.42 -1.47
C THR B 35 8.39 -11.58 -0.25
N PRO B 36 8.84 -11.24 0.96
CA PRO B 36 8.10 -11.52 2.20
C PRO B 36 6.76 -10.77 2.26
N PRO B 37 5.70 -11.44 2.71
CA PRO B 37 4.38 -10.82 2.89
C PRO B 37 4.39 -9.62 3.84
N ILE B 38 3.60 -8.58 3.56
CA ILE B 38 3.49 -7.37 4.41
C ILE B 38 2.56 -7.69 5.59
N VAL B 39 3.12 -7.75 6.78
CA VAL B 39 2.30 -8.04 7.98
C VAL B 39 1.85 -6.71 8.58
N LEU B 40 0.72 -6.24 8.12
CA LEU B 40 0.08 -5.01 8.64
C LEU B 40 -0.56 -5.21 10.03
N SER B 41 -0.95 -6.43 10.38
CA SER B 41 -1.81 -6.78 11.53
C SER B 41 -1.31 -6.06 12.77
N SER B 42 -2.17 -5.36 13.51
CA SER B 42 -1.82 -4.70 14.79
C SER B 42 -1.61 -5.80 15.84
N ASN B 43 -2.40 -6.91 15.76
CA ASN B 43 -2.40 -7.96 16.80
C ASN B 43 -2.21 -9.36 16.16
N PHE B 44 -1.86 -10.28 17.03
CA PHE B 44 -1.55 -11.72 16.82
C PHE B 44 -2.28 -12.52 17.92
N SER B 45 -2.90 -13.64 17.52
CA SER B 45 -3.59 -14.58 18.40
C SER B 45 -2.56 -15.25 19.30
N PHE B 46 -3.00 -15.51 20.51
CA PHE B 46 -2.41 -16.54 21.40
C PHE B 46 -2.60 -17.93 20.79
N ASP B 47 -1.65 -18.83 21.06
CA ASP B 47 -1.61 -20.13 20.34
C ASP B 47 -2.69 -21.04 20.94
N GLY B 48 -2.87 -21.08 22.22
CA GLY B 48 -4.22 -21.22 22.84
C GLY B 48 -4.16 -20.62 24.23
N PHE B 49 -5.04 -20.91 25.16
CA PHE B 49 -4.95 -20.31 26.51
C PHE B 49 -3.49 -20.31 27.06
N GLY B 50 -2.98 -19.12 27.47
CA GLY B 50 -1.69 -18.93 28.17
C GLY B 50 -0.44 -19.05 27.28
N ASN B 51 -0.52 -19.09 25.94
CA ASN B 51 0.62 -19.39 25.01
C ASN B 51 0.75 -18.25 24.00
N LYS B 52 1.41 -17.18 24.44
CA LYS B 52 1.79 -16.05 23.59
C LYS B 52 2.69 -16.64 22.49
N ARG B 53 2.49 -16.22 21.24
CA ARG B 53 3.41 -16.58 20.14
C ARG B 53 4.64 -15.66 20.19
N GLN B 54 5.46 -15.75 19.15
CA GLN B 54 6.62 -14.89 19.05
C GLN B 54 6.14 -13.41 19.02
N TYR B 55 5.10 -13.07 18.27
CA TYR B 55 4.53 -11.72 18.14
C TYR B 55 3.18 -11.70 18.85
N ASP B 56 2.84 -10.57 19.50
CA ASP B 56 1.49 -10.37 20.12
C ASP B 56 0.89 -9.01 19.67
N TYR B 57 1.72 -7.98 19.48
CA TYR B 57 1.22 -6.57 19.28
C TYR B 57 2.25 -5.77 18.48
N THR B 58 1.84 -5.17 17.35
CA THR B 58 2.81 -4.57 16.44
C THR B 58 3.59 -3.41 17.11
N ARG B 59 3.07 -2.73 18.11
CA ARG B 59 3.81 -1.59 18.67
C ARG B 59 5.12 -2.17 19.25
N SER B 60 5.07 -3.40 19.84
CA SER B 60 6.23 -3.95 20.59
CA SER B 60 6.20 -3.99 20.61
C SER B 60 7.15 -4.73 19.63
N GLY B 61 6.59 -5.48 18.67
CA GLY B 61 7.29 -6.37 17.70
C GLY B 61 6.40 -6.67 16.48
N ASN B 62 6.96 -6.67 15.27
CA ASN B 62 6.23 -6.95 14.01
C ASN B 62 7.24 -7.56 13.06
N PRO B 63 6.92 -8.71 12.40
CA PRO B 63 7.91 -9.41 11.58
C PRO B 63 8.40 -8.64 10.35
N THR B 64 7.54 -7.87 9.73
CA THR B 64 7.97 -7.05 8.55
C THR B 64 8.97 -5.98 9.04
N ARG B 65 8.69 -5.35 10.16
CA ARG B 65 9.62 -4.35 10.74
C ARG B 65 10.98 -5.03 11.14
N ASP B 66 10.93 -6.20 11.79
CA ASP B 66 12.10 -6.90 12.30
C ASP B 66 12.92 -7.36 11.12
N LEU B 67 12.36 -7.75 9.99
CA LEU B 67 13.24 -8.09 8.84
C LEU B 67 14.13 -6.89 8.47
N LEU B 68 13.59 -5.67 8.52
CA LEU B 68 14.43 -4.53 8.17
C LEU B 68 15.43 -4.31 9.28
N GLY B 69 14.99 -4.33 10.52
CA GLY B 69 15.95 -4.28 11.64
C GLY B 69 17.13 -5.23 11.54
N GLU B 70 16.82 -6.47 11.26
CA GLU B 70 17.82 -7.51 11.09
C GLU B 70 18.68 -7.19 9.87
N ALA B 71 18.11 -6.79 8.74
CA ALA B 71 18.99 -6.50 7.58
C ALA B 71 19.92 -5.34 7.97
N LEU B 72 19.42 -4.27 8.63
CA LEU B 72 20.35 -3.17 8.96
C LEU B 72 21.37 -3.60 10.04
N ALA B 73 20.99 -4.45 10.97
CA ALA B 73 21.94 -4.87 12.00
C ALA B 73 23.08 -5.67 11.31
N GLU B 74 22.73 -6.52 10.36
CA GLU B 74 23.68 -7.33 9.56
C GLU B 74 24.61 -6.42 8.74
N LEU B 75 24.14 -5.40 8.05
CA LEU B 75 25.02 -4.49 7.28
C LEU B 75 25.92 -3.73 8.25
N GLU B 76 25.47 -3.27 9.41
CA GLU B 76 26.32 -2.42 10.31
C GLU B 76 27.25 -3.32 11.17
N GLY B 77 27.01 -4.63 11.26
CA GLY B 77 27.76 -5.56 12.12
C GLY B 77 27.27 -5.46 13.54
N GLY B 78 25.98 -5.29 13.80
CA GLY B 78 25.52 -5.15 15.20
C GLY B 78 24.71 -6.34 15.70
N ALA B 79 24.27 -6.29 16.95
CA ALA B 79 23.54 -7.39 17.61
C ALA B 79 22.06 -7.28 17.21
N GLY B 80 21.56 -6.14 16.86
CA GLY B 80 20.15 -6.05 16.46
C GLY B 80 19.85 -4.60 16.09
N GLY B 81 18.72 -4.39 15.43
CA GLY B 81 18.24 -3.08 15.01
C GLY B 81 16.83 -2.80 15.51
N VAL B 82 16.56 -1.52 15.79
CA VAL B 82 15.19 -1.04 16.04
C VAL B 82 14.87 -0.04 14.93
N ILE B 83 13.63 -0.09 14.45
CA ILE B 83 13.11 0.78 13.37
C ILE B 83 12.05 1.72 13.94
N THR B 84 12.27 3.02 13.75
CA THR B 84 11.47 4.11 14.27
C THR B 84 10.67 4.75 13.17
N SER B 85 9.72 5.56 13.58
CA SER B 85 8.83 6.21 12.58
C SER B 85 9.54 7.37 11.89
N THR B 86 10.59 7.92 12.50
CA THR B 86 11.46 8.92 11.84
C THR B 86 12.89 8.86 12.34
N GLY B 87 13.77 9.52 11.61
CA GLY B 87 15.21 9.62 12.00
C GLY B 87 15.30 10.36 13.35
N MET B 88 14.55 11.43 13.51
CA MET B 88 14.55 12.17 14.81
C MET B 88 14.09 11.23 15.92
N GLY B 89 13.16 10.31 15.64
CA GLY B 89 12.72 9.36 16.67
C GLY B 89 13.82 8.44 17.07
N ALA B 90 14.65 8.07 16.12
CA ALA B 90 15.84 7.26 16.43
C ALA B 90 16.78 7.99 17.40
N ILE B 91 17.03 9.26 17.19
CA ILE B 91 17.84 10.10 18.10
C ILE B 91 17.15 10.18 19.47
N ASN B 92 15.85 10.42 19.44
CA ASN B 92 15.01 10.48 20.66
C ASN B 92 15.13 9.18 21.47
N LEU B 93 14.94 8.04 20.81
CA LEU B 93 15.07 6.70 21.42
C LEU B 93 16.43 6.55 22.12
N VAL B 94 17.51 6.95 21.46
CA VAL B 94 18.85 6.85 22.09
C VAL B 94 18.94 7.74 23.32
N LEU B 95 18.52 8.99 23.23
CA LEU B 95 18.52 9.91 24.37
C LEU B 95 17.81 9.31 25.57
N ASN B 96 16.65 8.68 25.36
CA ASN B 96 15.85 8.12 26.44
C ASN B 96 16.48 6.82 26.91
N ALA B 97 17.03 5.97 26.06
CA ALA B 97 17.61 4.70 26.57
C ALA B 97 18.89 4.94 27.37
N VAL B 98 19.65 5.96 27.03
CA VAL B 98 21.02 6.06 27.56
C VAL B 98 21.13 7.15 28.61
N LEU B 99 20.47 8.28 28.52
CA LEU B 99 20.75 9.42 29.41
C LEU B 99 19.70 9.54 30.52
N GLN B 100 20.04 10.21 31.59
CA GLN B 100 19.11 10.69 32.65
C GLN B 100 19.67 11.97 33.29
N PRO B 101 18.87 12.71 34.10
CA PRO B 101 19.33 13.96 34.69
C PRO B 101 20.63 13.67 35.45
N GLY B 102 21.51 14.63 35.35
CA GLY B 102 22.90 14.56 35.86
C GLY B 102 23.88 14.06 34.82
N ASP B 103 23.47 13.39 33.74
CA ASP B 103 24.38 12.89 32.68
C ASP B 103 24.68 14.03 31.72
N THR B 104 25.83 13.95 31.04
CA THR B 104 26.04 14.93 29.97
C THR B 104 26.28 14.22 28.63
N LEU B 105 25.84 14.91 27.61
CA LEU B 105 25.93 14.48 26.22
C LEU B 105 26.89 15.46 25.54
N VAL B 106 27.86 14.92 24.80
CA VAL B 106 28.69 15.74 23.88
C VAL B 106 28.10 15.70 22.47
N VAL B 107 27.94 16.85 21.86
CA VAL B 107 27.33 17.06 20.53
C VAL B 107 28.34 17.80 19.67
N PRO B 108 28.53 17.43 18.40
CA PRO B 108 29.33 18.19 17.47
C PRO B 108 28.74 19.58 17.28
N HIS B 109 29.59 20.60 17.16
CA HIS B 109 29.19 21.99 16.87
C HIS B 109 28.36 22.05 15.56
N ASP B 110 28.56 21.21 14.58
CA ASP B 110 27.90 21.37 13.26
C ASP B 110 26.88 20.22 13.04
N ALA B 111 26.43 19.54 14.09
CA ALA B 111 25.41 18.45 14.00
C ALA B 111 24.17 18.93 13.23
N TYR B 112 23.41 18.01 12.68
CA TYR B 112 22.09 18.28 12.05
C TYR B 112 21.22 19.24 12.91
N GLY B 113 20.64 20.30 12.30
CA GLY B 113 19.78 21.30 12.97
C GLY B 113 18.57 20.62 13.72
N GLY B 114 17.96 19.50 13.23
CA GLY B 114 16.87 18.84 13.99
C GLY B 114 17.41 18.19 15.27
N SER B 115 18.62 17.66 15.20
CA SER B 115 19.31 17.08 16.38
C SER B 115 19.53 18.19 17.39
N TRP B 116 20.10 19.32 16.96
CA TRP B 116 20.34 20.49 17.87
C TRP B 116 19.02 20.95 18.52
N ARG B 117 17.95 21.08 17.75
CA ARG B 117 16.62 21.55 18.25
C ARG B 117 16.13 20.60 19.37
N LEU B 118 16.28 19.29 19.15
CA LEU B 118 15.85 18.30 20.15
C LEU B 118 16.78 18.37 21.37
N PHE B 119 18.11 18.35 21.15
CA PHE B 119 19.01 18.40 22.32
C PHE B 119 18.74 19.68 23.12
N ASN B 120 18.61 20.84 22.49
CA ASN B 120 18.41 22.10 23.24
C ASN B 120 17.10 22.05 23.99
N ALA B 121 15.99 21.53 23.40
CA ALA B 121 14.67 21.57 24.07
C ALA B 121 14.73 20.66 25.30
N LEU B 122 15.36 19.51 25.19
CA LEU B 122 15.34 18.56 26.33
C LEU B 122 16.34 19.03 27.42
N ALA B 123 17.42 19.65 27.02
CA ALA B 123 18.44 20.19 27.96
C ALA B 123 17.85 21.38 28.72
N LYS B 124 17.11 22.24 28.06
CA LYS B 124 16.40 23.40 28.72
C LYS B 124 15.49 22.85 29.83
N LYS B 125 14.99 21.61 29.74
CA LYS B 125 14.18 21.05 30.82
C LYS B 125 15.01 20.31 31.85
N GLY B 126 16.32 20.16 31.75
CA GLY B 126 17.01 19.35 32.79
C GLY B 126 16.97 17.86 32.52
N HIS B 127 16.65 17.39 31.31
CA HIS B 127 16.73 15.93 31.02
C HIS B 127 18.20 15.45 31.09
N PHE B 128 19.10 16.35 30.81
CA PHE B 128 20.57 16.05 30.71
C PHE B 128 21.24 17.37 30.41
N ALA B 129 22.57 17.42 30.59
CA ALA B 129 23.37 18.59 30.22
C ALA B 129 24.07 18.31 28.86
N LEU B 130 24.33 19.39 28.14
CA LEU B 130 24.96 19.42 26.80
C LEU B 130 26.36 20.01 26.93
N ILE B 131 27.32 19.43 26.24
CA ILE B 131 28.65 20.02 25.94
C ILE B 131 28.75 20.06 24.44
N THR B 132 29.07 21.21 23.88
CA THR B 132 29.35 21.27 22.43
C THR B 132 30.87 21.18 22.16
N ALA B 133 31.27 20.51 21.09
CA ALA B 133 32.69 20.26 20.80
C ALA B 133 32.89 20.23 19.30
N ASP B 134 34.08 20.60 18.87
CA ASP B 134 34.57 20.33 17.50
C ASP B 134 35.40 19.05 17.62
N LEU B 135 34.81 17.93 17.24
CA LEU B 135 35.44 16.59 17.34
C LEU B 135 36.60 16.43 16.34
N THR B 136 36.82 17.36 15.41
CA THR B 136 38.03 17.39 14.56
C THR B 136 39.15 18.13 15.29
N VAL B 137 38.94 18.69 16.48
CA VAL B 137 39.99 19.47 17.18
C VAL B 137 40.33 18.71 18.44
N PRO B 138 41.57 18.19 18.56
CA PRO B 138 41.85 17.32 19.70
C PRO B 138 41.55 17.99 21.04
N ARG B 139 41.90 19.24 21.19
CA ARG B 139 41.75 19.89 22.50
C ARG B 139 40.25 20.12 22.82
N SER B 140 39.41 20.43 21.86
CA SER B 140 37.93 20.58 22.04
C SER B 140 37.36 19.25 22.53
N LEU B 141 37.81 18.15 21.95
CA LEU B 141 37.36 16.84 22.40
C LEU B 141 37.86 16.59 23.81
N ALA B 142 39.17 16.78 24.05
CA ALA B 142 39.78 16.43 25.34
C ALA B 142 39.06 17.22 26.44
N ASP B 143 38.79 18.50 26.25
CA ASP B 143 38.08 19.33 27.23
C ASP B 143 36.64 18.82 27.50
N ALA B 144 35.95 18.26 26.52
CA ALA B 144 34.59 17.70 26.72
C ALA B 144 34.72 16.43 27.53
N LEU B 145 35.68 15.60 27.15
CA LEU B 145 35.78 14.26 27.79
C LEU B 145 36.29 14.36 29.22
N ALA B 146 37.03 15.42 29.59
CA ALA B 146 37.52 15.62 30.98
C ALA B 146 36.31 15.89 31.92
N GLN B 147 35.13 16.27 31.42
CA GLN B 147 33.86 16.39 32.18
C GLN B 147 33.22 14.99 32.36
N SER B 148 33.77 13.87 31.90
CA SER B 148 33.18 12.53 32.08
C SER B 148 31.78 12.44 31.48
N PRO B 149 31.56 12.69 30.18
CA PRO B 149 30.21 12.67 29.63
C PRO B 149 29.67 11.24 29.61
N LYS B 150 28.37 11.06 29.58
CA LYS B 150 27.81 9.69 29.45
C LYS B 150 27.83 9.23 27.98
N LEU B 151 27.65 10.15 27.05
CA LEU B 151 27.42 9.79 25.63
C LEU B 151 28.04 10.87 24.78
N VAL B 152 28.65 10.45 23.68
CA VAL B 152 29.23 11.33 22.65
C VAL B 152 28.55 10.99 21.35
N LEU B 153 28.06 12.01 20.70
CA LEU B 153 27.45 11.86 19.38
C LEU B 153 28.49 12.27 18.33
N ILE B 154 28.65 11.45 17.30
CA ILE B 154 29.48 11.79 16.14
C ILE B 154 28.58 11.81 14.90
N GLU B 155 28.75 12.79 14.05
CA GLU B 155 28.05 12.83 12.76
C GLU B 155 29.09 13.09 11.67
N THR B 156 29.47 12.07 10.90
CA THR B 156 30.55 12.23 9.89
C THR B 156 30.13 11.53 8.64
N PRO B 157 30.25 12.16 7.45
CA PRO B 157 30.63 13.55 7.29
C PRO B 157 29.52 14.49 7.78
N SER B 158 29.89 15.73 8.06
CA SER B 158 28.99 16.79 8.54
C SER B 158 28.30 17.39 7.32
N ASN B 159 27.27 18.14 7.56
CA ASN B 159 26.40 18.77 6.57
C ASN B 159 26.29 20.25 6.92
N PRO B 160 26.54 21.25 6.05
CA PRO B 160 26.84 21.02 4.66
C PRO B 160 28.31 21.07 4.20
N LEU B 161 29.26 21.16 5.13
CA LEU B 161 30.70 21.34 4.75
C LEU B 161 31.47 20.03 4.70
N LEU B 162 30.85 18.89 4.85
CA LEU B 162 31.46 17.55 4.69
C LEU B 162 32.78 17.45 5.51
N ARG B 163 32.80 17.90 6.76
CA ARG B 163 33.90 17.71 7.72
C ARG B 163 33.92 16.25 8.15
N ILE B 164 35.11 15.67 8.24
CA ILE B 164 35.29 14.24 8.55
C ILE B 164 35.75 14.12 9.96
N THR B 165 35.05 13.38 10.78
CA THR B 165 35.56 13.10 12.11
C THR B 165 36.16 11.72 12.12
N ASP B 166 37.26 11.64 12.84
CA ASP B 166 38.12 10.44 12.88
C ASP B 166 37.54 9.49 13.90
N LEU B 167 36.86 8.48 13.42
CA LEU B 167 36.07 7.60 14.28
C LEU B 167 36.97 6.94 15.31
N ARG B 168 38.05 6.37 14.86
CA ARG B 168 38.92 5.56 15.75
C ARG B 168 39.45 6.50 16.83
N PHE B 169 39.91 7.66 16.45
CA PHE B 169 40.44 8.64 17.44
C PHE B 169 39.37 8.94 18.49
N VAL B 170 38.17 9.35 18.03
CA VAL B 170 37.13 9.87 18.99
C VAL B 170 36.66 8.73 19.87
N ILE B 171 36.49 7.54 19.28
CA ILE B 171 35.88 6.38 19.98
C ILE B 171 36.85 5.85 21.03
N GLU B 172 38.12 5.66 20.72
CA GLU B 172 39.13 5.16 21.70
C GLU B 172 39.27 6.22 22.79
N ALA B 173 39.23 7.52 22.53
CA ALA B 173 39.31 8.53 23.63
C ALA B 173 38.05 8.50 24.51
N ALA B 174 36.85 8.43 23.90
CA ALA B 174 35.59 8.30 24.66
C ALA B 174 35.66 7.06 25.58
N LYS B 175 36.04 5.91 25.06
CA LYS B 175 36.12 4.67 25.86
C LYS B 175 37.05 4.85 27.08
N LYS B 176 38.20 5.51 26.94
CA LYS B 176 39.14 5.69 28.09
C LYS B 176 38.42 6.41 29.20
N VAL B 177 37.47 7.32 28.96
CA VAL B 177 36.74 7.96 30.10
C VAL B 177 35.40 7.26 30.35
N GLY B 178 35.12 6.10 29.77
CA GLY B 178 33.87 5.37 30.05
C GLY B 178 32.66 5.98 29.36
N ALA B 179 32.77 6.88 28.40
CA ALA B 179 31.61 7.36 27.60
C ALA B 179 31.25 6.34 26.51
N LEU B 180 29.94 6.20 26.28
CA LEU B 180 29.37 5.50 25.12
C LEU B 180 29.40 6.44 23.91
N THR B 181 29.52 5.87 22.72
CA THR B 181 29.48 6.65 21.47
C THR B 181 28.28 6.21 20.63
N VAL B 182 27.67 7.20 20.03
CA VAL B 182 26.62 7.02 19.02
C VAL B 182 27.03 7.75 17.75
N VAL B 183 26.98 7.07 16.60
CA VAL B 183 27.30 7.72 15.32
C VAL B 183 26.07 7.82 14.46
N ASP B 184 25.77 9.03 14.01
CA ASP B 184 24.76 9.29 12.97
C ASP B 184 25.42 9.04 11.62
N ASN B 185 25.13 7.88 11.03
CA ASN B 185 25.74 7.37 9.78
C ASN B 185 24.81 7.60 8.56
N THR B 186 23.89 8.56 8.66
CA THR B 186 22.88 8.83 7.63
C THR B 186 23.51 9.18 6.29
N PHE B 187 24.52 10.06 6.28
CA PHE B 187 25.12 10.60 5.04
C PHE B 187 25.75 9.48 4.21
N LEU B 188 26.35 8.46 4.76
CA LEU B 188 27.05 7.50 3.87
C LEU B 188 26.30 6.17 3.77
N SER B 189 25.49 5.82 4.77
CA SER B 189 24.82 4.50 4.83
C SER B 189 25.80 3.45 5.25
N PRO B 190 25.29 2.28 5.63
CA PRO B 190 26.14 1.16 6.00
C PRO B 190 26.97 0.65 4.83
N ALA B 191 26.58 0.90 3.58
CA ALA B 191 27.37 0.39 2.44
C ALA B 191 28.74 1.12 2.39
N LEU B 192 28.83 2.33 2.89
CA LEU B 192 30.05 3.20 2.75
C LEU B 192 30.80 3.46 4.06
N GLN B 193 30.22 3.13 5.21
CA GLN B 193 30.91 3.40 6.50
C GLN B 193 30.24 2.52 7.54
N LYS B 194 31.05 1.86 8.31
CA LYS B 194 30.66 0.93 9.39
C LYS B 194 31.24 1.39 10.72
N PRO B 195 30.57 2.33 11.40
CA PRO B 195 31.06 2.83 12.67
C PRO B 195 31.27 1.79 13.77
N LEU B 196 30.51 0.72 13.75
CA LEU B 196 30.65 -0.33 14.81
C LEU B 196 31.95 -1.08 14.60
N ASP B 197 32.55 -1.05 13.42
CA ASP B 197 33.82 -1.75 13.22
C ASP B 197 34.90 -0.97 13.98
N PHE B 198 34.73 0.32 14.26
CA PHE B 198 35.68 1.17 15.01
C PHE B 198 35.39 1.14 16.51
N GLY B 199 34.41 0.38 17.00
CA GLY B 199 34.15 0.27 18.44
C GLY B 199 32.97 1.10 18.94
N ALA B 200 32.26 1.81 18.08
CA ALA B 200 31.05 2.57 18.51
C ALA B 200 30.03 1.67 19.18
N ASP B 201 29.28 2.22 20.14
CA ASP B 201 28.25 1.45 20.85
C ASP B 201 26.99 1.38 19.98
N LEU B 202 26.72 2.46 19.28
CA LEU B 202 25.46 2.63 18.55
C LEU B 202 25.76 3.30 17.24
N VAL B 203 24.94 2.97 16.28
CA VAL B 203 24.88 3.68 15.00
C VAL B 203 23.41 3.93 14.69
N LEU B 204 23.11 5.11 14.18
CA LEU B 204 21.71 5.37 13.78
C LEU B 204 21.63 6.07 12.43
N HIS B 205 20.47 5.99 11.85
CA HIS B 205 20.20 6.48 10.47
C HIS B 205 18.85 7.14 10.46
N SER B 206 18.68 8.17 9.64
CA SER B 206 17.43 8.46 8.97
C SER B 206 17.34 7.54 7.74
N THR B 207 16.41 6.58 7.71
CA THR B 207 16.18 5.69 6.58
C THR B 207 15.46 6.47 5.46
N THR B 208 15.00 7.69 5.74
CA THR B 208 14.40 8.57 4.72
C THR B 208 15.31 8.89 3.56
N1 LLP B 209 20.28 12.82 11.01
C2 LLP B 209 20.73 13.29 9.84
C2' LLP B 209 22.22 13.33 9.55
C3 LLP B 209 19.83 13.72 8.88
O3 LLP B 209 20.31 14.06 7.72
C4 LLP B 209 18.43 13.65 9.09
C4' LLP B 209 17.54 14.00 7.92
C5 LLP B 209 18.02 13.24 10.39
C6 LLP B 209 18.97 12.87 11.30
C5' LLP B 209 16.60 13.24 10.82
OP4 LLP B 209 15.89 12.14 10.18
P LLP B 209 14.28 12.27 9.79
OP1 LLP B 209 13.98 10.99 9.07
OP2 LLP B 209 14.06 13.46 8.94
OP3 LLP B 209 13.58 12.40 11.17
N LLP B 209 16.62 8.78 3.80
CA LLP B 209 17.64 9.24 2.90
CB LLP B 209 18.71 10.02 3.69
CG LLP B 209 18.25 11.03 4.74
CD LLP B 209 17.42 12.23 4.34
CE LLP B 209 16.86 13.20 5.53
NZ LLP B 209 17.86 13.57 6.56
C LLP B 209 18.06 8.09 2.00
O LLP B 209 17.21 7.52 1.33
N TYR B 210 19.31 7.66 2.02
CA TYR B 210 19.81 6.70 1.08
C TYR B 210 19.20 5.31 1.25
N ILE B 211 18.97 4.86 2.47
CA ILE B 211 18.63 3.44 2.68
C ILE B 211 17.33 3.12 1.95
N ASN B 212 16.35 3.98 2.08
CA ASN B 212 15.07 3.82 1.35
C ASN B 212 15.32 4.25 -0.12
N GLY B 213 15.90 5.42 -0.29
CA GLY B 213 16.35 5.96 -1.59
C GLY B 213 15.31 6.48 -2.55
N HIS B 214 14.00 6.41 -2.27
CA HIS B 214 12.95 6.77 -3.28
C HIS B 214 12.05 7.88 -2.74
N SER B 215 12.41 8.52 -1.62
CA SER B 215 11.77 9.79 -1.19
C SER B 215 10.31 9.55 -0.82
N ASP B 216 9.94 8.36 -0.45
CA ASP B 216 8.51 8.06 -0.18
C ASP B 216 8.30 7.40 1.19
N VAL B 217 9.29 7.47 2.07
CA VAL B 217 9.19 6.96 3.46
C VAL B 217 9.98 7.92 4.31
N VAL B 218 9.41 8.29 5.43
CA VAL B 218 10.19 8.86 6.53
C VAL B 218 10.34 7.74 7.56
N GLY B 219 11.56 7.50 8.06
CA GLY B 219 11.90 6.43 9.01
C GLY B 219 13.27 6.62 9.65
N GLY B 220 13.56 5.86 10.70
CA GLY B 220 14.86 5.81 11.34
C GLY B 220 15.19 4.41 11.75
N ALA B 221 16.42 4.21 12.22
CA ALA B 221 16.93 2.91 12.68
C ALA B 221 18.06 3.20 13.66
N VAL B 222 18.18 2.34 14.64
CA VAL B 222 19.29 2.29 15.58
C VAL B 222 19.72 0.85 15.67
N VAL B 223 21.03 0.68 15.54
CA VAL B 223 21.72 -0.60 15.65
C VAL B 223 22.67 -0.47 16.82
N ALA B 224 22.62 -1.41 17.72
CA ALA B 224 23.56 -1.52 18.84
C ALA B 224 24.57 -2.62 18.54
N ARG B 225 25.81 -2.38 18.92
CA ARG B 225 26.82 -3.44 18.88
C ARG B 225 26.45 -4.57 19.84
N ASP B 226 26.07 -4.23 21.08
CA ASP B 226 25.84 -5.21 22.17
C ASP B 226 24.36 -5.60 22.31
N ALA B 227 24.09 -6.89 22.54
CA ALA B 227 22.76 -7.51 22.64
C ALA B 227 21.99 -6.85 23.80
N GLU B 228 22.71 -6.47 24.82
CA GLU B 228 22.03 -5.97 26.02
C GLU B 228 21.57 -4.54 25.77
N LEU B 229 22.34 -3.67 25.15
CA LEU B 229 21.82 -2.32 24.84
C LEU B 229 20.66 -2.43 23.79
N HIS B 230 20.78 -3.37 22.84
CA HIS B 230 19.72 -3.65 21.83
C HIS B 230 18.39 -3.90 22.57
N GLN B 231 18.41 -4.70 23.61
CA GLN B 231 17.22 -5.12 24.39
C GLN B 231 16.66 -3.87 25.09
N GLN B 232 17.50 -3.00 25.62
CA GLN B 232 17.09 -1.70 26.17
C GLN B 232 16.46 -0.83 25.11
N LEU B 233 17.00 -0.78 23.90
CA LEU B 233 16.39 0.08 22.85
C LEU B 233 14.99 -0.47 22.49
N VAL B 234 14.84 -1.78 22.43
CA VAL B 234 13.55 -2.43 22.07
C VAL B 234 12.53 -2.00 23.13
N TRP B 235 12.93 -2.05 24.39
CA TRP B 235 11.99 -1.81 25.51
C TRP B 235 11.58 -0.31 25.48
N TRP B 236 12.53 0.62 25.33
CA TRP B 236 12.22 2.07 25.27
C TRP B 236 11.40 2.40 24.03
N ALA B 237 11.67 1.77 22.90
CA ALA B 237 10.91 2.12 21.70
C ALA B 237 9.45 1.72 21.89
N ASN B 238 9.19 0.54 22.42
CA ASN B 238 7.85 0.03 22.78
C ASN B 238 7.20 1.00 23.79
N ALA B 239 7.86 1.32 24.88
CA ALA B 239 7.33 2.15 25.99
C ALA B 239 7.02 3.57 25.50
N LEU B 240 7.81 4.13 24.60
CA LEU B 240 7.67 5.55 24.17
C LEU B 240 6.77 5.69 22.95
N GLY B 241 6.49 4.56 22.30
CA GLY B 241 5.66 4.48 21.11
C GLY B 241 6.33 5.02 19.87
N LEU B 242 7.64 4.75 19.70
CA LEU B 242 8.46 5.34 18.63
C LEU B 242 8.62 4.41 17.43
N THR B 243 8.19 3.15 17.52
CA THR B 243 8.27 2.15 16.43
C THR B 243 7.51 2.61 15.17
N GLY B 244 8.02 2.19 14.00
CA GLY B 244 7.48 2.56 12.67
C GLY B 244 6.38 1.61 12.13
N SER B 245 5.71 2.05 11.08
CA SER B 245 4.64 1.37 10.30
C SER B 245 5.27 0.18 9.55
N PRO B 246 4.65 -1.00 9.61
CA PRO B 246 5.07 -2.12 8.77
C PRO B 246 5.13 -1.81 7.30
N PHE B 247 4.19 -1.03 6.81
CA PHE B 247 4.14 -0.70 5.37
C PHE B 247 5.45 0.04 5.05
N ASP B 248 5.75 1.07 5.82
CA ASP B 248 7.04 1.84 5.65
C ASP B 248 8.25 0.90 5.71
N ALA B 249 8.28 -0.09 6.60
CA ALA B 249 9.37 -1.05 6.66
C ALA B 249 9.49 -1.82 5.34
N PHE B 250 8.35 -2.22 4.80
CA PHE B 250 8.25 -2.97 3.54
C PHE B 250 8.86 -2.12 2.42
N LEU B 251 8.45 -0.85 2.28
CA LEU B 251 9.01 0.01 1.21
C LEU B 251 10.51 0.24 1.43
N THR B 252 10.94 0.41 2.66
CA THR B 252 12.37 0.70 3.02
C THR B 252 13.24 -0.51 2.66
N LEU B 253 12.84 -1.71 2.99
CA LEU B 253 13.57 -2.93 2.65
C LEU B 253 13.57 -3.05 1.12
N ARG B 254 12.48 -2.78 0.47
CA ARG B 254 12.50 -2.76 -1.00
C ARG B 254 13.57 -1.78 -1.49
N GLY B 255 13.61 -0.57 -0.99
CA GLY B 255 14.69 0.34 -1.41
C GLY B 255 16.08 -0.21 -1.12
N LEU B 256 16.30 -0.78 0.05
CA LEU B 256 17.62 -1.22 0.53
C LEU B 256 18.20 -2.19 -0.49
N ARG B 257 17.36 -3.05 -1.05
CA ARG B 257 17.88 -4.05 -1.99
C ARG B 257 18.68 -3.43 -3.14
N THR B 258 18.41 -2.19 -3.56
CA THR B 258 19.18 -1.55 -4.62
C THR B 258 20.24 -0.56 -4.06
N LEU B 259 20.49 -0.50 -2.76
CA LEU B 259 21.41 0.55 -2.16
C LEU B 259 22.80 0.45 -2.82
N ASP B 260 23.33 -0.72 -2.99
CA ASP B 260 24.66 -0.93 -3.64
C ASP B 260 24.65 -0.50 -5.09
N ALA B 261 23.66 -0.92 -5.84
CA ALA B 261 23.53 -0.57 -7.25
C ALA B 261 23.33 0.94 -7.39
N ARG B 262 22.51 1.54 -6.52
CA ARG B 262 22.31 3.01 -6.56
C ARG B 262 23.63 3.78 -6.26
N LEU B 263 24.28 3.43 -5.19
CA LEU B 263 25.53 4.14 -4.73
C LEU B 263 26.65 4.04 -5.81
N ARG B 264 26.74 2.99 -6.55
CA ARG B 264 27.77 2.94 -7.65
C ARG B 264 27.51 4.08 -8.62
N VAL B 265 26.25 4.35 -8.97
CA VAL B 265 25.95 5.43 -9.95
C VAL B 265 26.08 6.77 -9.23
N HIS B 266 25.50 6.91 -8.00
CA HIS B 266 25.60 8.15 -7.22
C HIS B 266 27.09 8.59 -7.25
N GLN B 267 27.98 7.69 -6.87
CA GLN B 267 29.41 8.09 -6.64
C GLN B 267 30.15 8.38 -7.99
N GLU B 268 29.81 7.69 -9.08
CA GLU B 268 30.33 8.02 -10.45
C GLU B 268 29.89 9.43 -10.79
N ASN B 269 28.61 9.75 -10.56
CA ASN B 269 28.08 11.10 -10.89
C ASN B 269 28.84 12.14 -10.06
N ALA B 270 28.97 11.90 -8.77
CA ALA B 270 29.60 12.86 -7.85
C ALA B 270 31.07 13.09 -8.22
N ASP B 271 31.83 12.04 -8.49
CA ASP B 271 33.25 12.21 -8.98
C ASP B 271 33.24 13.11 -10.23
N ALA B 272 32.31 12.88 -11.17
CA ALA B 272 32.28 13.68 -12.42
C ALA B 272 31.94 15.14 -12.06
N ILE B 273 31.04 15.38 -11.10
CA ILE B 273 30.56 16.73 -10.88
C ILE B 273 31.65 17.46 -10.13
N ALA B 274 32.25 16.82 -9.16
CA ALA B 274 33.38 17.41 -8.39
C ALA B 274 34.48 17.87 -9.36
N GLU B 275 34.87 17.02 -10.29
CA GLU B 275 35.81 17.42 -11.39
C GLU B 275 35.32 18.71 -12.12
N LEU B 276 34.05 18.86 -12.52
CA LEU B 276 33.62 20.12 -13.21
C LEU B 276 33.80 21.32 -12.26
N LEU B 277 33.34 21.18 -11.01
CA LEU B 277 33.10 22.33 -10.12
C LEU B 277 34.47 22.78 -9.55
N ASP B 278 35.37 21.89 -9.25
CA ASP B 278 36.64 22.24 -8.57
C ASP B 278 37.58 23.08 -9.47
N GLY B 279 37.85 22.61 -10.64
CA GLY B 279 38.21 23.65 -11.68
C GLY B 279 37.71 25.16 -11.50
N HIS B 280 36.42 25.43 -11.39
CA HIS B 280 35.73 26.34 -12.31
C HIS B 280 35.85 27.80 -11.84
N ALA B 281 35.88 28.70 -12.81
CA ALA B 281 36.06 30.16 -12.63
C ALA B 281 34.91 30.69 -11.75
N MET B 282 33.70 30.12 -11.78
CA MET B 282 32.54 30.66 -11.05
C MET B 282 32.42 30.04 -9.64
N VAL B 283 33.32 29.15 -9.27
CA VAL B 283 33.27 28.40 -7.98
C VAL B 283 34.50 28.72 -7.15
N ASN B 284 34.31 29.32 -5.99
CA ASN B 284 35.37 29.71 -5.04
C ASN B 284 35.81 28.51 -4.23
N GLN B 285 34.96 27.52 -3.94
CA GLN B 285 35.34 26.39 -3.06
C GLN B 285 34.37 25.24 -3.29
N VAL B 286 34.87 24.03 -3.21
CA VAL B 286 34.07 22.78 -3.23
C VAL B 286 34.34 22.03 -1.94
N TYR B 287 33.27 21.58 -1.30
CA TYR B 287 33.32 20.75 -0.11
C TYR B 287 32.93 19.35 -0.54
N PHE B 288 33.92 18.49 -0.67
CA PHE B 288 33.72 17.09 -1.12
C PHE B 288 34.90 16.25 -0.66
N PRO B 289 34.69 15.16 0.08
CA PRO B 289 35.80 14.44 0.67
C PRO B 289 36.67 13.73 -0.38
N GLY B 290 36.14 13.51 -1.58
CA GLY B 290 36.89 12.94 -2.70
C GLY B 290 38.03 13.78 -3.25
N LEU B 291 38.03 15.08 -3.03
CA LEU B 291 39.04 16.00 -3.56
C LEU B 291 40.24 15.93 -2.65
N ALA B 292 41.43 15.88 -3.21
CA ALA B 292 42.69 15.76 -2.45
C ALA B 292 42.94 17.01 -1.63
N THR B 293 42.31 18.17 -1.93
CA THR B 293 42.53 19.41 -1.19
C THR B 293 41.48 19.60 -0.11
N HIS B 294 40.54 18.67 0.03
CA HIS B 294 39.51 18.74 1.10
C HIS B 294 40.13 18.31 2.41
N PRO B 295 39.97 19.11 3.48
CA PRO B 295 40.51 18.72 4.78
C PRO B 295 39.79 17.45 5.22
N GLY B 296 40.55 16.42 5.57
CA GLY B 296 40.03 15.07 5.92
C GLY B 296 39.95 14.11 4.73
N HIS B 297 40.43 14.48 3.53
CA HIS B 297 40.46 13.55 2.38
C HIS B 297 41.06 12.21 2.75
N ALA B 298 42.24 12.25 3.35
CA ALA B 298 42.98 11.00 3.58
C ALA B 298 42.25 10.17 4.63
N LEU B 299 41.76 10.82 5.67
CA LEU B 299 41.01 10.12 6.71
C LEU B 299 39.72 9.50 6.11
N ALA B 300 39.06 10.18 5.20
CA ALA B 300 37.81 9.67 4.56
C ALA B 300 38.22 8.48 3.71
N ALA B 301 39.36 8.53 2.99
CA ALA B 301 39.80 7.40 2.11
C ALA B 301 40.05 6.17 2.98
N ARG B 302 40.43 6.30 4.23
CA ARG B 302 40.66 5.12 5.10
C ARG B 302 39.43 4.72 5.88
N GLN B 303 38.61 5.60 6.46
CA GLN B 303 37.52 5.02 7.28
C GLN B 303 36.21 4.81 6.48
N GLN B 304 36.12 5.20 5.20
CA GLN B 304 34.92 5.13 4.34
C GLN B 304 35.25 4.17 3.19
N LYS B 305 34.28 3.49 2.58
CA LYS B 305 34.55 2.67 1.38
C LYS B 305 34.29 3.49 0.14
N GLY B 306 33.83 4.73 0.25
CA GLY B 306 33.80 5.61 -0.93
C GLY B 306 33.54 7.01 -0.43
N PHE B 307 33.55 8.01 -1.29
CA PHE B 307 33.46 9.42 -0.83
C PHE B 307 32.00 9.88 -0.84
N GLY B 308 31.08 9.11 -1.42
CA GLY B 308 29.66 9.44 -1.36
C GLY B 308 29.27 10.41 -2.42
N ALA B 309 28.09 11.01 -2.23
CA ALA B 309 27.47 11.78 -3.33
C ALA B 309 26.79 13.05 -2.82
N MET B 310 27.12 13.50 -1.62
CA MET B 310 26.79 14.86 -1.13
C MET B 310 28.02 15.75 -1.30
N MET B 311 27.78 16.96 -1.71
CA MET B 311 28.80 18.00 -1.82
C MET B 311 28.13 19.37 -1.76
N SER B 312 28.94 20.34 -1.41
CA SER B 312 28.57 21.75 -1.39
C SER B 312 29.59 22.51 -2.20
N PHE B 313 29.21 23.69 -2.70
CA PHE B 313 30.16 24.58 -3.37
C PHE B 313 29.70 26.04 -3.21
N GLU B 314 30.65 26.96 -3.14
CA GLU B 314 30.38 28.42 -3.09
C GLU B 314 30.45 29.02 -4.49
N LEU B 315 29.33 29.48 -4.97
CA LEU B 315 29.21 30.15 -6.29
C LEU B 315 29.61 31.63 -6.10
N GLU B 316 30.48 32.13 -6.93
CA GLU B 316 30.82 33.57 -7.05
C GLU B 316 29.57 34.37 -7.40
N GLY B 317 29.48 35.59 -6.88
CA GLY B 317 28.46 36.59 -7.30
C GLY B 317 27.32 36.69 -6.31
N GLY B 318 27.45 36.09 -5.13
CA GLY B 318 26.41 36.10 -4.06
C GLY B 318 25.01 35.81 -4.57
N GLU B 319 24.01 36.38 -3.89
CA GLU B 319 22.61 35.94 -3.96
C GLU B 319 22.10 36.01 -5.39
N ALA B 320 22.41 37.05 -6.15
CA ALA B 320 21.89 37.19 -7.53
C ALA B 320 22.43 36.07 -8.46
N ALA B 321 23.68 35.65 -8.27
CA ALA B 321 24.31 34.55 -9.05
C ALA B 321 23.56 33.26 -8.69
N VAL B 322 23.23 33.12 -7.40
CA VAL B 322 22.53 31.91 -6.92
C VAL B 322 21.15 31.85 -7.56
N ARG B 323 20.39 32.93 -7.54
CA ARG B 323 19.03 32.98 -8.13
C ARG B 323 19.14 32.64 -9.59
N ALA B 324 20.13 33.16 -10.31
CA ALA B 324 20.20 32.83 -11.76
C ALA B 324 20.60 31.34 -11.98
N PHE B 325 21.56 30.83 -11.18
CA PHE B 325 22.03 29.41 -11.23
C PHE B 325 20.80 28.51 -11.13
N VAL B 326 20.03 28.67 -10.05
CA VAL B 326 18.94 27.80 -9.60
C VAL B 326 17.75 27.97 -10.53
N ASP B 327 17.59 29.15 -11.09
CA ASP B 327 16.41 29.47 -11.93
C ASP B 327 16.22 28.41 -13.02
N GLY B 328 16.96 28.30 -14.10
CA GLY B 328 16.43 27.21 -14.99
C GLY B 328 17.01 25.78 -14.85
N LEU B 329 17.29 25.23 -13.67
CA LEU B 329 17.88 23.87 -13.55
C LEU B 329 16.84 22.84 -13.95
N ARG B 330 17.16 21.86 -14.79
CA ARG B 330 16.15 20.90 -15.26
C ARG B 330 16.20 19.56 -14.52
N TYR B 331 17.34 19.23 -13.89
CA TYR B 331 17.52 17.86 -13.38
C TYR B 331 17.86 17.92 -11.90
N PHE B 332 17.87 19.09 -11.30
CA PHE B 332 18.06 19.24 -9.84
C PHE B 332 16.78 19.91 -9.31
N THR B 333 16.03 19.29 -8.42
CA THR B 333 14.84 19.86 -7.76
C THR B 333 15.31 20.63 -6.53
N LEU B 334 14.83 21.86 -6.41
CA LEU B 334 15.03 22.73 -5.27
C LEU B 334 14.19 22.21 -4.13
N ALA B 335 14.85 21.53 -3.18
CA ALA B 335 14.14 20.87 -2.07
C ALA B 335 15.12 20.46 -0.98
N GLU B 336 14.60 20.21 0.18
CA GLU B 336 15.37 19.67 1.29
C GLU B 336 15.38 18.13 1.11
N SER B 337 16.03 17.49 2.07
CA SER B 337 16.29 16.06 2.09
C SER B 337 17.40 15.74 1.09
N LEU B 338 17.72 14.46 0.96
CA LEU B 338 18.90 13.99 0.25
C LEU B 338 18.80 12.47 0.14
N GLY B 339 19.66 11.88 -0.69
CA GLY B 339 19.79 10.42 -0.72
C GLY B 339 18.78 9.76 -1.62
N GLY B 340 17.95 10.55 -2.31
CA GLY B 340 17.04 10.03 -3.34
C GLY B 340 17.76 9.69 -4.65
N VAL B 341 17.08 8.89 -5.48
CA VAL B 341 17.55 8.54 -6.82
C VAL B 341 17.56 9.85 -7.64
N GLU B 342 16.72 10.80 -7.30
CA GLU B 342 16.56 12.06 -8.09
C GLU B 342 17.52 13.12 -7.49
N SER B 343 18.23 13.88 -8.33
CA SER B 343 19.17 14.93 -7.89
C SER B 343 18.39 16.11 -7.29
N LEU B 344 18.87 16.59 -6.15
CA LEU B 344 18.30 17.73 -5.43
C LEU B 344 19.38 18.78 -5.26
N ILE B 345 18.96 20.02 -5.21
CA ILE B 345 19.79 21.17 -4.75
C ILE B 345 19.08 21.89 -3.60
N ALA B 346 19.87 22.43 -2.68
CA ALA B 346 19.39 23.23 -1.53
C ALA B 346 20.35 24.38 -1.35
N HIS B 347 19.81 25.52 -0.92
CA HIS B 347 20.58 26.75 -0.57
C HIS B 347 20.58 26.93 0.94
N PRO B 348 21.61 26.48 1.70
CA PRO B 348 21.52 26.50 3.16
C PRO B 348 21.08 27.84 3.81
N ALA B 349 21.50 28.98 3.31
CA ALA B 349 21.18 30.29 3.94
C ALA B 349 19.63 30.56 3.90
N SER B 350 18.87 30.06 2.93
CA SER B 350 17.41 30.32 2.77
C SER B 350 16.60 29.06 3.05
N MET B 351 17.23 27.91 3.31
CA MET B 351 16.51 26.63 3.41
C MET B 351 16.97 25.98 4.70
N THR B 352 18.01 25.16 4.68
CA THR B 352 18.42 24.35 5.86
C THR B 352 18.82 25.21 7.04
N HIS B 353 19.36 26.43 6.87
CA HIS B 353 19.98 27.22 7.97
C HIS B 353 19.32 28.61 8.03
N ALA B 354 18.12 28.73 7.46
CA ALA B 354 17.32 29.99 7.39
C ALA B 354 16.99 30.49 8.81
N ALA B 355 16.74 29.58 9.75
CA ALA B 355 16.28 29.91 11.14
C ALA B 355 17.48 30.54 11.88
N MET B 356 18.75 30.33 11.47
CA MET B 356 19.91 30.99 12.15
C MET B 356 19.94 32.47 11.78
N THR B 357 20.62 33.31 12.57
CA THR B 357 20.92 34.70 12.17
C THR B 357 22.06 34.70 11.17
N ALA B 358 22.30 35.84 10.54
CA ALA B 358 23.37 36.08 9.55
C ALA B 358 24.72 35.85 10.22
N GLU B 359 24.82 36.23 11.49
CA GLU B 359 26.08 36.20 12.29
C GLU B 359 26.35 34.74 12.67
N ALA B 360 25.34 33.98 13.09
CA ALA B 360 25.58 32.53 13.37
C ALA B 360 26.04 31.83 12.08
N ARG B 361 25.50 32.18 10.91
CA ARG B 361 25.83 31.51 9.64
C ARG B 361 27.30 31.84 9.34
N ALA B 362 27.70 33.11 9.53
CA ALA B 362 29.08 33.53 9.22
C ALA B 362 29.98 32.75 10.18
N ALA B 363 29.58 32.57 11.45
CA ALA B 363 30.42 31.85 12.41
C ALA B 363 30.49 30.37 12.02
N ALA B 364 29.39 29.76 11.49
CA ALA B 364 29.41 28.33 11.07
C ALA B 364 30.09 28.14 9.71
N GLY B 365 30.49 29.21 9.02
CA GLY B 365 31.19 29.08 7.73
C GLY B 365 30.23 28.79 6.57
N ILE B 366 28.98 29.22 6.73
CA ILE B 366 27.89 29.06 5.72
C ILE B 366 27.66 30.42 5.04
N SER B 367 28.16 30.55 3.86
CA SER B 367 28.05 31.69 2.93
C SER B 367 26.65 31.77 2.27
N ASP B 368 26.27 32.95 1.84
CA ASP B 368 25.10 33.19 0.95
C ASP B 368 25.32 32.60 -0.43
N GLY B 369 26.56 32.38 -0.81
CA GLY B 369 26.93 31.75 -2.07
C GLY B 369 26.88 30.21 -1.99
N LEU B 370 26.68 29.60 -0.80
CA LEU B 370 26.83 28.13 -0.65
C LEU B 370 25.61 27.40 -1.20
N LEU B 371 25.86 26.44 -2.10
CA LEU B 371 24.81 25.52 -2.58
C LEU B 371 25.20 24.09 -2.24
N ARG B 372 24.22 23.29 -1.85
CA ARG B 372 24.38 21.86 -1.54
C ARG B 372 23.69 21.00 -2.59
N LEU B 373 24.43 20.02 -3.11
CA LEU B 373 23.92 19.03 -4.04
C LEU B 373 23.78 17.69 -3.34
N SER B 374 22.61 17.09 -3.59
CA SER B 374 22.41 15.64 -3.35
C SER B 374 22.34 14.98 -4.72
N ILE B 375 23.42 14.37 -5.12
CA ILE B 375 23.55 13.91 -6.53
C ILE B 375 22.91 12.53 -6.67
N GLY B 376 22.02 12.47 -7.65
CA GLY B 376 21.22 11.29 -7.97
C GLY B 376 21.89 10.35 -8.96
N ILE B 377 21.07 9.50 -9.59
CA ILE B 377 21.51 8.44 -10.53
C ILE B 377 21.07 8.69 -11.96
N GLU B 378 20.79 9.94 -12.26
CA GLU B 378 20.57 10.38 -13.64
C GLU B 378 21.87 10.21 -14.43
N SER B 379 21.80 10.30 -15.75
CA SER B 379 23.06 10.19 -16.57
C SER B 379 24.02 11.32 -16.19
N ALA B 380 25.29 10.99 -16.00
CA ALA B 380 26.33 12.02 -15.70
C ALA B 380 26.26 13.08 -16.78
N GLU B 381 26.08 12.71 -18.04
CA GLU B 381 26.17 13.72 -19.13
C GLU B 381 25.10 14.82 -18.92
N ASP B 382 23.88 14.44 -18.51
CA ASP B 382 22.75 15.36 -18.27
C ASP B 382 23.02 16.27 -17.08
N LEU B 383 23.42 15.71 -15.95
CA LEU B 383 23.72 16.53 -14.78
C LEU B 383 24.79 17.54 -15.12
N LEU B 384 25.84 17.16 -15.87
CA LEU B 384 26.92 18.14 -16.20
C LEU B 384 26.40 19.25 -17.15
N ILE B 385 25.59 18.92 -18.13
CA ILE B 385 25.04 19.93 -19.07
C ILE B 385 24.19 20.90 -18.24
N ASP B 386 23.40 20.36 -17.32
CA ASP B 386 22.56 21.21 -16.43
C ASP B 386 23.40 22.15 -15.57
N LEU B 387 24.43 21.62 -14.92
CA LEU B 387 25.31 22.47 -14.06
C LEU B 387 26.07 23.49 -14.90
N ARG B 388 26.65 23.09 -16.04
CA ARG B 388 27.29 24.09 -16.92
C ARG B 388 26.30 25.19 -17.31
N ALA B 389 25.05 24.91 -17.64
CA ALA B 389 24.14 26.03 -18.03
C ALA B 389 23.82 26.89 -16.78
N GLY B 390 23.79 26.30 -15.59
CA GLY B 390 23.61 27.07 -14.35
C GLY B 390 24.81 27.99 -14.09
N LEU B 391 26.02 27.50 -14.29
CA LEU B 391 27.24 28.30 -14.13
C LEU B 391 27.27 29.44 -15.20
N SER B 392 26.80 29.27 -16.45
CA SER B 392 26.71 30.40 -17.44
C SER B 392 25.73 31.43 -16.98
N ARG B 393 24.51 31.01 -16.65
CA ARG B 393 23.50 31.95 -16.11
C ARG B 393 24.12 32.77 -14.99
N ALA B 394 24.83 32.14 -14.05
CA ALA B 394 25.37 32.85 -12.86
C ALA B 394 26.40 33.91 -13.30
N GLU B 395 27.31 33.51 -14.16
CA GLU B 395 28.40 34.36 -14.68
C GLU B 395 27.82 35.58 -15.43
N ALA B 396 26.71 35.42 -16.17
CA ALA B 396 26.01 36.51 -16.88
C ALA B 396 25.40 37.50 -15.86
N THR B 397 25.33 37.17 -14.57
CA THR B 397 24.89 38.17 -13.59
C THR B 397 26.07 39.04 -13.13
N LEU B 398 27.30 38.80 -13.55
CA LEU B 398 28.40 39.76 -13.22
C LEU B 398 28.49 40.73 -14.42
N THR C 12 -26.20 24.63 13.22
CA THR C 12 -25.74 23.23 13.02
C THR C 12 -25.03 23.09 11.66
N PRO C 13 -23.67 23.00 11.63
CA PRO C 13 -22.96 22.34 10.53
C PRO C 13 -23.72 21.05 10.11
N CYS C 14 -23.02 19.93 9.86
CA CYS C 14 -23.54 18.57 9.53
C CYS C 14 -23.46 17.71 10.80
N THR C 15 -23.96 16.47 10.86
CA THR C 15 -23.68 15.54 12.01
C THR C 15 -22.22 14.97 11.95
N ALA C 16 -21.83 14.28 13.03
CA ALA C 16 -20.55 13.49 13.19
C ALA C 16 -20.47 12.34 12.14
N ALA C 17 -21.57 11.60 11.94
CA ALA C 17 -21.58 10.53 10.90
C ALA C 17 -21.28 11.24 9.56
N THR C 18 -22.00 12.29 9.21
CA THR C 18 -21.79 12.93 7.89
C THR C 18 -20.32 13.38 7.73
N ALA C 19 -19.75 14.04 8.73
CA ALA C 19 -18.36 14.60 8.69
C ALA C 19 -17.31 13.50 8.50
N ALA C 20 -17.45 12.37 9.21
CA ALA C 20 -16.51 11.25 9.12
C ALA C 20 -16.62 10.58 7.73
N VAL C 21 -17.85 10.40 7.28
CA VAL C 21 -18.12 9.70 6.01
C VAL C 21 -17.58 10.55 4.90
N ARG C 22 -17.75 11.87 4.99
CA ARG C 22 -17.32 12.82 3.90
C ARG C 22 -15.94 13.45 4.20
N ALA C 23 -15.10 12.92 5.10
CA ALA C 23 -13.76 13.53 5.35
C ALA C 23 -12.86 13.43 4.07
N GLY C 24 -12.27 14.49 3.59
CA GLY C 24 -11.67 14.47 2.20
C GLY C 24 -12.34 13.79 0.94
N ILE C 25 -13.65 13.53 0.80
CA ILE C 25 -14.30 13.45 -0.54
C ILE C 25 -14.31 14.84 -1.18
N ASP C 26 -14.07 15.04 -2.48
CA ASP C 26 -13.99 16.43 -3.07
C ASP C 26 -12.94 17.29 -2.32
N ARG C 27 -11.74 16.79 -2.17
CA ARG C 27 -10.62 17.47 -1.45
C ARG C 27 -9.42 17.58 -2.41
N ASP C 28 -9.44 16.92 -3.56
CA ASP C 28 -8.30 16.79 -4.49
C ASP C 28 -8.41 17.89 -5.53
N THR C 29 -7.53 18.90 -5.48
CA THR C 29 -7.46 19.99 -6.47
C THR C 29 -6.78 19.47 -7.75
N ALA C 30 -6.01 18.39 -7.75
CA ALA C 30 -5.25 17.97 -8.96
C ALA C 30 -6.24 17.36 -9.97
N TYR C 31 -7.08 16.42 -9.56
CA TYR C 31 -7.82 15.59 -10.55
C TYR C 31 -9.32 15.52 -10.26
N GLY C 32 -9.76 16.09 -9.13
CA GLY C 32 -11.15 15.94 -8.66
C GLY C 32 -11.44 14.51 -8.20
N ALA C 33 -10.40 13.79 -7.79
CA ALA C 33 -10.52 12.41 -7.25
C ALA C 33 -11.51 12.47 -6.07
N VAL C 34 -12.43 11.51 -6.02
CA VAL C 34 -13.38 11.35 -4.90
C VAL C 34 -12.62 10.90 -3.64
N THR C 35 -11.76 9.91 -3.68
CA THR C 35 -10.92 9.57 -2.50
C THR C 35 -9.57 10.24 -2.69
N PRO C 36 -9.10 10.94 -1.66
CA PRO C 36 -7.91 11.81 -1.75
C PRO C 36 -6.67 10.98 -2.08
N PRO C 37 -5.79 11.43 -2.98
CA PRO C 37 -4.54 10.71 -3.25
C PRO C 37 -3.62 10.53 -2.03
N ILE C 38 -2.91 9.39 -1.94
CA ILE C 38 -1.96 9.08 -0.85
C ILE C 38 -0.64 9.80 -1.16
N VAL C 39 -0.31 10.81 -0.35
CA VAL C 39 0.96 11.55 -0.53
C VAL C 39 2.03 10.90 0.37
N LEU C 40 2.69 9.90 -0.18
CA LEU C 40 3.83 9.24 0.50
C LEU C 40 5.09 10.13 0.60
N SER C 41 5.25 11.12 -0.29
CA SER C 41 6.49 11.89 -0.54
C SER C 41 7.06 12.37 0.78
N SER C 42 8.36 12.17 0.98
CA SER C 42 9.06 12.66 2.17
C SER C 42 9.23 14.17 2.02
N ASN C 43 9.49 14.65 0.80
CA ASN C 43 9.80 16.07 0.56
C ASN C 43 8.90 16.64 -0.55
N PHE C 44 8.92 17.96 -0.57
CA PHE C 44 8.13 18.91 -1.40
C PHE C 44 9.07 20.01 -1.92
N SER C 45 8.97 20.35 -3.21
CA SER C 45 9.80 21.34 -3.88
C SER C 45 9.41 22.70 -3.29
N PHE C 46 10.38 23.59 -3.27
CA PHE C 46 10.18 25.06 -3.19
C PHE C 46 9.57 25.58 -4.50
N ASP C 47 8.73 26.61 -4.40
CA ASP C 47 8.12 27.22 -5.61
C ASP C 47 9.04 28.35 -6.08
N GLY C 48 10.18 28.00 -6.64
CA GLY C 48 11.32 28.92 -6.95
C GLY C 48 12.14 29.30 -5.71
N PHE C 49 13.29 29.92 -5.95
CA PHE C 49 14.18 30.42 -4.89
C PHE C 49 13.40 31.17 -3.79
N GLY C 50 13.61 30.75 -2.52
CA GLY C 50 13.13 31.41 -1.30
C GLY C 50 11.64 31.22 -1.05
N ASN C 51 10.92 30.31 -1.73
CA ASN C 51 9.43 30.24 -1.66
C ASN C 51 9.03 28.82 -1.22
N LYS C 52 9.01 28.62 0.08
CA LYS C 52 8.53 27.38 0.72
C LYS C 52 7.04 27.29 0.41
N ARG C 53 6.57 26.14 -0.05
CA ARG C 53 5.14 25.86 -0.22
C ARG C 53 4.51 25.60 1.15
N GLN C 54 3.22 25.24 1.15
CA GLN C 54 2.57 24.92 2.43
C GLN C 54 3.32 23.74 3.12
N TYR C 55 3.70 22.70 2.37
CA TYR C 55 4.42 21.51 2.87
C TYR C 55 5.86 21.62 2.39
N ASP C 56 6.79 21.16 3.21
CA ASP C 56 8.22 21.05 2.80
C ASP C 56 8.75 19.62 3.14
N TYR C 57 8.34 19.01 4.25
CA TYR C 57 8.97 17.74 4.72
C TYR C 57 7.98 16.92 5.54
N THR C 58 7.76 15.61 5.22
CA THR C 58 6.66 14.85 5.86
C THR C 58 6.82 14.68 7.38
N ARG C 59 8.01 14.73 7.99
CA ARG C 59 8.15 14.50 9.44
C ARG C 59 7.34 15.65 10.10
N SER C 60 7.34 16.81 9.46
CA SER C 60 6.86 18.08 10.07
C SER C 60 5.35 18.34 9.72
N GLY C 61 4.91 18.04 8.47
CA GLY C 61 3.58 18.29 7.89
C GLY C 61 3.42 17.44 6.61
N ASN C 62 2.30 16.75 6.43
CA ASN C 62 1.99 15.92 5.23
C ASN C 62 0.49 15.99 5.02
N PRO C 63 0.02 16.24 3.79
CA PRO C 63 -1.42 16.46 3.57
C PRO C 63 -2.30 15.26 3.87
N THR C 64 -1.85 14.05 3.60
CA THR C 64 -2.67 12.83 3.89
C THR C 64 -2.86 12.70 5.42
N ARG C 65 -1.77 12.90 6.17
CA ARG C 65 -1.81 12.85 7.65
C ARG C 65 -2.74 13.97 8.21
N ASP C 66 -2.62 15.18 7.67
CA ASP C 66 -3.38 16.37 8.10
C ASP C 66 -4.88 16.17 7.81
N LEU C 67 -5.27 15.48 6.77
CA LEU C 67 -6.70 15.22 6.58
C LEU C 67 -7.22 14.44 7.76
N LEU C 68 -6.48 13.42 8.22
CA LEU C 68 -6.94 12.63 9.34
C LEU C 68 -6.98 13.51 10.60
N GLY C 69 -5.92 14.26 10.81
CA GLY C 69 -5.89 15.28 11.88
C GLY C 69 -7.11 16.16 11.92
N GLU C 70 -7.44 16.75 10.78
CA GLU C 70 -8.59 17.64 10.67
C GLU C 70 -9.88 16.85 10.87
N ALA C 71 -10.03 15.66 10.31
CA ALA C 71 -11.29 14.89 10.54
C ALA C 71 -11.42 14.57 12.06
N LEU C 72 -10.33 14.20 12.75
CA LEU C 72 -10.50 13.91 14.17
C LEU C 72 -10.73 15.21 14.97
N ALA C 73 -10.08 16.31 14.62
CA ALA C 73 -10.30 17.60 15.29
C ALA C 73 -11.80 17.97 15.17
N GLU C 74 -12.36 17.84 13.98
CA GLU C 74 -13.79 18.14 13.71
C GLU C 74 -14.71 17.21 14.51
N LEU C 75 -14.49 15.93 14.61
CA LEU C 75 -15.34 15.01 15.41
C LEU C 75 -15.19 15.34 16.90
N GLU C 76 -14.01 15.69 17.41
CA GLU C 76 -13.86 15.94 18.86
C GLU C 76 -14.29 17.40 19.19
N GLY C 77 -14.44 18.29 18.23
CA GLY C 77 -14.73 19.72 18.44
C GLY C 77 -13.48 20.48 18.80
N GLY C 78 -12.29 20.14 18.30
CA GLY C 78 -11.09 20.88 18.73
C GLY C 78 -10.53 21.80 17.67
N ALA C 79 -9.43 22.48 17.96
CA ALA C 79 -8.77 23.47 17.09
C ALA C 79 -7.91 22.72 16.06
N GLY C 80 -7.43 21.53 16.33
CA GLY C 80 -6.59 20.77 15.37
C GLY C 80 -6.18 19.44 15.98
N GLY C 81 -5.67 18.56 15.16
CA GLY C 81 -5.23 17.22 15.54
C GLY C 81 -3.81 16.94 15.09
N VAL C 82 -3.07 16.20 15.90
CA VAL C 82 -1.75 15.68 15.53
C VAL C 82 -1.88 14.17 15.50
N ILE C 83 -1.31 13.54 14.49
CA ILE C 83 -1.36 12.07 14.28
C ILE C 83 0.04 11.50 14.59
N THR C 84 0.10 10.49 15.45
CA THR C 84 1.35 9.87 15.92
C THR C 84 1.45 8.48 15.36
N SER C 85 2.64 7.94 15.43
CA SER C 85 2.90 6.58 14.95
C SER C 85 2.28 5.51 15.86
N THR C 86 1.98 5.80 17.12
CA THR C 86 1.23 4.91 18.02
C THR C 86 0.42 5.70 19.02
N GLY C 87 -0.51 5.03 19.66
CA GLY C 87 -1.24 5.64 20.81
C GLY C 87 -0.30 6.02 21.93
N MET C 88 0.65 5.16 22.27
CA MET C 88 1.64 5.51 23.32
C MET C 88 2.40 6.77 22.90
N GLY C 89 2.68 6.95 21.62
CA GLY C 89 3.35 8.17 21.14
C GLY C 89 2.52 9.39 21.35
N ALA C 90 1.20 9.26 21.25
CA ALA C 90 0.28 10.36 21.56
C ALA C 90 0.38 10.76 23.05
N ILE C 91 0.43 9.81 23.95
CA ILE C 91 0.66 10.04 25.39
C ILE C 91 2.04 10.67 25.61
N ASN C 92 3.06 10.08 24.97
CA ASN C 92 4.44 10.63 25.00
C ASN C 92 4.44 12.10 24.55
N LEU C 93 3.80 12.40 23.41
CA LEU C 93 3.73 13.79 22.92
C LEU C 93 3.14 14.75 23.98
N VAL C 94 2.02 14.41 24.60
CA VAL C 94 1.40 15.30 25.62
C VAL C 94 2.35 15.50 26.80
N LEU C 95 2.94 14.44 27.33
CA LEU C 95 3.90 14.54 28.46
C LEU C 95 5.01 15.54 28.14
N ASN C 96 5.56 15.50 26.92
CA ASN C 96 6.65 16.40 26.52
C ASN C 96 6.10 17.80 26.23
N ALA C 97 4.91 17.98 25.68
CA ALA C 97 4.47 19.35 25.39
C ALA C 97 4.06 20.04 26.68
N VAL C 98 3.56 19.30 27.63
CA VAL C 98 2.90 19.94 28.79
C VAL C 98 3.78 19.98 30.01
N LEU C 99 4.52 18.96 30.36
CA LEU C 99 5.18 18.85 31.69
C LEU C 99 6.66 19.20 31.59
N GLN C 100 7.26 19.51 32.72
CA GLN C 100 8.72 19.69 32.94
C GLN C 100 9.06 19.36 34.40
N PRO C 101 10.34 19.12 34.77
CA PRO C 101 10.68 18.76 36.15
C PRO C 101 10.10 19.78 37.11
N GLY C 102 9.66 19.30 38.25
CA GLY C 102 8.92 20.08 39.26
C GLY C 102 7.41 20.05 39.05
N ASP C 103 6.90 19.67 37.87
CA ASP C 103 5.44 19.58 37.63
C ASP C 103 5.02 18.20 38.12
N THR C 104 3.73 18.09 38.44
CA THR C 104 3.11 16.85 38.89
C THR C 104 2.00 16.51 37.90
N LEU C 105 1.87 15.24 37.67
CA LEU C 105 0.84 14.65 36.82
C LEU C 105 -0.03 13.76 37.72
N VAL C 106 -1.33 13.90 37.58
CA VAL C 106 -2.27 13.00 38.27
C VAL C 106 -2.74 11.94 37.28
N VAL C 107 -2.68 10.69 37.69
CA VAL C 107 -2.98 9.49 36.87
C VAL C 107 -4.04 8.68 37.60
N PRO C 108 -5.04 8.14 36.89
CA PRO C 108 -5.99 7.22 37.49
C PRO C 108 -5.27 5.96 37.98
N HIS C 109 -5.69 5.44 39.12
CA HIS C 109 -5.21 4.17 39.71
C HIS C 109 -5.34 3.05 38.68
N ASP C 110 -6.35 3.03 37.81
CA ASP C 110 -6.58 1.84 36.95
C ASP C 110 -6.26 2.21 35.48
N ALA C 111 -5.48 3.24 35.20
CA ALA C 111 -5.16 3.61 33.79
C ALA C 111 -4.51 2.41 33.04
N TYR C 112 -4.58 2.43 31.74
CA TYR C 112 -3.87 1.54 30.80
C TYR C 112 -2.41 1.24 31.27
N GLY C 113 -2.05 -0.04 31.37
CA GLY C 113 -0.72 -0.56 31.78
C GLY C 113 0.42 0.08 30.93
N GLY C 114 0.25 0.34 29.61
CA GLY C 114 1.32 0.98 28.80
C GLY C 114 1.49 2.43 29.25
N SER C 115 0.42 3.04 29.70
CA SER C 115 0.44 4.44 30.18
C SER C 115 1.21 4.41 31.50
N TRP C 116 0.85 3.50 32.41
CA TRP C 116 1.57 3.36 33.73
C TRP C 116 3.09 3.10 33.49
N ARG C 117 3.45 2.19 32.58
CA ARG C 117 4.88 1.81 32.31
C ARG C 117 5.65 3.07 31.90
N LEU C 118 5.05 3.88 31.01
CA LEU C 118 5.69 5.11 30.51
C LEU C 118 5.77 6.14 31.64
N PHE C 119 4.67 6.39 32.35
CA PHE C 119 4.70 7.36 33.48
C PHE C 119 5.72 6.89 34.51
N ASN C 120 5.76 5.64 34.91
CA ASN C 120 6.75 5.21 35.96
C ASN C 120 8.17 5.38 35.49
N ALA C 121 8.46 5.11 34.21
CA ALA C 121 9.86 5.15 33.70
C ALA C 121 10.32 6.59 33.66
N LEU C 122 9.46 7.52 33.23
CA LEU C 122 9.89 8.92 33.13
C LEU C 122 9.89 9.60 34.53
N ALA C 123 9.01 9.22 35.43
CA ALA C 123 9.03 9.80 36.80
C ALA C 123 10.27 9.32 37.56
N LYS C 124 10.63 8.07 37.37
CA LYS C 124 11.83 7.49 38.00
C LYS C 124 13.05 8.33 37.59
N LYS C 125 13.10 8.89 36.38
CA LYS C 125 14.21 9.78 35.97
C LYS C 125 13.99 11.20 36.45
N GLY C 126 12.88 11.56 37.07
CA GLY C 126 12.76 13.00 37.49
C GLY C 126 12.26 13.87 36.35
N HIS C 127 11.58 13.34 35.33
CA HIS C 127 10.98 14.23 34.30
C HIS C 127 9.79 15.03 34.87
N PHE C 128 9.15 14.49 35.89
CA PHE C 128 7.93 15.07 36.51
C PHE C 128 7.62 14.15 37.69
N ALA C 129 6.72 14.57 38.58
CA ALA C 129 6.25 13.72 39.69
C ALA C 129 4.82 13.21 39.35
N LEU C 130 4.50 12.03 39.83
CA LEU C 130 3.23 11.31 39.68
C LEU C 130 2.45 11.40 41.00
N ILE C 131 1.15 11.57 40.92
CA ILE C 131 0.17 11.32 42.00
C ILE C 131 -0.82 10.32 41.43
N THR C 132 -1.09 9.24 42.14
CA THR C 132 -2.14 8.31 41.74
C THR C 132 -3.43 8.65 42.49
N ALA C 133 -4.58 8.54 41.84
CA ALA C 133 -5.88 8.96 42.40
C ALA C 133 -6.95 8.07 41.81
N ASP C 134 -7.97 7.82 42.59
CA ASP C 134 -9.23 7.22 42.10
C ASP C 134 -10.13 8.39 41.77
N LEU C 135 -10.24 8.74 40.50
CA LEU C 135 -11.02 9.90 40.06
C LEU C 135 -12.53 9.70 40.28
N THR C 136 -13.02 8.51 40.60
CA THR C 136 -14.45 8.30 40.97
C THR C 136 -14.65 8.54 42.48
N VAL C 137 -13.61 8.81 43.26
CA VAL C 137 -13.70 9.10 44.72
C VAL C 137 -13.40 10.57 44.95
N PRO C 138 -14.40 11.37 45.39
CA PRO C 138 -14.16 12.81 45.51
C PRO C 138 -12.94 13.16 46.37
N ARG C 139 -12.75 12.48 47.49
CA ARG C 139 -11.67 12.85 48.42
C ARG C 139 -10.30 12.52 47.77
N SER C 140 -10.18 11.42 47.05
CA SER C 140 -8.95 11.03 46.31
C SER C 140 -8.60 12.12 45.30
N LEU C 141 -9.59 12.58 44.55
CA LEU C 141 -9.34 13.66 43.60
C LEU C 141 -8.92 14.89 44.38
N ALA C 142 -9.68 15.29 45.42
CA ALA C 142 -9.47 16.58 46.09
C ALA C 142 -8.04 16.60 46.67
N ASP C 143 -7.58 15.50 47.27
CA ASP C 143 -6.21 15.37 47.82
C ASP C 143 -5.13 15.52 46.71
N ALA C 144 -5.36 15.00 45.52
CA ALA C 144 -4.44 15.17 44.37
C ALA C 144 -4.43 16.62 44.00
N LEU C 145 -5.59 17.23 43.85
CA LEU C 145 -5.64 18.63 43.34
C LEU C 145 -5.10 19.63 44.35
N ALA C 146 -5.10 19.33 45.65
CA ALA C 146 -4.58 20.24 46.71
C ALA C 146 -3.05 20.37 46.57
N GLN C 147 -2.40 19.49 45.83
CA GLN C 147 -0.96 19.53 45.49
C GLN C 147 -0.72 20.41 44.24
N SER C 148 -1.71 21.10 43.67
CA SER C 148 -1.52 21.99 42.50
C SER C 148 -0.89 21.24 41.33
N PRO C 149 -1.46 20.16 40.77
CA PRO C 149 -0.79 19.43 39.70
C PRO C 149 -0.83 20.24 38.41
N LYS C 150 0.05 19.93 37.46
CA LYS C 150 0.01 20.64 36.17
C LYS C 150 -1.05 20.00 35.27
N LEU C 151 -1.17 18.68 35.34
CA LEU C 151 -1.96 17.95 34.32
C LEU C 151 -2.64 16.84 35.04
N VAL C 152 -3.87 16.55 34.65
CA VAL C 152 -4.67 15.40 35.14
C VAL C 152 -5.09 14.59 33.95
N LEU C 153 -4.82 13.31 34.02
CA LEU C 153 -5.21 12.35 32.98
C LEU C 153 -6.51 11.68 33.46
N ILE C 154 -7.49 11.60 32.55
CA ILE C 154 -8.72 10.83 32.75
C ILE C 154 -8.80 9.74 31.70
N GLU C 155 -9.14 8.54 32.11
CA GLU C 155 -9.37 7.44 31.13
C GLU C 155 -10.72 6.84 31.46
N THR C 156 -11.73 7.19 30.66
CA THR C 156 -13.09 6.69 30.95
C THR C 156 -13.75 6.22 29.68
N PRO C 157 -14.49 5.10 29.69
CA PRO C 157 -14.46 4.10 30.76
C PRO C 157 -13.10 3.44 30.94
N SER C 158 -12.88 2.85 32.10
CA SER C 158 -11.60 2.21 32.47
C SER C 158 -11.62 0.78 31.91
N ASN C 159 -10.49 0.15 31.86
CA ASN C 159 -10.31 -1.20 31.30
C ASN C 159 -9.65 -2.01 32.39
N PRO C 160 -10.07 -3.23 32.81
CA PRO C 160 -11.18 -3.96 32.22
C PRO C 160 -12.53 -3.87 32.96
N LEU C 161 -12.64 -3.04 34.01
CA LEU C 161 -13.87 -3.01 34.86
C LEU C 161 -14.86 -1.91 34.44
N LEU C 162 -14.60 -1.14 33.40
CA LEU C 162 -15.55 -0.13 32.85
C LEU C 162 -16.05 0.80 33.94
N ARG C 163 -15.17 1.29 34.79
CA ARG C 163 -15.46 2.41 35.75
C ARG C 163 -15.63 3.68 34.95
N ILE C 164 -16.62 4.46 35.33
CA ILE C 164 -16.94 5.72 34.64
C ILE C 164 -16.43 6.88 35.49
N THR C 165 -15.62 7.75 34.92
CA THR C 165 -15.23 8.98 35.59
C THR C 165 -16.15 10.08 35.10
N ASP C 166 -16.53 10.94 36.03
CA ASP C 166 -17.46 12.04 35.75
C ASP C 166 -16.68 13.19 35.17
N LEU C 167 -16.77 13.36 33.87
CA LEU C 167 -15.94 14.37 33.17
C LEU C 167 -16.19 15.75 33.75
N ARG C 168 -17.44 16.18 33.79
CA ARG C 168 -17.74 17.58 34.21
C ARG C 168 -17.19 17.80 35.64
N PHE C 169 -17.43 16.87 36.54
CA PHE C 169 -16.95 16.99 37.95
C PHE C 169 -15.42 17.15 37.93
N VAL C 170 -14.73 16.21 37.27
CA VAL C 170 -13.23 16.22 37.36
C VAL C 170 -12.67 17.46 36.72
N ILE C 171 -13.19 17.80 35.53
CA ILE C 171 -12.58 18.88 34.72
C ILE C 171 -12.83 20.22 35.42
N GLU C 172 -14.02 20.51 35.92
CA GLU C 172 -14.25 21.78 36.65
C GLU C 172 -13.41 21.83 37.92
N ALA C 173 -13.25 20.74 38.67
CA ALA C 173 -12.36 20.82 39.89
C ALA C 173 -10.90 21.08 39.48
N ALA C 174 -10.41 20.42 38.42
CA ALA C 174 -9.04 20.63 37.92
C ALA C 174 -8.87 22.11 37.53
N LYS C 175 -9.77 22.66 36.75
CA LYS C 175 -9.66 24.06 36.31
C LYS C 175 -9.57 25.02 37.51
N LYS C 176 -10.29 24.77 38.59
CA LYS C 176 -10.25 25.66 39.77
C LYS C 176 -8.85 25.71 40.36
N VAL C 177 -8.02 24.69 40.26
CA VAL C 177 -6.62 24.79 40.77
C VAL C 177 -5.65 25.06 39.60
N GLY C 178 -6.13 25.39 38.41
CA GLY C 178 -5.26 25.74 37.28
C GLY C 178 -4.62 24.52 36.63
N ALA C 179 -5.13 23.31 36.77
CA ALA C 179 -4.59 22.11 36.09
C ALA C 179 -5.25 21.97 34.72
N LEU C 180 -4.44 21.56 33.74
CA LEU C 180 -4.94 21.10 32.44
C LEU C 180 -5.44 19.66 32.59
N THR C 181 -6.43 19.30 31.77
CA THR C 181 -6.93 17.90 31.71
C THR C 181 -6.70 17.32 30.31
N VAL C 182 -6.32 16.05 30.30
CA VAL C 182 -6.20 15.24 29.09
C VAL C 182 -7.07 14.02 29.27
N VAL C 183 -7.94 13.73 28.31
CA VAL C 183 -8.76 12.52 28.36
C VAL C 183 -8.33 11.53 27.30
N ASP C 184 -8.10 10.30 27.75
CA ASP C 184 -7.87 9.15 26.85
C ASP C 184 -9.24 8.60 26.49
N ASN C 185 -9.70 8.90 25.27
CA ASN C 185 -11.04 8.62 24.73
C ASN C 185 -11.02 7.40 23.78
N THR C 186 -10.05 6.51 23.94
CA THR C 186 -9.83 5.36 23.06
C THR C 186 -11.03 4.43 23.08
N PHE C 187 -11.56 4.13 24.27
CA PHE C 187 -12.56 3.05 24.46
C PHE C 187 -13.85 3.41 23.75
N LEU C 188 -14.23 4.66 23.69
CA LEU C 188 -15.57 4.98 23.10
C LEU C 188 -15.47 5.66 21.73
N SER C 189 -14.34 6.31 21.43
CA SER C 189 -14.14 7.07 20.18
C SER C 189 -14.92 8.35 20.27
N PRO C 190 -14.66 9.26 19.33
CA PRO C 190 -15.36 10.52 19.29
C PRO C 190 -16.82 10.40 18.93
N ALA C 191 -17.24 9.30 18.32
CA ALA C 191 -18.66 9.17 17.97
C ALA C 191 -19.48 8.99 19.25
N LEU C 192 -18.93 8.45 20.34
CA LEU C 192 -19.70 8.08 21.57
C LEU C 192 -19.42 9.01 22.78
N GLN C 193 -18.41 9.86 22.73
CA GLN C 193 -18.02 10.70 23.87
C GLN C 193 -17.14 11.79 23.33
N LYS C 194 -17.43 12.98 23.77
CA LYS C 194 -16.73 14.22 23.38
C LYS C 194 -16.23 14.98 24.60
N PRO C 195 -15.05 14.61 25.11
CA PRO C 195 -14.53 15.22 26.33
C PRO C 195 -14.28 16.72 26.22
N LEU C 196 -14.03 17.23 25.03
CA LEU C 196 -13.78 18.69 24.86
C LEU C 196 -15.08 19.43 25.07
N ASP C 197 -16.25 18.81 24.93
CA ASP C 197 -17.53 19.50 25.19
C ASP C 197 -17.63 19.79 26.70
N PHE C 198 -16.94 19.05 27.57
CA PHE C 198 -16.97 19.19 29.03
C PHE C 198 -15.83 20.11 29.46
N GLY C 199 -15.06 20.68 28.55
CA GLY C 199 -14.02 21.67 28.89
C GLY C 199 -12.61 21.08 29.02
N ALA C 200 -12.41 19.82 28.66
CA ALA C 200 -11.04 19.23 28.65
C ALA C 200 -10.10 20.02 27.74
N ASP C 201 -8.79 20.09 28.07
CA ASP C 201 -7.81 20.77 27.23
C ASP C 201 -7.44 19.90 26.05
N LEU C 202 -7.38 18.60 26.28
CA LEU C 202 -6.83 17.67 25.31
C LEU C 202 -7.66 16.42 25.33
N VAL C 203 -7.73 15.79 24.18
CA VAL C 203 -8.26 14.44 24.12
C VAL C 203 -7.30 13.64 23.25
N LEU C 204 -7.08 12.41 23.59
CA LEU C 204 -6.20 11.57 22.76
C LEU C 204 -6.74 10.16 22.58
N HIS C 205 -6.25 9.50 21.54
CA HIS C 205 -6.76 8.16 21.14
C HIS C 205 -5.57 7.31 20.73
N SER C 206 -5.67 6.00 20.93
CA SER C 206 -5.08 4.99 20.03
C SER C 206 -6.04 4.78 18.86
N THR C 207 -5.67 5.23 17.67
CA THR C 207 -6.42 4.99 16.45
C THR C 207 -6.35 3.49 16.06
N THR C 208 -5.45 2.72 16.65
CA THR C 208 -5.32 1.26 16.53
C THR C 208 -6.66 0.53 16.73
N1 LLP C 209 -4.73 4.10 25.59
C2 LLP C 209 -5.64 3.13 25.66
C2' LLP C 209 -6.88 3.31 26.53
C3 LLP C 209 -5.41 1.95 25.01
O3 LLP C 209 -6.37 1.05 25.04
C4 LLP C 209 -4.24 1.76 24.25
C4' LLP C 209 -4.10 0.54 23.39
C5 LLP C 209 -3.29 2.78 24.27
C6 LLP C 209 -3.57 3.93 24.94
C5' LLP C 209 -1.99 2.68 23.54
OP4 LLP C 209 -2.21 2.76 22.10
P LLP C 209 -1.16 2.03 21.05
OP1 LLP C 209 -1.71 2.34 19.65
OP2 LLP C 209 -1.23 0.58 21.39
OP3 LLP C 209 0.24 2.66 21.35
N LLP C 209 -7.52 1.14 17.52
CA LLP C 209 -8.70 0.55 18.08
CB LLP C 209 -8.64 0.86 19.60
CG LLP C 209 -7.67 -0.14 20.25
CD LLP C 209 -6.67 0.34 21.22
CE LLP C 209 -5.52 -0.64 21.63
NZ LLP C 209 -5.18 -0.22 23.02
C LLP C 209 -9.88 0.86 17.20
O LLP C 209 -9.80 0.55 16.04
N TYR C 210 -10.95 1.47 17.68
CA TYR C 210 -12.15 1.70 16.92
C TYR C 210 -11.98 2.60 15.70
N ILE C 211 -11.19 3.66 15.79
CA ILE C 211 -11.19 4.68 14.72
C ILE C 211 -10.74 4.05 13.40
N ASN C 212 -9.66 3.27 13.45
CA ASN C 212 -9.23 2.48 12.26
C ASN C 212 -10.23 1.32 12.05
N GLY C 213 -10.47 0.54 13.08
CA GLY C 213 -11.47 -0.53 13.13
C GLY C 213 -11.06 -1.85 12.48
N HIS C 214 -9.93 -1.96 11.75
CA HIS C 214 -9.62 -3.14 10.90
C HIS C 214 -8.32 -3.82 11.32
N SER C 215 -7.77 -3.48 12.49
CA SER C 215 -6.65 -4.25 13.10
C SER C 215 -5.43 -4.24 12.19
N ASP C 216 -5.28 -3.25 11.33
CA ASP C 216 -4.15 -3.29 10.37
C ASP C 216 -3.34 -1.98 10.43
N VAL C 217 -3.54 -1.13 11.44
CA VAL C 217 -2.75 0.10 11.66
C VAL C 217 -2.56 0.24 13.15
N VAL C 218 -1.36 0.62 13.56
CA VAL C 218 -1.08 1.08 14.90
C VAL C 218 -0.92 2.59 14.71
N GLY C 219 -1.62 3.42 15.50
CA GLY C 219 -1.57 4.90 15.37
C GLY C 219 -2.13 5.59 16.62
N GLY C 220 -1.89 6.89 16.76
CA GLY C 220 -2.45 7.74 17.78
C GLY C 220 -2.86 9.07 17.23
N ALA C 221 -3.54 9.84 18.06
CA ALA C 221 -4.00 11.19 17.77
C ALA C 221 -4.16 11.98 19.06
N VAL C 222 -3.88 13.26 18.98
CA VAL C 222 -4.17 14.21 20.03
C VAL C 222 -4.88 15.36 19.39
N VAL C 223 -5.95 15.76 20.02
CA VAL C 223 -6.75 16.92 19.63
C VAL C 223 -6.74 17.89 20.81
N ALA C 224 -6.37 19.12 20.53
CA ALA C 224 -6.40 20.22 21.49
C ALA C 224 -7.63 21.08 21.25
N ARG C 225 -8.23 21.53 22.35
CA ARG C 225 -9.35 22.49 22.29
C ARG C 225 -8.82 23.79 21.72
N ASP C 226 -7.67 24.24 22.24
CA ASP C 226 -7.14 25.59 21.94
C ASP C 226 -6.04 25.54 20.85
N ALA C 227 -6.08 26.52 19.93
CA ALA C 227 -5.20 26.66 18.75
C ALA C 227 -3.74 26.75 19.21
N GLU C 228 -3.51 27.42 20.29
CA GLU C 228 -2.13 27.65 20.74
C GLU C 228 -1.58 26.33 21.30
N LEU C 229 -2.33 25.55 22.09
CA LEU C 229 -1.76 24.26 22.55
C LEU C 229 -1.54 23.34 21.33
N HIS C 230 -2.46 23.37 20.37
CA HIS C 230 -2.35 22.59 19.10
C HIS C 230 -0.99 22.85 18.43
N GLN C 231 -0.58 24.09 18.32
CA GLN C 231 0.68 24.57 17.69
C GLN C 231 1.86 24.02 18.50
N GLN C 232 1.76 24.00 19.81
CA GLN C 232 2.81 23.38 20.65
C GLN C 232 2.87 21.89 20.40
N LEU C 233 1.74 21.22 20.21
CA LEU C 233 1.82 19.77 19.94
C LEU C 233 2.48 19.49 18.58
N VAL C 234 2.18 20.30 17.56
CA VAL C 234 2.75 20.16 16.22
C VAL C 234 4.27 20.29 16.35
N TRP C 235 4.72 21.30 17.09
CA TRP C 235 6.15 21.59 17.20
C TRP C 235 6.86 20.42 17.91
N TRP C 236 6.33 19.92 19.01
CA TRP C 236 6.91 18.81 19.79
C TRP C 236 6.87 17.50 18.99
N ALA C 237 5.81 17.26 18.23
CA ALA C 237 5.73 16.02 17.45
C ALA C 237 6.82 16.00 16.36
N ASN C 238 7.04 17.11 15.70
CA ASN C 238 8.10 17.29 14.67
C ASN C 238 9.48 17.12 15.37
N ALA C 239 9.71 17.79 16.49
CA ALA C 239 11.02 17.82 17.19
C ALA C 239 11.35 16.44 17.76
N LEU C 240 10.38 15.70 18.25
CA LEU C 240 10.59 14.36 18.86
C LEU C 240 10.55 13.22 17.85
N GLY C 241 10.05 13.51 16.65
CA GLY C 241 9.96 12.50 15.59
C GLY C 241 8.84 11.52 15.82
N LEU C 242 7.69 11.96 16.36
CA LEU C 242 6.60 11.06 16.77
C LEU C 242 5.48 10.97 15.72
N THR C 243 5.49 11.79 14.67
CA THR C 243 4.51 11.73 13.59
C THR C 243 4.48 10.36 12.90
N GLY C 244 3.29 10.04 12.40
CA GLY C 244 2.98 8.74 11.77
C GLY C 244 3.22 8.75 10.24
N SER C 245 3.14 7.58 9.67
CA SER C 245 3.24 7.27 8.23
C SER C 245 1.97 7.76 7.51
N PRO C 246 2.13 8.44 6.37
CA PRO C 246 0.98 8.80 5.52
C PRO C 246 0.17 7.61 5.09
N PHE C 247 0.81 6.50 4.82
CA PHE C 247 0.06 5.30 4.38
C PHE C 247 -0.89 4.91 5.51
N ASP C 248 -0.39 4.86 6.73
CA ASP C 248 -1.23 4.53 7.92
C ASP C 248 -2.37 5.54 8.07
N ALA C 249 -2.13 6.82 7.83
CA ALA C 249 -3.17 7.83 7.90
C ALA C 249 -4.24 7.57 6.85
N PHE C 250 -3.84 7.15 5.67
CA PHE C 250 -4.77 6.77 4.59
C PHE C 250 -5.66 5.62 5.05
N LEU C 251 -5.08 4.53 5.53
CA LEU C 251 -5.90 3.37 5.93
C LEU C 251 -6.82 3.77 7.11
N THR C 252 -6.33 4.58 8.03
CA THR C 252 -7.15 5.02 9.19
C THR C 252 -8.27 5.96 8.82
N LEU C 253 -8.08 6.88 7.92
CA LEU C 253 -9.20 7.65 7.42
C LEU C 253 -10.20 6.72 6.70
N ARG C 254 -9.72 5.78 5.93
CA ARG C 254 -10.63 4.79 5.31
C ARG C 254 -11.48 4.10 6.39
N GLY C 255 -10.85 3.59 7.43
CA GLY C 255 -11.64 2.98 8.50
C GLY C 255 -12.60 3.97 9.15
N LEU C 256 -12.22 5.23 9.38
CA LEU C 256 -13.06 6.22 10.08
C LEU C 256 -14.39 6.33 9.38
N ARG C 257 -14.37 6.30 8.05
CA ARG C 257 -15.59 6.49 7.25
C ARG C 257 -16.73 5.54 7.67
N THR C 258 -16.45 4.35 8.20
CA THR C 258 -17.48 3.41 8.61
C THR C 258 -17.62 3.41 10.14
N LEU C 259 -17.04 4.35 10.87
CA LEU C 259 -17.05 4.26 12.38
C LEU C 259 -18.51 4.25 12.90
N ASP C 260 -19.31 5.14 12.43
CA ASP C 260 -20.73 5.24 12.81
C ASP C 260 -21.45 3.93 12.45
N ALA C 261 -21.31 3.45 11.23
CA ALA C 261 -22.00 2.24 10.75
C ALA C 261 -21.52 1.04 11.53
N ARG C 262 -20.22 0.97 11.84
CA ARG C 262 -19.67 -0.12 12.66
C ARG C 262 -20.23 -0.06 14.11
N LEU C 263 -20.20 1.07 14.72
CA LEU C 263 -20.65 1.22 16.17
C LEU C 263 -22.16 0.88 16.29
N ARG C 264 -22.99 1.16 15.32
CA ARG C 264 -24.41 0.75 15.46
C ARG C 264 -24.50 -0.76 15.63
N VAL C 265 -23.72 -1.53 14.89
CA VAL C 265 -23.79 -3.00 15.00
C VAL C 265 -23.05 -3.43 16.29
N HIS C 266 -21.85 -2.85 16.57
CA HIS C 266 -21.08 -3.24 17.76
C HIS C 266 -22.06 -3.11 18.96
N GLN C 267 -22.75 -1.99 19.07
CA GLN C 267 -23.56 -1.73 20.31
C GLN C 267 -24.82 -2.61 20.35
N GLU C 268 -25.44 -2.89 19.21
CA GLU C 268 -26.55 -3.87 19.14
C GLU C 268 -26.07 -5.23 19.66
N ASN C 269 -24.89 -5.66 19.25
CA ASN C 269 -24.35 -6.97 19.68
C ASN C 269 -24.05 -6.94 21.18
N ALA C 270 -23.47 -5.86 21.68
CA ALA C 270 -23.08 -5.76 23.10
C ALA C 270 -24.33 -5.78 24.00
N ASP C 271 -25.35 -5.01 23.66
CA ASP C 271 -26.67 -5.04 24.38
C ASP C 271 -27.21 -6.48 24.43
N ALA C 272 -27.12 -7.24 23.32
CA ALA C 272 -27.62 -8.63 23.32
C ALA C 272 -26.72 -9.50 24.18
N ILE C 273 -25.40 -9.27 24.20
CA ILE C 273 -24.51 -10.21 24.90
C ILE C 273 -24.68 -9.92 26.36
N ALA C 274 -24.75 -8.66 26.72
CA ALA C 274 -24.94 -8.26 28.14
C ALA C 274 -26.24 -8.85 28.68
N GLU C 275 -27.32 -8.81 27.93
CA GLU C 275 -28.56 -9.54 28.32
C GLU C 275 -28.25 -11.04 28.57
N LEU C 276 -27.52 -11.77 27.71
CA LEU C 276 -27.30 -13.23 27.96
C LEU C 276 -26.48 -13.40 29.25
N LEU C 277 -25.44 -12.58 29.45
CA LEU C 277 -24.44 -12.86 30.51
C LEU C 277 -25.01 -12.39 31.86
N ASP C 278 -25.75 -11.32 31.91
CA ASP C 278 -26.19 -10.76 33.21
C ASP C 278 -27.24 -11.68 33.86
N GLY C 279 -26.96 -12.20 35.04
CA GLY C 279 -27.81 -13.18 35.73
C GLY C 279 -27.69 -14.60 35.17
N HIS C 280 -26.88 -14.94 34.17
CA HIS C 280 -26.68 -16.35 33.78
C HIS C 280 -26.06 -17.07 34.98
N ALA C 281 -26.40 -18.32 35.17
CA ALA C 281 -25.95 -19.10 36.34
C ALA C 281 -24.42 -19.22 36.36
N MET C 282 -23.72 -19.22 35.23
CA MET C 282 -22.26 -19.45 35.25
C MET C 282 -21.51 -18.12 35.41
N VAL C 283 -22.20 -16.99 35.50
CA VAL C 283 -21.55 -15.64 35.51
C VAL C 283 -21.85 -14.94 36.84
N ASN C 284 -20.84 -14.64 37.63
CA ASN C 284 -20.95 -13.99 38.96
C ASN C 284 -21.12 -12.50 38.79
N GLN C 285 -20.56 -11.85 37.76
CA GLN C 285 -20.67 -10.37 37.62
C GLN C 285 -20.42 -9.99 36.17
N VAL C 286 -21.09 -8.93 35.74
CA VAL C 286 -20.88 -8.34 34.41
C VAL C 286 -20.46 -6.89 34.63
N TYR C 287 -19.45 -6.46 33.89
CA TYR C 287 -18.93 -5.08 33.96
C TYR C 287 -19.27 -4.46 32.61
N PHE C 288 -20.33 -3.70 32.57
CA PHE C 288 -20.86 -3.10 31.31
C PHE C 288 -21.72 -1.90 31.65
N PRO C 289 -21.40 -0.71 31.14
CA PRO C 289 -22.05 0.50 31.58
C PRO C 289 -23.54 0.54 31.17
N GLY C 290 -23.93 -0.27 30.20
CA GLY C 290 -25.33 -0.44 29.77
C GLY C 290 -26.29 -0.99 30.82
N LEU C 291 -25.80 -1.74 31.79
CA LEU C 291 -26.61 -2.45 32.76
C LEU C 291 -26.93 -1.46 33.85
N ALA C 292 -28.16 -1.50 34.31
CA ALA C 292 -28.69 -0.53 35.30
C ALA C 292 -28.03 -0.73 36.63
N THR C 293 -27.48 -1.91 36.94
CA THR C 293 -26.79 -2.24 38.19
C THR C 293 -25.31 -2.00 38.14
N HIS C 294 -24.81 -1.49 37.01
CA HIS C 294 -23.38 -1.12 36.86
C HIS C 294 -23.17 0.23 37.54
N PRO C 295 -22.15 0.33 38.40
CA PRO C 295 -21.85 1.62 39.03
C PRO C 295 -21.42 2.60 37.94
N GLY C 296 -22.00 3.79 37.93
CA GLY C 296 -21.80 4.78 36.87
C GLY C 296 -22.75 4.64 35.69
N HIS C 297 -23.74 3.73 35.73
CA HIS C 297 -24.75 3.62 34.65
C HIS C 297 -25.35 4.96 34.28
N ALA C 298 -25.88 5.67 35.28
CA ALA C 298 -26.61 6.91 35.02
C ALA C 298 -25.68 7.97 34.47
N LEU C 299 -24.47 8.03 35.02
CA LEU C 299 -23.47 9.00 34.55
C LEU C 299 -23.07 8.66 33.09
N ALA C 300 -22.91 7.38 32.76
CA ALA C 300 -22.55 6.97 31.39
C ALA C 300 -23.71 7.35 30.46
N ALA C 301 -24.97 7.18 30.88
CA ALA C 301 -26.16 7.48 30.04
C ALA C 301 -26.17 8.97 29.74
N ARG C 302 -25.63 9.83 30.60
CA ARG C 302 -25.63 11.30 30.33
C ARG C 302 -24.34 11.74 29.63
N GLN C 303 -23.13 11.25 29.95
CA GLN C 303 -21.98 11.89 29.32
C GLN C 303 -21.55 11.18 28.03
N GLN C 304 -22.12 10.02 27.68
CA GLN C 304 -21.78 9.16 26.55
C GLN C 304 -23.01 9.14 25.60
N LYS C 305 -22.84 8.99 24.27
CA LYS C 305 -23.97 8.82 23.35
C LYS C 305 -24.27 7.34 23.17
N GLY C 306 -23.54 6.42 23.81
CA GLY C 306 -24.01 5.02 23.82
C GLY C 306 -23.16 4.31 24.82
N PHE C 307 -23.43 3.05 25.10
CA PHE C 307 -22.68 2.37 26.20
C PHE C 307 -21.46 1.62 25.62
N GLY C 308 -21.35 1.47 24.29
CA GLY C 308 -20.14 0.90 23.70
C GLY C 308 -20.24 -0.58 23.63
N ALA C 309 -19.10 -1.20 23.39
CA ALA C 309 -19.08 -2.62 23.01
C ALA C 309 -17.92 -3.35 23.69
N MET C 310 -17.30 -2.75 24.70
CA MET C 310 -16.37 -3.48 25.61
C MET C 310 -17.14 -3.89 26.86
N MET C 311 -16.89 -5.09 27.30
CA MET C 311 -17.39 -5.56 28.59
C MET C 311 -16.49 -6.66 29.11
N SER C 312 -16.59 -6.87 30.40
CA SER C 312 -15.96 -7.98 31.14
C SER C 312 -17.00 -8.73 31.94
N PHE C 313 -16.68 -9.94 32.33
CA PHE C 313 -17.53 -10.80 33.16
C PHE C 313 -16.65 -11.84 33.86
N GLU C 314 -17.03 -12.15 35.09
CA GLU C 314 -16.40 -13.18 35.95
C GLU C 314 -17.13 -14.50 35.77
N LEU C 315 -16.44 -15.47 35.23
CA LEU C 315 -16.98 -16.83 35.02
C LEU C 315 -16.75 -17.61 36.31
N GLU C 316 -17.77 -18.28 36.76
CA GLU C 316 -17.78 -19.21 37.90
C GLU C 316 -16.83 -20.39 37.56
N GLY C 317 -16.11 -20.87 38.57
CA GLY C 317 -15.31 -22.10 38.47
C GLY C 317 -13.89 -21.70 38.22
N GLY C 318 -13.06 -22.60 37.86
CA GLY C 318 -11.66 -22.14 38.01
C GLY C 318 -11.15 -21.29 36.87
N GLU C 319 -9.85 -21.11 36.91
CA GLU C 319 -9.04 -21.17 35.71
C GLU C 319 -9.52 -22.37 34.89
N ALA C 320 -9.97 -23.49 35.47
CA ALA C 320 -10.36 -24.67 34.65
C ALA C 320 -11.62 -24.34 33.81
N ALA C 321 -12.55 -23.56 34.37
CA ALA C 321 -13.80 -23.14 33.68
C ALA C 321 -13.40 -22.19 32.54
N VAL C 322 -12.43 -21.32 32.83
CA VAL C 322 -11.95 -20.37 31.82
C VAL C 322 -11.34 -21.15 30.64
N ARG C 323 -10.44 -22.08 30.90
CA ARG C 323 -9.76 -22.86 29.85
C ARG C 323 -10.83 -23.58 29.05
N ALA C 324 -11.84 -24.15 29.71
CA ALA C 324 -12.89 -24.86 28.93
C ALA C 324 -13.70 -23.83 28.08
N PHE C 325 -14.03 -22.67 28.65
CA PHE C 325 -14.86 -21.65 27.97
C PHE C 325 -14.14 -21.28 26.65
N VAL C 326 -12.88 -20.87 26.79
CA VAL C 326 -12.05 -20.27 25.73
C VAL C 326 -11.70 -21.35 24.71
N ASP C 327 -11.67 -22.60 25.14
CA ASP C 327 -11.17 -23.70 24.28
C ASP C 327 -11.93 -23.69 22.96
N GLY C 328 -13.14 -24.15 22.80
CA GLY C 328 -13.61 -24.09 21.38
C GLY C 328 -14.39 -22.84 20.88
N LEU C 329 -14.08 -21.60 21.28
CA LEU C 329 -14.80 -20.41 20.75
C LEU C 329 -14.54 -20.29 19.25
N ARG C 330 -15.58 -20.20 18.42
CA ARG C 330 -15.40 -20.10 16.95
C ARG C 330 -15.37 -18.64 16.47
N TYR C 331 -15.89 -17.69 17.23
CA TYR C 331 -16.09 -16.32 16.67
C TYR C 331 -15.46 -15.26 17.56
N PHE C 332 -14.72 -15.65 18.59
CA PHE C 332 -13.95 -14.72 19.44
C PHE C 332 -12.49 -15.19 19.37
N THR C 333 -11.60 -14.37 18.87
CA THR C 333 -10.16 -14.70 18.78
C THR C 333 -9.52 -14.31 20.10
N LEU C 334 -8.75 -15.20 20.68
CA LEU C 334 -7.95 -14.97 21.88
C LEU C 334 -6.77 -14.10 21.51
N ALA C 335 -6.89 -12.82 21.88
CA ALA C 335 -5.84 -11.83 21.54
C ALA C 335 -6.01 -10.56 22.36
N GLU C 336 -4.97 -9.76 22.35
CA GLU C 336 -5.04 -8.39 22.89
C GLU C 336 -5.62 -7.44 21.82
N SER C 337 -5.67 -6.18 22.19
CA SER C 337 -6.28 -5.12 21.38
C SER C 337 -7.81 -5.27 21.43
N LEU C 338 -8.48 -4.39 20.74
CA LEU C 338 -9.93 -4.21 20.80
C LEU C 338 -10.33 -3.22 19.72
N GLY C 339 -11.64 -3.05 19.56
CA GLY C 339 -12.19 -2.04 18.64
C GLY C 339 -12.17 -2.51 17.20
N GLY C 340 -11.77 -3.75 16.93
CA GLY C 340 -11.83 -4.30 15.57
C GLY C 340 -13.25 -4.79 15.19
N VAL C 341 -13.50 -4.94 13.89
CA VAL C 341 -14.75 -5.45 13.35
C VAL C 341 -14.89 -6.90 13.82
N GLU C 342 -13.80 -7.57 14.11
CA GLU C 342 -13.78 -9.00 14.55
C GLU C 342 -13.84 -9.06 16.09
N SER C 343 -14.67 -9.93 16.63
CA SER C 343 -14.80 -10.13 18.10
C SER C 343 -13.50 -10.75 18.65
N LEU C 344 -13.06 -10.24 19.78
CA LEU C 344 -11.87 -10.73 20.50
C LEU C 344 -12.25 -11.03 21.92
N ILE C 345 -11.56 -11.96 22.53
CA ILE C 345 -11.60 -12.26 23.98
C ILE C 345 -10.17 -12.20 24.52
N ALA C 346 -10.03 -11.68 25.75
CA ALA C 346 -8.74 -11.62 26.49
C ALA C 346 -9.03 -12.04 27.93
N HIS C 347 -8.07 -12.71 28.53
CA HIS C 347 -8.06 -13.13 29.97
C HIS C 347 -7.09 -12.25 30.74
N PRO C 348 -7.54 -11.16 31.41
CA PRO C 348 -6.57 -10.23 32.01
C PRO C 348 -5.46 -10.86 32.90
N ALA C 349 -5.78 -11.89 33.67
CA ALA C 349 -4.82 -12.44 34.63
C ALA C 349 -3.60 -13.07 33.87
N SER C 350 -3.77 -13.63 32.68
CA SER C 350 -2.70 -14.29 31.89
C SER C 350 -2.30 -13.44 30.68
N MET C 351 -2.89 -12.25 30.47
CA MET C 351 -2.66 -11.54 29.19
C MET C 351 -2.36 -10.09 29.57
N THR C 352 -3.37 -9.24 29.62
CA THR C 352 -3.24 -7.78 29.83
C THR C 352 -2.60 -7.48 31.18
N HIS C 353 -2.76 -8.30 32.23
CA HIS C 353 -2.31 -7.96 33.62
C HIS C 353 -1.41 -9.07 34.18
N ALA C 354 -0.82 -9.88 33.30
CA ALA C 354 0.06 -11.03 33.64
C ALA C 354 1.34 -10.51 34.35
N ALA C 355 1.85 -9.32 34.02
CA ALA C 355 3.11 -8.78 34.61
C ALA C 355 2.85 -8.36 36.08
N MET C 356 1.60 -8.11 36.49
CA MET C 356 1.33 -7.75 37.91
C MET C 356 1.53 -9.03 38.74
N THR C 357 1.77 -8.90 40.04
CA THR C 357 1.64 -10.02 41.00
C THR C 357 0.16 -10.36 41.24
N ALA C 358 -0.08 -11.52 41.84
CA ALA C 358 -1.39 -12.08 42.19
C ALA C 358 -2.04 -11.12 43.19
N GLU C 359 -1.20 -10.55 44.01
CA GLU C 359 -1.59 -9.69 45.13
C GLU C 359 -2.03 -8.31 44.57
N ALA C 360 -1.28 -7.71 43.66
CA ALA C 360 -1.68 -6.50 42.91
C ALA C 360 -3.01 -6.70 42.16
N ARG C 361 -3.24 -7.87 41.58
CA ARG C 361 -4.43 -8.17 40.76
C ARG C 361 -5.59 -8.23 41.75
N ALA C 362 -5.45 -8.90 42.89
CA ALA C 362 -6.56 -8.97 43.87
C ALA C 362 -6.84 -7.54 44.36
N ALA C 363 -5.85 -6.69 44.59
CA ALA C 363 -6.09 -5.30 44.99
C ALA C 363 -6.78 -4.54 43.86
N ALA C 364 -6.49 -4.79 42.57
CA ALA C 364 -7.12 -4.03 41.48
C ALA C 364 -8.54 -4.59 41.21
N GLY C 365 -8.93 -5.69 41.85
CA GLY C 365 -10.25 -6.30 41.58
C GLY C 365 -10.29 -7.09 40.27
N ILE C 366 -9.15 -7.66 39.89
CA ILE C 366 -9.03 -8.57 38.72
C ILE C 366 -8.88 -10.00 39.21
N SER C 367 -9.92 -10.74 39.02
CA SER C 367 -10.07 -12.16 39.37
C SER C 367 -9.45 -13.05 38.25
N ASP C 368 -9.10 -14.28 38.61
CA ASP C 368 -8.70 -15.36 37.69
C ASP C 368 -9.84 -15.72 36.75
N GLY C 369 -11.06 -15.52 37.21
CA GLY C 369 -12.28 -15.81 36.46
C GLY C 369 -12.67 -14.69 35.47
N LEU C 370 -11.95 -13.54 35.44
CA LEU C 370 -12.41 -12.38 34.64
C LEU C 370 -12.05 -12.57 33.17
N LEU C 371 -13.02 -12.41 32.28
CA LEU C 371 -12.80 -12.41 30.82
C LEU C 371 -13.29 -11.07 30.27
N ARG C 372 -12.54 -10.53 29.33
CA ARG C 372 -12.85 -9.28 28.61
C ARG C 372 -13.22 -9.59 27.16
N LEU C 373 -14.36 -9.04 26.74
CA LEU C 373 -14.82 -9.12 25.38
C LEU C 373 -14.68 -7.78 24.71
N SER C 374 -14.17 -7.85 23.48
CA SER C 374 -14.26 -6.74 22.50
C SER C 374 -15.24 -7.23 21.43
N ILE C 375 -16.46 -6.77 21.49
CA ILE C 375 -17.57 -7.33 20.67
C ILE C 375 -17.52 -6.65 19.30
N GLY C 376 -17.43 -7.50 18.31
CA GLY C 376 -17.36 -7.08 16.89
C GLY C 376 -18.73 -6.93 16.25
N ILE C 377 -18.73 -6.99 14.91
CA ILE C 377 -19.93 -6.75 14.09
C ILE C 377 -20.40 -8.00 13.34
N GLU C 378 -20.05 -9.16 13.85
CA GLU C 378 -20.62 -10.43 13.37
C GLU C 378 -22.11 -10.43 13.69
N SER C 379 -22.86 -11.41 13.23
CA SER C 379 -24.32 -11.38 13.52
CA SER C 379 -24.33 -11.48 13.51
C SER C 379 -24.54 -11.78 14.98
N ALA C 380 -25.40 -11.02 15.66
CA ALA C 380 -25.71 -11.28 17.07
C ALA C 380 -26.01 -12.76 17.28
N GLU C 381 -26.78 -13.37 16.39
CA GLU C 381 -27.18 -14.80 16.61
C GLU C 381 -25.95 -15.70 16.79
N ASP C 382 -24.92 -15.51 15.96
CA ASP C 382 -23.70 -16.37 16.01
C ASP C 382 -22.92 -16.11 17.27
N LEU C 383 -22.68 -14.85 17.61
CA LEU C 383 -21.94 -14.55 18.85
C LEU C 383 -22.66 -15.17 20.04
N LEU C 384 -23.99 -15.14 20.08
CA LEU C 384 -24.73 -15.73 21.24
C LEU C 384 -24.64 -17.27 21.27
N ILE C 385 -24.71 -17.91 20.13
CA ILE C 385 -24.54 -19.40 20.07
C ILE C 385 -23.13 -19.76 20.57
N ASP C 386 -22.13 -19.01 20.11
CA ASP C 386 -20.73 -19.23 20.56
C ASP C 386 -20.59 -19.05 22.07
N LEU C 387 -21.15 -17.98 22.65
CA LEU C 387 -21.02 -17.78 24.12
C LEU C 387 -21.81 -18.83 24.93
N ARG C 388 -23.06 -19.11 24.54
CA ARG C 388 -23.78 -20.23 25.18
C ARG C 388 -22.94 -21.50 25.15
N ALA C 389 -22.31 -21.90 24.05
CA ALA C 389 -21.57 -23.20 24.07
C ALA C 389 -20.32 -23.03 24.97
N GLY C 390 -19.77 -21.82 25.07
CA GLY C 390 -18.65 -21.58 25.99
C GLY C 390 -19.12 -21.71 27.46
N LEU C 391 -20.26 -21.15 27.81
CA LEU C 391 -20.78 -21.20 29.21
C LEU C 391 -21.12 -22.67 29.58
N SER C 392 -21.56 -23.43 28.60
CA SER C 392 -21.87 -24.87 28.72
C SER C 392 -20.61 -25.73 28.94
N ARG C 393 -19.55 -25.53 28.15
CA ARG C 393 -18.26 -26.19 28.43
C ARG C 393 -17.77 -25.86 29.84
N ALA C 394 -17.83 -24.59 30.23
CA ALA C 394 -17.42 -24.15 31.59
C ALA C 394 -18.23 -24.88 32.67
N GLU C 395 -19.54 -24.91 32.55
CA GLU C 395 -20.46 -25.57 33.50
C GLU C 395 -20.04 -27.05 33.69
N ALA C 396 -19.62 -27.74 32.63
CA ALA C 396 -19.22 -29.17 32.65
C ALA C 396 -17.89 -29.40 33.39
N THR C 397 -17.05 -28.40 33.67
CA THR C 397 -16.02 -28.50 34.75
C THR C 397 -16.88 -28.50 36.02
N LEU C 398 -16.61 -27.78 37.08
CA LEU C 398 -17.51 -27.73 38.31
C LEU C 398 -17.66 -29.13 38.96
N THR C 399 -17.17 -29.25 40.21
CA THR C 399 -17.08 -30.49 41.02
C THR C 399 -17.36 -30.14 42.49
N PRO D 13 -22.67 -23.87 11.13
CA PRO D 13 -22.80 -22.97 9.94
C PRO D 13 -22.98 -21.54 10.49
N CYS D 14 -22.42 -20.50 9.89
CA CYS D 14 -22.48 -19.10 10.39
C CYS D 14 -23.26 -18.32 9.33
N THR D 15 -23.81 -17.16 9.66
CA THR D 15 -24.47 -16.25 8.70
C THR D 15 -23.45 -15.67 7.74
N ALA D 16 -23.94 -15.07 6.67
CA ALA D 16 -23.13 -14.34 5.67
C ALA D 16 -22.40 -13.15 6.31
N ALA D 17 -23.04 -12.36 7.16
CA ALA D 17 -22.35 -11.24 7.83
C ALA D 17 -21.13 -11.77 8.65
N THR D 18 -21.26 -12.85 9.43
CA THR D 18 -20.19 -13.43 10.25
C THR D 18 -19.03 -13.90 9.31
N ALA D 19 -19.36 -14.46 8.16
CA ALA D 19 -18.36 -15.02 7.21
C ALA D 19 -17.57 -13.89 6.57
N ALA D 20 -18.24 -12.82 6.20
CA ALA D 20 -17.59 -11.63 5.60
C ALA D 20 -16.72 -11.00 6.66
N VAL D 21 -17.26 -10.82 7.88
CA VAL D 21 -16.48 -10.13 8.91
C VAL D 21 -15.21 -10.95 9.21
N ARG D 22 -15.31 -12.29 9.30
CA ARG D 22 -14.22 -13.14 9.80
C ARG D 22 -13.46 -13.80 8.63
N ALA D 23 -13.61 -13.29 7.41
CA ALA D 23 -12.98 -13.90 6.22
C ALA D 23 -11.43 -13.91 6.33
N GLY D 24 -10.78 -12.94 6.93
CA GLY D 24 -9.30 -13.01 7.06
C GLY D 24 -8.73 -13.74 8.29
N ILE D 25 -9.57 -13.90 9.30
CA ILE D 25 -9.13 -13.80 10.70
C ILE D 25 -8.56 -15.15 11.19
N ASP D 26 -7.39 -15.10 11.81
CA ASP D 26 -6.69 -16.25 12.43
C ASP D 26 -6.52 -17.36 11.36
N ARG D 27 -6.11 -17.00 10.14
CA ARG D 27 -5.76 -17.89 9.01
C ARG D 27 -4.27 -17.73 8.64
N ASP D 28 -3.44 -17.05 9.43
CA ASP D 28 -2.01 -16.87 9.14
C ASP D 28 -1.22 -17.95 9.89
N THR D 29 -0.58 -18.89 9.18
CA THR D 29 0.24 -19.99 9.77
C THR D 29 1.63 -19.45 10.17
N ALA D 30 2.14 -18.40 9.59
CA ALA D 30 3.51 -17.93 9.93
C ALA D 30 3.56 -17.37 11.37
N TYR D 31 2.66 -16.45 11.74
CA TYR D 31 2.79 -15.58 12.94
C TYR D 31 1.52 -15.56 13.79
N GLY D 32 0.41 -16.15 13.35
CA GLY D 32 -0.87 -15.98 14.06
C GLY D 32 -1.44 -14.58 13.85
N ALA D 33 -1.07 -13.87 12.79
CA ALA D 33 -1.60 -12.50 12.57
C ALA D 33 -3.13 -12.58 12.52
N VAL D 34 -3.78 -11.63 13.17
CA VAL D 34 -5.25 -11.54 13.13
C VAL D 34 -5.72 -11.22 11.71
N THR D 35 -5.19 -10.18 11.11
CA THR D 35 -5.41 -9.66 9.71
C THR D 35 -4.46 -10.42 8.79
N PRO D 36 -4.90 -11.01 7.68
CA PRO D 36 -3.99 -11.80 6.83
C PRO D 36 -2.84 -10.97 6.19
N PRO D 37 -1.57 -11.41 6.22
CA PRO D 37 -0.49 -10.68 5.54
C PRO D 37 -0.78 -10.55 4.03
N ILE D 38 -0.38 -9.44 3.43
CA ILE D 38 -0.58 -9.14 2.00
C ILE D 38 0.55 -9.78 1.19
N VAL D 39 0.23 -10.77 0.36
CA VAL D 39 1.26 -11.51 -0.45
C VAL D 39 1.35 -10.85 -1.84
N LEU D 40 2.18 -9.82 -1.94
CA LEU D 40 2.45 -9.11 -3.22
C LEU D 40 3.30 -10.00 -4.15
N SER D 41 4.06 -10.96 -3.60
CA SER D 41 5.13 -11.72 -4.35
C SER D 41 4.62 -12.18 -5.73
N SER D 42 5.34 -11.87 -6.80
CA SER D 42 4.97 -12.42 -8.16
C SER D 42 5.27 -13.92 -8.21
N ASN D 43 6.28 -14.36 -7.48
CA ASN D 43 6.76 -15.78 -7.57
C ASN D 43 6.98 -16.37 -6.19
N PHE D 44 7.02 -17.69 -6.16
CA PHE D 44 7.15 -18.57 -4.97
C PHE D 44 8.23 -19.65 -5.31
N SER D 45 9.10 -19.96 -4.37
CA SER D 45 10.16 -21.00 -4.47
C SER D 45 9.48 -22.36 -4.63
N PHE D 46 10.10 -23.24 -5.39
CA PHE D 46 9.86 -24.71 -5.33
C PHE D 46 10.40 -25.21 -3.97
N ASP D 47 9.82 -26.26 -3.43
CA ASP D 47 10.26 -26.86 -2.14
C ASP D 47 11.30 -27.94 -2.48
N GLY D 48 12.45 -27.55 -3.01
CA GLY D 48 13.42 -28.50 -3.62
C GLY D 48 13.02 -28.91 -5.03
N PHE D 49 13.99 -29.55 -5.73
CA PHE D 49 13.89 -29.99 -7.13
C PHE D 49 12.58 -30.75 -7.34
N GLY D 50 11.84 -30.35 -8.37
CA GLY D 50 10.58 -30.98 -8.82
C GLY D 50 9.41 -30.91 -7.84
N ASN D 51 9.42 -30.07 -6.80
CA ASN D 51 8.30 -29.97 -5.81
C ASN D 51 7.72 -28.54 -5.88
N LYS D 52 6.78 -28.30 -6.77
CA LYS D 52 5.99 -27.07 -6.79
C LYS D 52 5.21 -26.98 -5.46
N ARG D 53 5.15 -25.81 -4.85
CA ARG D 53 4.23 -25.52 -3.72
C ARG D 53 2.82 -25.30 -4.25
N GLN D 54 1.89 -25.02 -3.36
CA GLN D 54 0.48 -24.74 -3.75
C GLN D 54 0.52 -23.57 -4.76
N TYR D 55 1.36 -22.55 -4.51
CA TYR D 55 1.48 -21.33 -5.34
C TYR D 55 2.84 -21.40 -6.05
N ASP D 56 2.88 -20.90 -7.27
CA ASP D 56 4.16 -20.80 -8.04
C ASP D 56 4.28 -19.41 -8.71
N TYR D 57 3.17 -18.82 -9.16
CA TYR D 57 3.19 -17.56 -9.97
C TYR D 57 1.84 -16.83 -9.78
N THR D 58 1.92 -15.55 -9.40
CA THR D 58 0.78 -14.73 -8.98
C THR D 58 -0.23 -14.59 -10.14
N ARG D 59 0.18 -14.58 -11.43
CA ARG D 59 -0.87 -14.43 -12.49
C ARG D 59 -1.85 -15.62 -12.40
N SER D 60 -1.37 -16.81 -11.98
CA SER D 60 -2.12 -18.10 -12.01
CA SER D 60 -2.12 -18.10 -12.02
C SER D 60 -2.91 -18.27 -10.71
N GLY D 61 -2.29 -18.03 -9.55
CA GLY D 61 -2.89 -18.17 -8.20
C GLY D 61 -2.07 -17.39 -7.20
N ASN D 62 -2.72 -16.78 -6.23
CA ASN D 62 -2.09 -15.92 -5.20
C ASN D 62 -2.97 -16.03 -3.94
N PRO D 63 -2.39 -16.30 -2.76
CA PRO D 63 -3.21 -16.47 -1.57
C PRO D 63 -4.06 -15.25 -1.13
N THR D 64 -3.55 -14.01 -1.21
CA THR D 64 -4.39 -12.85 -0.85
C THR D 64 -5.59 -12.79 -1.82
N ARG D 65 -5.36 -12.96 -3.12
CA ARG D 65 -6.50 -12.91 -4.09
C ARG D 65 -7.44 -14.10 -3.80
N ASP D 66 -6.90 -15.30 -3.48
CA ASP D 66 -7.77 -16.47 -3.24
C ASP D 66 -8.64 -16.27 -2.01
N LEU D 67 -8.21 -15.51 -1.00
CA LEU D 67 -9.02 -15.26 0.21
C LEU D 67 -10.30 -14.49 -0.22
N LEU D 68 -10.14 -13.46 -1.03
CA LEU D 68 -11.31 -12.74 -1.51
C LEU D 68 -12.18 -13.69 -2.35
N GLY D 69 -11.61 -14.42 -3.30
CA GLY D 69 -12.36 -15.45 -4.08
C GLY D 69 -13.20 -16.35 -3.24
N GLU D 70 -12.60 -16.96 -2.22
CA GLU D 70 -13.28 -17.85 -1.30
C GLU D 70 -14.35 -17.10 -0.52
N ALA D 71 -14.10 -15.88 -0.03
CA ALA D 71 -15.11 -15.14 0.74
C ALA D 71 -16.31 -14.93 -0.19
N LEU D 72 -16.10 -14.53 -1.47
CA LEU D 72 -17.25 -14.17 -2.33
C LEU D 72 -17.99 -15.45 -2.71
N ALA D 73 -17.25 -16.53 -2.88
CA ALA D 73 -17.85 -17.86 -3.19
C ALA D 73 -18.72 -18.28 -2.00
N GLU D 74 -18.19 -18.20 -0.80
CA GLU D 74 -18.98 -18.51 0.38
C GLU D 74 -20.25 -17.63 0.41
N LEU D 75 -20.19 -16.30 0.24
CA LEU D 75 -21.39 -15.44 0.31
C LEU D 75 -22.41 -15.75 -0.82
N GLU D 76 -21.97 -16.04 -2.05
CA GLU D 76 -22.88 -16.34 -3.18
C GLU D 76 -23.36 -17.81 -3.12
N GLY D 77 -22.73 -18.68 -2.35
CA GLY D 77 -23.06 -20.12 -2.29
C GLY D 77 -22.52 -20.83 -3.49
N GLY D 78 -21.31 -20.53 -3.93
CA GLY D 78 -20.73 -21.14 -5.13
C GLY D 78 -19.54 -22.00 -4.82
N ALA D 79 -19.00 -22.66 -5.83
CA ALA D 79 -17.91 -23.62 -5.57
C ALA D 79 -16.58 -22.87 -5.55
N GLY D 80 -16.45 -21.71 -6.13
CA GLY D 80 -15.20 -20.93 -6.00
C GLY D 80 -15.39 -19.62 -6.73
N GLY D 81 -14.41 -18.74 -6.58
CA GLY D 81 -14.49 -17.39 -7.13
C GLY D 81 -13.19 -17.08 -7.81
N VAL D 82 -13.29 -16.28 -8.86
CA VAL D 82 -12.12 -15.77 -9.58
C VAL D 82 -12.22 -14.27 -9.46
N ILE D 83 -11.08 -13.65 -9.20
CA ILE D 83 -10.96 -12.18 -9.00
C ILE D 83 -10.21 -11.59 -10.18
N THR D 84 -10.82 -10.62 -10.83
CA THR D 84 -10.32 -10.03 -12.10
C THR D 84 -9.91 -8.59 -11.82
N SER D 85 -9.20 -7.99 -12.73
CA SER D 85 -8.71 -6.59 -12.56
C SER D 85 -9.84 -5.57 -12.60
N THR D 86 -10.96 -5.88 -13.27
CA THR D 86 -12.13 -4.95 -13.36
C THR D 86 -13.40 -5.81 -13.47
N GLY D 87 -14.54 -5.13 -13.29
CA GLY D 87 -15.84 -5.79 -13.50
C GLY D 87 -15.98 -6.14 -14.97
N MET D 88 -15.64 -5.22 -15.84
CA MET D 88 -15.66 -5.57 -17.32
C MET D 88 -14.84 -6.82 -17.62
N GLY D 89 -13.72 -6.98 -16.92
CA GLY D 89 -12.88 -8.15 -17.07
C GLY D 89 -13.59 -9.40 -16.68
N ALA D 90 -14.38 -9.34 -15.64
CA ALA D 90 -15.14 -10.51 -15.18
C ALA D 90 -16.13 -10.91 -16.26
N ILE D 91 -16.73 -9.94 -16.93
CA ILE D 91 -17.74 -10.22 -18.01
C ILE D 91 -16.97 -10.83 -19.18
N ASN D 92 -15.81 -10.24 -19.43
CA ASN D 92 -14.87 -10.69 -20.52
C ASN D 92 -14.50 -12.15 -20.25
N LEU D 93 -14.14 -12.47 -19.01
CA LEU D 93 -13.76 -13.81 -18.62
C LEU D 93 -14.89 -14.80 -18.94
N VAL D 94 -16.12 -14.49 -18.57
CA VAL D 94 -17.27 -15.38 -18.86
C VAL D 94 -17.48 -15.55 -20.38
N LEU D 95 -17.40 -14.50 -21.18
CA LEU D 95 -17.62 -14.63 -22.63
C LEU D 95 -16.63 -15.59 -23.28
N ASN D 96 -15.34 -15.51 -22.86
CA ASN D 96 -14.23 -16.35 -23.37
C ASN D 96 -14.36 -17.74 -22.81
N ALA D 97 -14.74 -17.93 -21.55
CA ALA D 97 -14.78 -19.28 -21.03
C ALA D 97 -15.97 -20.04 -21.65
N VAL D 98 -17.07 -19.38 -21.98
CA VAL D 98 -18.36 -20.12 -22.21
C VAL D 98 -18.69 -20.14 -23.70
N LEU D 99 -18.44 -19.05 -24.46
CA LEU D 99 -18.86 -18.90 -25.87
C LEU D 99 -17.74 -19.19 -26.89
N GLN D 100 -18.17 -19.56 -28.08
CA GLN D 100 -17.33 -19.70 -29.29
C GLN D 100 -18.19 -19.40 -30.51
N PRO D 101 -17.54 -19.16 -31.68
CA PRO D 101 -18.25 -18.67 -32.87
C PRO D 101 -19.34 -19.72 -33.17
N GLY D 102 -20.50 -19.24 -33.57
CA GLY D 102 -21.64 -20.14 -33.76
C GLY D 102 -22.56 -20.14 -32.56
N ASP D 103 -22.07 -19.80 -31.38
CA ASP D 103 -22.97 -19.80 -30.20
C ASP D 103 -23.68 -18.45 -30.18
N THR D 104 -24.82 -18.43 -29.50
CA THR D 104 -25.55 -17.16 -29.34
C THR D 104 -25.69 -16.82 -27.85
N LEU D 105 -25.59 -15.52 -27.57
CA LEU D 105 -25.70 -14.92 -26.24
C LEU D 105 -26.97 -14.07 -26.21
N VAL D 106 -27.76 -14.28 -25.17
CA VAL D 106 -28.95 -13.42 -24.94
C VAL D 106 -28.58 -12.41 -23.85
N VAL D 107 -28.86 -11.17 -24.14
CA VAL D 107 -28.53 -9.99 -23.33
C VAL D 107 -29.80 -9.20 -23.05
N PRO D 108 -29.95 -8.62 -21.84
CA PRO D 108 -31.08 -7.71 -21.57
C PRO D 108 -30.94 -6.46 -22.43
N HIS D 109 -32.05 -5.89 -22.91
CA HIS D 109 -32.09 -4.64 -23.72
C HIS D 109 -31.56 -3.44 -22.90
N ASP D 110 -31.64 -3.45 -21.57
CA ASP D 110 -31.23 -2.28 -20.74
C ASP D 110 -29.95 -2.67 -19.94
N ALA D 111 -29.15 -3.60 -20.41
CA ALA D 111 -27.92 -3.97 -19.68
C ALA D 111 -26.99 -2.74 -19.52
N TYR D 112 -26.15 -2.74 -18.48
CA TYR D 112 -25.02 -1.78 -18.31
C TYR D 112 -24.39 -1.42 -19.66
N GLY D 113 -24.14 -0.13 -19.91
CA GLY D 113 -23.58 0.36 -21.18
C GLY D 113 -22.18 -0.20 -21.50
N GLY D 114 -21.37 -0.47 -20.50
CA GLY D 114 -20.04 -1.11 -20.70
C GLY D 114 -20.21 -2.54 -21.20
N SER D 115 -21.20 -3.24 -20.67
CA SER D 115 -21.52 -4.63 -21.08
C SER D 115 -21.94 -4.61 -22.56
N TRP D 116 -22.83 -3.70 -22.91
CA TRP D 116 -23.34 -3.52 -24.29
C TRP D 116 -22.19 -3.22 -25.25
N ARG D 117 -21.25 -2.34 -24.88
CA ARG D 117 -20.10 -1.94 -25.74
C ARG D 117 -19.25 -3.19 -26.05
N LEU D 118 -19.01 -4.01 -25.04
CA LEU D 118 -18.18 -5.22 -25.19
C LEU D 118 -18.98 -6.21 -26.02
N PHE D 119 -20.27 -6.43 -25.70
CA PHE D 119 -21.05 -7.45 -26.46
C PHE D 119 -21.03 -7.06 -27.94
N ASN D 120 -21.25 -5.80 -28.24
CA ASN D 120 -21.36 -5.35 -29.63
C ASN D 120 -20.03 -5.52 -30.38
N ALA D 121 -18.91 -5.08 -29.78
CA ALA D 121 -17.57 -5.18 -30.39
C ALA D 121 -17.25 -6.64 -30.70
N LEU D 122 -17.42 -7.55 -29.74
CA LEU D 122 -17.09 -8.97 -29.98
C LEU D 122 -18.08 -9.63 -30.96
N ALA D 123 -19.37 -9.26 -30.95
CA ALA D 123 -20.33 -9.85 -31.90
C ALA D 123 -19.99 -9.35 -33.30
N LYS D 124 -19.68 -8.07 -33.48
CA LYS D 124 -19.33 -7.44 -34.77
C LYS D 124 -18.12 -8.16 -35.38
N LYS D 125 -17.21 -8.71 -34.60
CA LYS D 125 -16.14 -9.58 -35.11
C LYS D 125 -16.54 -11.05 -35.22
N GLY D 126 -17.73 -11.48 -34.85
CA GLY D 126 -18.14 -12.89 -35.00
C GLY D 126 -17.60 -13.77 -33.89
N HIS D 127 -17.32 -13.30 -32.67
CA HIS D 127 -16.94 -14.25 -31.60
C HIS D 127 -18.16 -15.09 -31.23
N PHE D 128 -19.35 -14.52 -31.44
CA PHE D 128 -20.67 -15.15 -31.13
C PHE D 128 -21.76 -14.29 -31.74
N ALA D 129 -22.98 -14.79 -31.79
CA ALA D 129 -24.14 -14.00 -32.24
C ALA D 129 -24.84 -13.49 -30.97
N LEU D 130 -25.39 -12.30 -31.05
CA LEU D 130 -26.05 -11.56 -29.97
C LEU D 130 -27.55 -11.59 -30.22
N ILE D 131 -28.37 -11.84 -29.23
CA ILE D 131 -29.83 -11.50 -29.27
C ILE D 131 -30.14 -10.59 -28.10
N THR D 132 -30.77 -9.45 -28.33
CA THR D 132 -31.15 -8.56 -27.22
C THR D 132 -32.65 -8.77 -27.00
N ALA D 133 -33.06 -8.89 -25.77
CA ALA D 133 -34.43 -9.23 -25.39
C ALA D 133 -34.74 -8.43 -24.11
N ASP D 134 -36.04 -8.19 -23.92
CA ASP D 134 -36.62 -7.65 -22.68
C ASP D 134 -36.96 -8.88 -21.88
N LEU D 135 -36.09 -9.24 -20.95
CA LEU D 135 -36.32 -10.45 -20.11
C LEU D 135 -37.53 -10.27 -19.18
N THR D 136 -38.15 -9.11 -19.06
CA THR D 136 -39.38 -8.96 -18.19
C THR D 136 -40.66 -9.23 -18.99
N VAL D 137 -40.57 -9.42 -20.31
CA VAL D 137 -41.73 -9.61 -21.23
C VAL D 137 -41.67 -11.06 -21.73
N PRO D 138 -42.54 -11.97 -21.27
CA PRO D 138 -42.40 -13.42 -21.56
C PRO D 138 -42.26 -13.81 -23.03
N ARG D 139 -42.88 -13.03 -23.92
CA ARG D 139 -42.84 -13.29 -25.37
C ARG D 139 -41.42 -12.95 -25.89
N SER D 140 -40.84 -11.82 -25.50
CA SER D 140 -39.48 -11.40 -25.88
C SER D 140 -38.50 -12.48 -25.37
N LEU D 141 -38.67 -12.98 -24.15
CA LEU D 141 -37.86 -14.08 -23.61
C LEU D 141 -38.07 -15.33 -24.46
N ALA D 142 -39.32 -15.81 -24.65
CA ALA D 142 -39.57 -17.09 -25.34
C ALA D 142 -38.98 -17.07 -26.77
N ASP D 143 -39.07 -15.97 -27.50
CA ASP D 143 -38.48 -15.79 -28.84
C ASP D 143 -36.94 -15.89 -28.78
N ALA D 144 -36.28 -15.28 -27.78
CA ALA D 144 -34.81 -15.43 -27.63
C ALA D 144 -34.50 -16.89 -27.30
N LEU D 145 -35.19 -17.49 -26.36
CA LEU D 145 -34.84 -18.87 -25.96
C LEU D 145 -35.12 -19.87 -27.08
N ALA D 146 -36.01 -19.57 -28.04
CA ALA D 146 -36.38 -20.51 -29.14
C ALA D 146 -35.20 -20.61 -30.13
N GLN D 147 -34.23 -19.71 -30.08
CA GLN D 147 -33.00 -19.67 -30.92
C GLN D 147 -31.85 -20.47 -30.28
N SER D 148 -32.12 -21.30 -29.26
CA SER D 148 -31.16 -22.19 -28.56
C SER D 148 -29.86 -21.49 -28.19
N PRO D 149 -29.88 -20.44 -27.35
CA PRO D 149 -28.67 -19.72 -26.98
C PRO D 149 -27.77 -20.57 -26.09
N LYS D 150 -26.48 -20.27 -26.09
CA LYS D 150 -25.61 -21.05 -25.18
C LYS D 150 -25.67 -20.42 -23.79
N LEU D 151 -25.84 -19.10 -23.74
CA LEU D 151 -25.68 -18.31 -22.49
C LEU D 151 -26.73 -17.22 -22.46
N VAL D 152 -27.33 -17.03 -21.29
CA VAL D 152 -28.27 -15.89 -21.04
C VAL D 152 -27.72 -15.05 -19.89
N LEU D 153 -27.59 -13.76 -20.13
CA LEU D 153 -27.15 -12.78 -19.12
C LEU D 153 -28.38 -12.12 -18.47
N ILE D 154 -28.44 -12.08 -17.15
CA ILE D 154 -29.50 -11.32 -16.40
C ILE D 154 -28.79 -10.22 -15.60
N GLU D 155 -29.32 -9.00 -15.68
CA GLU D 155 -28.87 -7.88 -14.83
C GLU D 155 -30.08 -7.24 -14.13
N THR D 156 -30.20 -7.53 -12.86
CA THR D 156 -31.33 -7.04 -12.07
C THR D 156 -30.89 -6.59 -10.68
N PRO D 157 -31.38 -5.45 -10.19
CA PRO D 157 -32.13 -4.47 -10.96
C PRO D 157 -31.24 -3.86 -12.02
N SER D 158 -31.91 -3.25 -12.99
CA SER D 158 -31.33 -2.51 -14.12
C SER D 158 -30.97 -1.10 -13.64
N ASN D 159 -30.12 -0.45 -14.41
CA ASN D 159 -29.55 0.87 -14.06
C ASN D 159 -29.80 1.76 -15.27
N PRO D 160 -30.50 2.90 -15.25
CA PRO D 160 -30.93 3.54 -14.03
C PRO D 160 -32.43 3.48 -13.64
N LEU D 161 -33.30 2.72 -14.33
CA LEU D 161 -34.76 2.68 -14.02
C LEU D 161 -35.15 1.51 -13.10
N LEU D 162 -34.23 0.69 -12.59
CA LEU D 162 -34.53 -0.31 -11.54
C LEU D 162 -35.62 -1.30 -11.99
N ARG D 163 -35.49 -1.81 -13.21
CA ARG D 163 -36.36 -2.89 -13.73
C ARG D 163 -35.89 -4.19 -13.11
N ILE D 164 -36.85 -4.97 -12.68
CA ILE D 164 -36.61 -6.22 -11.94
C ILE D 164 -36.83 -7.40 -12.86
N THR D 165 -35.88 -8.29 -13.00
CA THR D 165 -36.15 -9.51 -13.75
C THR D 165 -36.34 -10.62 -12.78
N ASP D 166 -37.27 -11.51 -13.14
CA ASP D 166 -37.67 -12.65 -12.29
C ASP D 166 -36.57 -13.70 -12.47
N LEU D 167 -35.65 -13.80 -11.50
CA LEU D 167 -34.55 -14.76 -11.58
C LEU D 167 -35.07 -16.21 -11.78
N ARG D 168 -35.88 -16.75 -10.86
CA ARG D 168 -36.33 -18.17 -10.93
C ARG D 168 -36.97 -18.42 -12.32
N PHE D 169 -37.80 -17.51 -12.80
CA PHE D 169 -38.52 -17.69 -14.09
C PHE D 169 -37.53 -17.77 -15.25
N VAL D 170 -36.60 -16.83 -15.37
CA VAL D 170 -35.66 -16.80 -16.54
C VAL D 170 -34.68 -17.96 -16.44
N ILE D 171 -34.28 -18.28 -15.25
CA ILE D 171 -33.26 -19.35 -15.08
C ILE D 171 -33.92 -20.67 -15.50
N GLU D 172 -35.12 -20.97 -14.99
CA GLU D 172 -35.80 -22.23 -15.39
C GLU D 172 -36.00 -22.28 -16.90
N ALA D 173 -36.47 -21.21 -17.53
CA ALA D 173 -36.76 -21.20 -18.98
C ALA D 173 -35.43 -21.39 -19.75
N ALA D 174 -34.34 -20.76 -19.29
CA ALA D 174 -33.00 -20.92 -19.90
C ALA D 174 -32.57 -22.41 -19.79
N LYS D 175 -32.71 -22.99 -18.62
CA LYS D 175 -32.31 -24.37 -18.33
C LYS D 175 -33.15 -25.34 -19.20
N LYS D 176 -34.43 -25.07 -19.46
CA LYS D 176 -35.29 -25.95 -20.28
C LYS D 176 -34.72 -25.98 -21.72
N VAL D 177 -34.01 -24.97 -22.21
CA VAL D 177 -33.46 -25.10 -23.57
C VAL D 177 -31.98 -25.35 -23.50
N GLY D 178 -31.42 -25.81 -22.39
CA GLY D 178 -29.97 -26.15 -22.38
C GLY D 178 -29.04 -24.93 -22.27
N ALA D 179 -29.53 -23.70 -22.04
CA ALA D 179 -28.62 -22.50 -21.88
C ALA D 179 -28.09 -22.40 -20.45
N LEU D 180 -26.84 -21.98 -20.31
CA LEU D 180 -26.31 -21.47 -19.02
C LEU D 180 -26.87 -20.07 -18.76
N THR D 181 -26.94 -19.70 -17.48
CA THR D 181 -27.27 -18.34 -17.06
C THR D 181 -26.12 -17.68 -16.25
N VAL D 182 -25.89 -16.43 -16.54
CA VAL D 182 -24.92 -15.61 -15.78
C VAL D 182 -25.69 -14.39 -15.27
N VAL D 183 -25.66 -14.16 -13.97
CA VAL D 183 -26.30 -12.96 -13.37
C VAL D 183 -25.22 -11.93 -12.94
N ASP D 184 -25.36 -10.72 -13.43
CA ASP D 184 -24.58 -9.57 -12.96
C ASP D 184 -25.29 -9.03 -11.71
N ASN D 185 -24.76 -9.33 -10.53
CA ASN D 185 -25.33 -9.02 -9.20
C ASN D 185 -24.61 -7.81 -8.54
N THR D 186 -23.99 -6.97 -9.35
CA THR D 186 -23.28 -5.76 -8.88
C THR D 186 -24.18 -4.91 -7.98
N PHE D 187 -25.36 -4.57 -8.47
CA PHE D 187 -26.22 -3.50 -7.89
C PHE D 187 -26.62 -3.85 -6.46
N LEU D 188 -26.85 -5.11 -6.12
CA LEU D 188 -27.41 -5.41 -4.80
C LEU D 188 -26.32 -6.02 -3.93
N SER D 189 -25.31 -6.67 -4.54
CA SER D 189 -24.24 -7.36 -3.79
C SER D 189 -24.79 -8.68 -3.26
N PRO D 190 -23.91 -9.60 -2.86
CA PRO D 190 -24.35 -10.89 -2.32
C PRO D 190 -25.16 -10.71 -1.02
N ALA D 191 -24.99 -9.59 -0.32
CA ALA D 191 -25.69 -9.40 0.97
C ALA D 191 -27.20 -9.17 0.70
N LEU D 192 -27.62 -8.75 -0.48
CA LEU D 192 -29.05 -8.46 -0.71
C LEU D 192 -29.66 -9.37 -1.78
N GLN D 193 -28.88 -10.19 -2.51
CA GLN D 193 -29.47 -11.04 -3.57
C GLN D 193 -28.48 -12.15 -3.86
N LYS D 194 -28.98 -13.35 -4.00
CA LYS D 194 -28.17 -14.54 -4.16
C LYS D 194 -28.70 -15.35 -5.32
N PRO D 195 -28.32 -14.99 -6.55
CA PRO D 195 -28.79 -15.67 -7.73
C PRO D 195 -28.47 -17.17 -7.89
N LEU D 196 -27.44 -17.69 -7.25
CA LEU D 196 -27.18 -19.15 -7.32
C LEU D 196 -28.24 -19.89 -6.52
N ASP D 197 -28.96 -19.26 -5.59
CA ASP D 197 -30.03 -19.90 -4.81
C ASP D 197 -31.14 -20.36 -5.77
N PHE D 198 -31.40 -19.62 -6.83
CA PHE D 198 -32.45 -19.92 -7.84
C PHE D 198 -31.90 -20.80 -9.00
N GLY D 199 -30.65 -21.24 -8.98
CA GLY D 199 -30.17 -22.22 -9.99
C GLY D 199 -29.30 -21.59 -11.03
N ALA D 200 -28.93 -20.30 -10.93
CA ALA D 200 -28.01 -19.69 -11.90
C ALA D 200 -26.66 -20.45 -11.89
N ASP D 201 -26.01 -20.60 -13.04
CA ASP D 201 -24.68 -21.23 -13.20
C ASP D 201 -23.55 -20.31 -12.67
N LEU D 202 -23.65 -19.03 -12.92
CA LEU D 202 -22.58 -18.02 -12.67
C LEU D 202 -23.21 -16.75 -12.11
N VAL D 203 -22.50 -16.07 -11.22
CA VAL D 203 -22.86 -14.73 -10.80
C VAL D 203 -21.57 -13.89 -10.82
N LEU D 204 -21.67 -12.66 -11.30
CA LEU D 204 -20.49 -11.80 -11.31
C LEU D 204 -20.81 -10.43 -10.79
N HIS D 205 -19.74 -9.77 -10.37
CA HIS D 205 -19.72 -8.42 -9.76
C HIS D 205 -18.57 -7.57 -10.31
N SER D 206 -18.85 -6.29 -10.41
CA SER D 206 -17.87 -5.20 -10.26
C SER D 206 -17.67 -4.99 -8.76
N THR D 207 -16.54 -5.40 -8.18
CA THR D 207 -16.23 -5.20 -6.73
C THR D 207 -15.92 -3.73 -6.50
N THR D 208 -15.85 -2.97 -7.58
CA THR D 208 -15.60 -1.50 -7.57
C THR D 208 -16.67 -0.77 -6.73
N1 LLP D 209 -21.77 -4.35 -14.31
C2 LLP D 209 -22.47 -3.40 -13.68
C2' LLP D 209 -23.94 -3.64 -13.38
C3 LLP D 209 -21.83 -2.21 -13.31
O3 LLP D 209 -22.52 -1.32 -12.60
C4 LLP D 209 -20.47 -1.98 -13.60
C4' LLP D 209 -19.86 -0.71 -13.05
C5 LLP D 209 -19.78 -2.98 -14.30
C6 LLP D 209 -20.48 -4.11 -14.65
C5' LLP D 209 -18.35 -2.81 -14.77
OP4 LLP D 209 -17.37 -2.95 -13.72
P LLP D 209 -15.98 -2.14 -13.68
OP1 LLP D 209 -15.41 -2.52 -12.28
OP2 LLP D 209 -16.33 -0.68 -13.85
OP3 LLP D 209 -15.12 -2.78 -14.89
N LLP D 209 -17.87 -1.37 -6.70
CA LLP D 209 -19.09 -0.71 -6.23
CB LLP D 209 -20.25 -1.01 -7.21
CG LLP D 209 -20.30 -0.17 -8.50
CD LLP D 209 -19.24 -0.29 -9.55
CE LLP D 209 -19.49 0.57 -10.86
NZ LLP D 209 -20.30 -0.19 -11.83
C LLP D 209 -19.25 -1.06 -4.74
O LLP D 209 -18.36 -0.66 -4.01
N TYR D 210 -20.31 -1.80 -4.34
CA TYR D 210 -20.63 -2.01 -2.97
C TYR D 210 -19.62 -2.90 -2.25
N ILE D 211 -19.12 -3.95 -2.88
CA ILE D 211 -18.29 -4.95 -2.16
C ILE D 211 -17.05 -4.24 -1.54
N ASN D 212 -16.37 -3.41 -2.32
CA ASN D 212 -15.18 -2.67 -1.81
C ASN D 212 -15.72 -1.50 -0.97
N GLY D 213 -16.58 -0.71 -1.56
CA GLY D 213 -17.43 0.29 -0.85
C GLY D 213 -16.72 1.59 -0.59
N HIS D 214 -15.43 1.68 -0.89
CA HIS D 214 -14.64 2.87 -0.52
C HIS D 214 -14.06 3.58 -1.73
N SER D 215 -14.55 3.31 -2.94
CA SER D 215 -14.20 4.12 -4.14
C SER D 215 -12.69 4.15 -4.39
N ASP D 216 -11.95 3.12 -4.00
CA ASP D 216 -10.47 3.17 -4.12
C ASP D 216 -9.94 1.86 -4.74
N VAL D 217 -10.82 1.05 -5.31
CA VAL D 217 -10.39 -0.15 -6.05
C VAL D 217 -11.31 -0.32 -7.21
N VAL D 218 -10.72 -0.61 -8.34
CA VAL D 218 -11.51 -1.14 -9.46
C VAL D 218 -11.23 -2.63 -9.54
N GLY D 219 -12.26 -3.46 -9.62
CA GLY D 219 -12.08 -4.94 -9.59
C GLY D 219 -13.34 -5.70 -10.02
N GLY D 220 -13.25 -7.01 -10.24
CA GLY D 220 -14.43 -7.83 -10.57
C GLY D 220 -14.27 -9.19 -9.95
N ALA D 221 -15.34 -9.99 -10.03
CA ALA D 221 -15.34 -11.37 -9.51
C ALA D 221 -16.36 -12.15 -10.32
N VAL D 222 -16.11 -13.44 -10.38
CA VAL D 222 -17.01 -14.45 -10.96
C VAL D 222 -17.06 -15.62 -10.02
N VAL D 223 -18.28 -15.99 -9.66
CA VAL D 223 -18.48 -17.18 -8.83
C VAL D 223 -19.31 -18.16 -9.67
N ALA D 224 -18.86 -19.37 -9.76
CA ALA D 224 -19.53 -20.47 -10.48
C ALA D 224 -20.12 -21.37 -9.42
N ARG D 225 -21.34 -21.79 -9.69
CA ARG D 225 -21.96 -22.80 -8.80
C ARG D 225 -21.19 -24.11 -8.89
N ASP D 226 -20.82 -24.61 -10.07
CA ASP D 226 -20.20 -25.96 -10.20
C ASP D 226 -18.66 -25.87 -10.21
N ALA D 227 -17.98 -26.81 -9.55
CA ALA D 227 -16.50 -26.92 -9.40
C ALA D 227 -15.82 -27.00 -10.77
N GLU D 228 -16.43 -27.71 -11.70
CA GLU D 228 -15.86 -27.86 -13.08
C GLU D 228 -15.97 -26.53 -13.86
N LEU D 229 -17.04 -25.75 -13.75
CA LEU D 229 -17.05 -24.43 -14.43
C LEU D 229 -16.03 -23.51 -13.76
N HIS D 230 -15.96 -23.52 -12.45
CA HIS D 230 -14.98 -22.71 -11.66
C HIS D 230 -13.55 -22.98 -12.18
N GLN D 231 -13.16 -24.24 -12.41
CA GLN D 231 -11.83 -24.67 -12.89
C GLN D 231 -11.61 -24.12 -14.30
N GLN D 232 -12.65 -24.09 -15.11
CA GLN D 232 -12.55 -23.50 -16.47
C GLN D 232 -12.36 -22.00 -16.36
N LEU D 233 -12.99 -21.31 -15.40
CA LEU D 233 -12.80 -19.85 -15.28
C LEU D 233 -11.35 -19.55 -14.81
N VAL D 234 -10.82 -20.35 -13.89
CA VAL D 234 -9.45 -20.21 -13.36
C VAL D 234 -8.48 -20.39 -14.54
N TRP D 235 -8.63 -21.43 -15.36
CA TRP D 235 -7.75 -21.64 -16.54
C TRP D 235 -7.80 -20.43 -17.48
N TRP D 236 -8.95 -19.95 -17.83
CA TRP D 236 -9.10 -18.83 -18.78
C TRP D 236 -8.58 -17.53 -18.19
N ALA D 237 -8.84 -17.27 -16.91
CA ALA D 237 -8.40 -16.03 -16.28
C ALA D 237 -6.83 -15.95 -16.34
N ASN D 238 -6.14 -17.05 -16.06
CA ASN D 238 -4.68 -17.24 -16.17
C ASN D 238 -4.24 -17.05 -17.63
N ALA D 239 -4.92 -17.67 -18.55
CA ALA D 239 -4.49 -17.69 -19.98
C ALA D 239 -4.69 -16.35 -20.64
N LEU D 240 -5.76 -15.64 -20.31
CA LEU D 240 -6.05 -14.30 -20.84
C LEU D 240 -5.34 -13.21 -20.01
N GLY D 241 -4.76 -13.53 -18.87
CA GLY D 241 -4.13 -12.45 -18.08
C GLY D 241 -5.10 -11.44 -17.46
N LEU D 242 -6.32 -11.89 -17.09
CA LEU D 242 -7.38 -11.04 -16.52
C LEU D 242 -7.33 -10.96 -14.98
N THR D 243 -6.49 -11.70 -14.28
CA THR D 243 -6.43 -11.71 -12.78
C THR D 243 -6.03 -10.35 -12.17
N GLY D 244 -6.57 -10.04 -10.98
CA GLY D 244 -6.35 -8.75 -10.30
C GLY D 244 -5.06 -8.73 -9.43
N SER D 245 -4.65 -7.54 -9.08
CA SER D 245 -3.60 -7.22 -8.11
C SER D 245 -3.97 -7.73 -6.71
N PRO D 246 -3.05 -8.41 -6.01
CA PRO D 246 -3.20 -8.73 -4.61
C PRO D 246 -3.41 -7.53 -3.68
N PHE D 247 -2.82 -6.38 -3.94
CA PHE D 247 -3.06 -5.22 -3.08
C PHE D 247 -4.55 -4.91 -3.18
N ASP D 248 -5.07 -4.80 -4.38
CA ASP D 248 -6.53 -4.55 -4.62
C ASP D 248 -7.41 -5.54 -3.89
N ALA D 249 -7.07 -6.80 -3.97
CA ALA D 249 -7.79 -7.85 -3.26
C ALA D 249 -7.75 -7.62 -1.74
N PHE D 250 -6.62 -7.19 -1.20
CA PHE D 250 -6.48 -6.86 0.24
C PHE D 250 -7.46 -5.71 0.57
N LEU D 251 -7.44 -4.62 -0.16
CA LEU D 251 -8.35 -3.51 0.10
C LEU D 251 -9.85 -3.94 -0.08
N THR D 252 -10.12 -4.79 -1.01
CA THR D 252 -11.51 -5.23 -1.31
C THR D 252 -12.01 -6.10 -0.16
N LEU D 253 -11.19 -7.04 0.29
CA LEU D 253 -11.54 -7.89 1.45
C LEU D 253 -11.73 -7.00 2.69
N ARG D 254 -10.90 -5.98 2.86
CA ARG D 254 -11.08 -5.01 3.94
C ARG D 254 -12.48 -4.37 3.84
N GLY D 255 -12.86 -3.83 2.68
CA GLY D 255 -14.18 -3.27 2.45
C GLY D 255 -15.29 -4.27 2.72
N LEU D 256 -15.13 -5.51 2.27
CA LEU D 256 -16.16 -6.54 2.38
C LEU D 256 -16.53 -6.72 3.85
N ARG D 257 -15.58 -6.54 4.75
CA ARG D 257 -15.84 -6.83 6.17
C ARG D 257 -16.95 -5.88 6.71
N THR D 258 -17.14 -4.69 6.14
CA THR D 258 -18.16 -3.76 6.60
C THR D 258 -19.41 -3.77 5.66
N LEU D 259 -19.53 -4.67 4.67
CA LEU D 259 -20.58 -4.60 3.64
C LEU D 259 -21.95 -4.57 4.32
N ASP D 260 -22.15 -5.49 5.20
CA ASP D 260 -23.43 -5.62 5.93
C ASP D 260 -23.71 -4.38 6.79
N ALA D 261 -22.75 -3.90 7.60
CA ALA D 261 -22.88 -2.70 8.41
C ALA D 261 -23.21 -1.50 7.54
N ARG D 262 -22.59 -1.36 6.38
CA ARG D 262 -22.82 -0.20 5.48
C ARG D 262 -24.29 -0.31 4.92
N LEU D 263 -24.71 -1.47 4.39
CA LEU D 263 -26.02 -1.62 3.70
C LEU D 263 -27.14 -1.35 4.68
N ARG D 264 -26.97 -1.63 5.95
CA ARG D 264 -28.07 -1.25 6.89
C ARG D 264 -28.27 0.24 6.91
N VAL D 265 -27.20 1.03 6.94
CA VAL D 265 -27.35 2.49 6.89
C VAL D 265 -27.81 2.90 5.50
N HIS D 266 -27.19 2.36 4.44
CA HIS D 266 -27.55 2.82 3.07
C HIS D 266 -29.11 2.72 2.94
N GLN D 267 -29.65 1.60 3.38
CA GLN D 267 -31.09 1.24 3.16
C GLN D 267 -32.00 2.10 4.04
N GLU D 268 -31.61 2.35 5.27
CA GLU D 268 -32.31 3.32 6.14
C GLU D 268 -32.33 4.69 5.43
N ASN D 269 -31.22 5.17 4.87
CA ASN D 269 -31.21 6.48 4.18
C ASN D 269 -32.11 6.38 2.94
N ALA D 270 -32.00 5.30 2.16
CA ALA D 270 -32.75 5.20 0.90
C ALA D 270 -34.29 5.24 1.17
N ASP D 271 -34.78 4.60 2.23
CA ASP D 271 -36.22 4.56 2.61
C ASP D 271 -36.67 5.97 2.92
N ALA D 272 -35.82 6.77 3.56
CA ALA D 272 -36.21 8.12 4.02
C ALA D 272 -36.26 8.99 2.78
N ILE D 273 -35.32 8.82 1.88
CA ILE D 273 -35.23 9.67 0.66
C ILE D 273 -36.38 9.32 -0.29
N ALA D 274 -36.72 8.05 -0.43
CA ALA D 274 -37.80 7.64 -1.35
C ALA D 274 -39.10 8.28 -0.85
N GLU D 275 -39.27 8.35 0.45
CA GLU D 275 -40.49 8.90 1.06
C GLU D 275 -40.54 10.42 0.85
N LEU D 276 -39.43 11.17 0.91
CA LEU D 276 -39.44 12.59 0.54
C LEU D 276 -39.82 12.72 -0.95
N LEU D 277 -39.16 11.96 -1.85
CA LEU D 277 -39.29 12.24 -3.31
C LEU D 277 -40.66 11.80 -3.88
N ASP D 278 -41.20 10.69 -3.42
CA ASP D 278 -42.41 10.04 -4.02
C ASP D 278 -43.69 10.87 -3.77
N GLY D 279 -44.29 11.39 -4.84
CA GLY D 279 -45.40 12.36 -4.76
C GLY D 279 -44.94 13.76 -4.35
N HIS D 280 -43.64 14.12 -4.23
CA HIS D 280 -43.23 15.53 -4.01
C HIS D 280 -43.74 16.32 -5.22
N ALA D 281 -44.09 17.57 -5.00
CA ALA D 281 -44.62 18.49 -6.05
C ALA D 281 -43.62 18.61 -7.20
N MET D 282 -42.30 18.53 -6.99
CA MET D 282 -41.31 18.73 -8.07
C MET D 282 -40.88 17.42 -8.73
N VAL D 283 -41.48 16.30 -8.34
CA VAL D 283 -41.01 14.98 -8.79
C VAL D 283 -42.15 14.31 -9.54
N ASN D 284 -41.94 13.95 -10.78
CA ASN D 284 -42.99 13.31 -11.62
C ASN D 284 -42.97 11.80 -11.41
N GLN D 285 -41.85 11.16 -11.16
CA GLN D 285 -41.78 9.67 -11.03
C GLN D 285 -40.51 9.33 -10.24
N VAL D 286 -40.61 8.40 -9.32
CA VAL D 286 -39.49 7.77 -8.59
C VAL D 286 -39.37 6.35 -9.05
N TYR D 287 -38.18 5.95 -9.42
CA TYR D 287 -37.85 4.55 -9.77
C TYR D 287 -37.09 3.96 -8.60
N PHE D 288 -37.74 3.12 -7.81
CA PHE D 288 -37.22 2.51 -6.56
C PHE D 288 -38.07 1.30 -6.26
N PRO D 289 -37.46 0.11 -6.21
CA PRO D 289 -38.21 -1.11 -6.01
C PRO D 289 -38.93 -1.23 -4.66
N GLY D 290 -38.53 -0.43 -3.68
CA GLY D 290 -39.20 -0.36 -2.39
C GLY D 290 -40.60 0.21 -2.44
N LEU D 291 -40.93 1.02 -3.45
CA LEU D 291 -42.28 1.61 -3.55
C LEU D 291 -43.24 0.51 -4.07
N ALA D 292 -44.41 0.43 -3.46
CA ALA D 292 -45.46 -0.57 -3.83
C ALA D 292 -45.93 -0.28 -5.25
N THR D 293 -45.77 0.94 -5.76
CA THR D 293 -46.23 1.31 -7.10
C THR D 293 -45.21 0.96 -8.17
N HIS D 294 -43.98 0.62 -7.83
CA HIS D 294 -42.94 0.36 -8.83
C HIS D 294 -43.19 -1.00 -9.43
N PRO D 295 -43.24 -1.11 -10.75
CA PRO D 295 -43.28 -2.43 -11.42
C PRO D 295 -42.06 -3.31 -11.07
N GLY D 296 -42.27 -4.46 -10.44
CA GLY D 296 -41.18 -5.27 -9.89
C GLY D 296 -41.12 -5.24 -8.39
N HIS D 297 -41.96 -4.41 -7.71
CA HIS D 297 -41.92 -4.32 -6.25
C HIS D 297 -42.03 -5.72 -5.67
N ALA D 298 -43.04 -6.48 -6.00
CA ALA D 298 -43.35 -7.74 -5.29
C ALA D 298 -42.25 -8.77 -5.56
N LEU D 299 -41.80 -8.82 -6.79
CA LEU D 299 -40.68 -9.68 -7.19
C LEU D 299 -39.40 -9.31 -6.42
N ALA D 300 -39.14 -8.01 -6.29
CA ALA D 300 -37.99 -7.49 -5.50
C ALA D 300 -38.15 -7.86 -4.04
N ALA D 301 -39.39 -7.85 -3.48
CA ALA D 301 -39.56 -8.17 -2.05
C ALA D 301 -39.29 -9.65 -1.90
N ARG D 302 -39.56 -10.43 -2.94
CA ARG D 302 -39.37 -11.88 -2.81
C ARG D 302 -37.91 -12.34 -3.11
N GLN D 303 -37.25 -11.87 -4.16
CA GLN D 303 -35.95 -12.45 -4.56
C GLN D 303 -34.74 -11.69 -3.95
N GLN D 304 -34.97 -10.54 -3.35
CA GLN D 304 -33.98 -9.67 -2.66
C GLN D 304 -34.33 -9.64 -1.16
N LYS D 305 -33.32 -9.51 -0.32
CA LYS D 305 -33.41 -9.35 1.14
C LYS D 305 -33.57 -7.87 1.49
N GLY D 306 -33.41 -6.93 0.57
CA GLY D 306 -33.84 -5.56 0.82
C GLY D 306 -33.88 -4.84 -0.50
N PHE D 307 -34.28 -3.59 -0.49
CA PHE D 307 -34.61 -2.93 -1.77
C PHE D 307 -33.39 -2.14 -2.24
N GLY D 308 -32.32 -2.12 -1.45
CA GLY D 308 -31.09 -1.40 -1.86
C GLY D 308 -31.11 0.10 -1.67
N ALA D 309 -30.15 0.76 -2.26
CA ALA D 309 -29.97 2.20 -2.00
C ALA D 309 -29.70 2.98 -3.30
N MET D 310 -29.90 2.35 -4.42
CA MET D 310 -29.93 3.08 -5.71
C MET D 310 -31.40 3.46 -6.02
N MET D 311 -31.57 4.66 -6.56
CA MET D 311 -32.86 5.07 -7.11
C MET D 311 -32.63 6.21 -8.12
N SER D 312 -33.58 6.39 -8.96
CA SER D 312 -33.69 7.46 -9.97
C SER D 312 -35.03 8.18 -9.77
N PHE D 313 -35.10 9.43 -10.20
CA PHE D 313 -36.35 10.20 -10.14
C PHE D 313 -36.33 11.20 -11.29
N GLU D 314 -37.52 11.56 -11.74
CA GLU D 314 -37.70 12.58 -12.80
C GLU D 314 -38.05 13.89 -12.13
N LEU D 315 -37.16 14.84 -12.33
CA LEU D 315 -37.39 16.21 -11.85
C LEU D 315 -38.23 16.95 -12.87
N GLU D 316 -39.30 17.57 -12.40
CA GLU D 316 -40.06 18.53 -13.21
C GLU D 316 -39.15 19.69 -13.59
N GLY D 317 -39.30 20.22 -14.80
CA GLY D 317 -38.66 21.44 -15.33
C GLY D 317 -37.55 21.03 -16.27
N GLY D 318 -36.66 21.91 -16.63
CA GLY D 318 -35.70 21.38 -17.62
C GLY D 318 -34.64 20.40 -17.12
N GLU D 319 -33.75 20.14 -18.06
CA GLU D 319 -32.33 20.51 -17.87
C GLU D 319 -32.22 21.82 -17.03
N ALA D 320 -32.93 22.91 -17.28
CA ALA D 320 -32.78 24.10 -16.42
C ALA D 320 -32.99 23.75 -14.94
N ALA D 321 -34.05 22.99 -14.62
CA ALA D 321 -34.33 22.55 -13.23
C ALA D 321 -33.18 21.65 -12.69
N VAL D 322 -32.66 20.72 -13.50
CA VAL D 322 -31.55 19.82 -13.11
C VAL D 322 -30.33 20.67 -12.76
N ARG D 323 -30.00 21.66 -13.56
CA ARG D 323 -28.81 22.51 -13.28
C ARG D 323 -29.02 23.22 -11.95
N ALA D 324 -30.21 23.70 -11.69
CA ALA D 324 -30.39 24.44 -10.44
C ALA D 324 -30.34 23.44 -9.28
N PHE D 325 -30.92 22.24 -9.42
CA PHE D 325 -30.89 21.16 -8.39
C PHE D 325 -29.44 20.87 -7.98
N VAL D 326 -28.60 20.59 -8.96
CA VAL D 326 -27.21 20.08 -8.76
C VAL D 326 -26.30 21.17 -8.21
N ASP D 327 -26.56 22.43 -8.57
CA ASP D 327 -25.67 23.57 -8.21
C ASP D 327 -25.87 23.86 -6.73
N GLY D 328 -24.91 23.48 -5.88
CA GLY D 328 -25.10 23.78 -4.45
C GLY D 328 -25.37 22.58 -3.56
N LEU D 329 -25.38 21.36 -4.11
CA LEU D 329 -25.57 20.16 -3.28
C LEU D 329 -24.32 20.06 -2.44
N ARG D 330 -24.45 19.96 -1.14
CA ARG D 330 -23.30 19.85 -0.22
C ARG D 330 -22.97 18.37 -0.02
N TYR D 331 -23.91 17.43 -0.07
CA TYR D 331 -23.61 16.06 0.42
C TYR D 331 -23.74 14.95 -0.62
N PHE D 332 -23.94 15.33 -1.88
CA PHE D 332 -24.07 14.46 -3.05
C PHE D 332 -23.00 14.98 -4.00
N THR D 333 -21.99 14.20 -4.28
CA THR D 333 -20.96 14.47 -5.30
C THR D 333 -21.46 14.09 -6.68
N LEU D 334 -21.33 15.01 -7.64
CA LEU D 334 -21.71 14.74 -9.05
C LEU D 334 -20.60 13.92 -9.69
N ALA D 335 -20.83 12.63 -9.93
CA ALA D 335 -19.81 11.68 -10.38
C ALA D 335 -20.51 10.43 -10.83
N GLU D 336 -19.78 9.69 -11.61
CA GLU D 336 -20.14 8.33 -12.06
C GLU D 336 -19.77 7.36 -10.91
N SER D 337 -20.10 6.11 -11.13
CA SER D 337 -19.91 4.96 -10.22
C SER D 337 -21.01 5.00 -9.15
N LEU D 338 -20.96 4.05 -8.22
CA LEU D 338 -22.01 3.94 -7.19
C LEU D 338 -21.50 2.99 -6.14
N GLY D 339 -22.23 2.88 -5.04
CA GLY D 339 -21.94 1.85 -4.05
C GLY D 339 -20.90 2.24 -3.03
N GLY D 340 -20.44 3.49 -3.03
CA GLY D 340 -19.48 3.95 -2.04
C GLY D 340 -20.20 4.47 -0.79
N VAL D 341 -19.45 4.69 0.28
CA VAL D 341 -19.99 5.22 1.54
C VAL D 341 -20.46 6.66 1.35
N GLU D 342 -19.97 7.37 0.36
CA GLU D 342 -20.31 8.83 0.11
C GLU D 342 -21.45 8.88 -0.91
N SER D 343 -22.48 9.68 -0.66
CA SER D 343 -23.62 9.84 -1.59
C SER D 343 -23.10 10.48 -2.89
N LEU D 344 -23.59 9.99 -4.00
CA LEU D 344 -23.31 10.50 -5.37
C LEU D 344 -24.63 10.77 -6.08
N ILE D 345 -24.55 11.67 -7.02
CA ILE D 345 -25.63 11.92 -8.00
C ILE D 345 -25.03 11.91 -9.41
N ALA D 346 -25.79 11.44 -10.34
CA ALA D 346 -25.44 11.44 -11.76
C ALA D 346 -26.68 11.87 -12.52
N HIS D 347 -26.47 12.42 -13.70
CA HIS D 347 -27.56 12.82 -14.64
C HIS D 347 -27.36 11.99 -15.88
N PRO D 348 -28.12 10.90 -16.07
CA PRO D 348 -27.87 10.00 -17.20
C PRO D 348 -27.76 10.69 -18.58
N ALA D 349 -28.65 11.63 -18.94
CA ALA D 349 -28.58 12.30 -20.28
C ALA D 349 -27.18 12.90 -20.57
N SER D 350 -26.52 13.57 -19.62
CA SER D 350 -25.19 14.18 -19.81
C SER D 350 -24.01 13.34 -19.28
N MET D 351 -24.20 12.13 -18.73
CA MET D 351 -23.11 11.39 -18.04
C MET D 351 -23.14 9.94 -18.55
N THR D 352 -23.85 9.04 -17.88
CA THR D 352 -23.87 7.60 -18.23
C THR D 352 -24.39 7.30 -19.64
N HIS D 353 -25.27 8.09 -20.24
CA HIS D 353 -25.99 7.79 -21.51
C HIS D 353 -25.77 8.92 -22.52
N ALA D 354 -24.76 9.79 -22.32
CA ALA D 354 -24.50 11.01 -23.14
C ALA D 354 -24.09 10.59 -24.58
N ALA D 355 -23.41 9.43 -24.69
CA ALA D 355 -23.06 8.67 -25.91
C ALA D 355 -24.27 7.93 -26.48
N MET D 356 -25.38 8.61 -26.75
CA MET D 356 -26.60 8.00 -27.31
C MET D 356 -27.24 9.17 -28.03
N THR D 357 -28.27 8.92 -28.82
CA THR D 357 -29.09 9.94 -29.49
C THR D 357 -30.18 10.39 -28.51
N ALA D 358 -30.75 11.58 -28.71
CA ALA D 358 -31.95 12.05 -27.97
C ALA D 358 -33.06 10.99 -28.07
N GLU D 359 -33.34 10.44 -29.27
CA GLU D 359 -34.50 9.50 -29.44
C GLU D 359 -34.07 8.07 -29.07
N ALA D 360 -32.80 7.69 -29.04
CA ALA D 360 -32.36 6.40 -28.43
C ALA D 360 -32.60 6.44 -26.92
N ARG D 361 -32.27 7.57 -26.27
CA ARG D 361 -32.57 7.84 -24.83
C ARG D 361 -34.06 7.92 -24.60
N ALA D 362 -34.82 8.55 -25.48
CA ALA D 362 -36.30 8.57 -25.34
C ALA D 362 -36.83 7.14 -25.53
N ALA D 363 -36.19 6.34 -26.38
CA ALA D 363 -36.65 4.95 -26.66
C ALA D 363 -36.46 4.11 -25.39
N ALA D 364 -35.38 4.36 -24.64
CA ALA D 364 -34.99 3.62 -23.43
C ALA D 364 -35.68 4.17 -22.16
N GLY D 365 -36.54 5.20 -22.26
CA GLY D 365 -37.30 5.77 -21.13
C GLY D 365 -36.44 6.68 -20.24
N ILE D 366 -35.41 7.30 -20.79
CA ILE D 366 -34.42 8.14 -20.08
C ILE D 366 -34.62 9.62 -20.44
N SER D 367 -35.32 10.36 -19.60
CA SER D 367 -35.49 11.80 -19.85
C SER D 367 -34.32 12.63 -19.39
N ASP D 368 -34.36 13.88 -19.85
CA ASP D 368 -33.48 15.02 -19.49
C ASP D 368 -33.67 15.43 -18.04
N GLY D 369 -34.81 15.11 -17.44
CA GLY D 369 -35.10 15.38 -16.03
C GLY D 369 -34.69 14.24 -15.09
N LEU D 370 -34.23 13.11 -15.61
CA LEU D 370 -33.90 11.94 -14.77
C LEU D 370 -32.59 12.18 -14.05
N LEU D 371 -32.58 11.98 -12.74
CA LEU D 371 -31.36 11.98 -11.88
C LEU D 371 -31.26 10.65 -11.14
N ARG D 372 -30.06 10.14 -11.03
CA ARG D 372 -29.80 8.87 -10.31
C ARG D 372 -29.04 9.18 -9.01
N LEU D 373 -29.52 8.63 -7.89
CA LEU D 373 -28.85 8.74 -6.59
C LEU D 373 -28.23 7.41 -6.28
N SER D 374 -27.00 7.46 -5.83
CA SER D 374 -26.32 6.38 -5.08
C SER D 374 -26.24 6.91 -3.67
N ILE D 375 -27.14 6.42 -2.85
CA ILE D 375 -27.30 6.93 -1.48
C ILE D 375 -26.25 6.31 -0.56
N GLY D 376 -25.44 7.16 0.06
CA GLY D 376 -24.38 6.68 0.95
C GLY D 376 -24.85 6.52 2.40
N ILE D 377 -23.94 6.64 3.35
CA ILE D 377 -24.19 6.30 4.77
C ILE D 377 -24.03 7.53 5.63
N GLU D 378 -24.15 8.68 5.07
CA GLU D 378 -24.19 9.93 5.86
C GLU D 378 -25.51 9.95 6.65
N SER D 379 -25.64 10.84 7.63
CA SER D 379 -26.92 10.90 8.39
CA SER D 379 -26.92 10.98 8.40
C SER D 379 -28.10 11.31 7.48
N ALA D 380 -29.17 10.54 7.54
CA ALA D 380 -30.38 10.80 6.73
C ALA D 380 -30.76 12.28 6.76
N GLU D 381 -30.74 12.90 7.92
CA GLU D 381 -31.27 14.28 8.00
C GLU D 381 -30.45 15.25 7.12
N ASP D 382 -29.13 15.10 7.09
CA ASP D 382 -28.25 15.94 6.24
C ASP D 382 -28.64 15.68 4.79
N LEU D 383 -28.77 14.41 4.39
CA LEU D 383 -29.10 14.14 2.98
C LEU D 383 -30.50 14.74 2.62
N LEU D 384 -31.46 14.69 3.53
CA LEU D 384 -32.85 15.19 3.26
C LEU D 384 -32.84 16.72 3.18
N ILE D 385 -32.05 17.35 4.03
CA ILE D 385 -31.91 18.83 3.99
C ILE D 385 -31.34 19.19 2.64
N ASP D 386 -30.28 18.50 2.20
CA ASP D 386 -29.58 18.80 0.93
C ASP D 386 -30.59 18.61 -0.19
N LEU D 387 -31.36 17.52 -0.19
CA LEU D 387 -32.29 17.29 -1.32
C LEU D 387 -33.46 18.27 -1.31
N ARG D 388 -34.01 18.60 -0.17
CA ARG D 388 -35.09 19.62 -0.09
C ARG D 388 -34.60 20.98 -0.60
N ALA D 389 -33.38 21.39 -0.29
CA ALA D 389 -32.83 22.66 -0.85
C ALA D 389 -32.66 22.49 -2.38
N GLY D 390 -32.25 21.31 -2.91
CA GLY D 390 -32.13 21.13 -4.38
C GLY D 390 -33.53 21.23 -5.04
N LEU D 391 -34.53 20.68 -4.42
CA LEU D 391 -35.90 20.76 -4.97
C LEU D 391 -36.42 22.21 -4.93
N SER D 392 -36.19 23.03 -3.89
CA SER D 392 -36.52 24.51 -3.92
C SER D 392 -35.77 25.20 -5.03
N ARG D 393 -34.48 24.98 -5.20
CA ARG D 393 -33.76 25.63 -6.31
C ARG D 393 -34.43 25.26 -7.65
N ALA D 394 -34.80 23.99 -7.85
CA ALA D 394 -35.41 23.55 -9.14
C ALA D 394 -36.78 24.22 -9.33
N GLU D 395 -37.65 24.16 -8.33
CA GLU D 395 -38.85 25.02 -8.30
C GLU D 395 -38.25 26.41 -8.25
N ALA D 396 -38.72 27.39 -8.95
CA ALA D 396 -37.93 28.66 -8.95
C ALA D 396 -37.29 28.79 -10.30
N THR D 397 -36.85 27.71 -10.94
CA THR D 397 -36.63 27.81 -12.40
C THR D 397 -37.97 27.74 -13.18
N LEU D 398 -39.10 27.42 -12.58
CA LEU D 398 -40.30 26.99 -13.37
C LEU D 398 -40.98 28.18 -14.09
C1 PEG E . 5.80 -18.53 -15.01
O1 PEG E . 5.02 -19.70 -15.22
C2 PEG E . 6.38 -17.95 -16.28
O2 PEG E . 7.25 -16.85 -15.96
C3 PEG E . 8.36 -16.64 -16.84
C4 PEG E . 9.24 -17.87 -17.01
O4 PEG E . 9.70 -18.42 -15.74
C1 PGE F . 18.49 18.27 4.95
O1 PGE F . 17.67 18.82 3.84
C2 PGE F . 17.92 16.99 5.61
O2 PGE F . 16.49 16.94 5.55
C3 PGE F . 15.80 17.14 6.80
C4 PGE F . 15.43 18.62 6.98
O4 PGE F . 12.33 19.78 9.62
C6 PGE F . 13.61 20.10 9.08
C5 PGE F . 13.63 20.09 7.58
O3 PGE F . 14.02 18.80 7.10
C1 PGE G . 16.00 -0.33 29.86
O1 PGE G . 17.04 0.66 30.01
C2 PGE G . 16.29 -1.63 30.61
O2 PGE G . 15.17 -2.52 30.55
C3 PGE G . 13.96 -2.06 31.15
C4 PGE G . 14.20 -1.30 32.44
O4 PGE G . 12.33 2.40 34.64
C6 PGE G . 13.29 1.92 33.69
C5 PGE G . 12.91 0.59 33.11
O3 PGE G . 13.95 0.09 32.27
C1 PGE H . 6.91 26.68 20.18
O1 PGE H . 5.95 25.89 20.90
C2 PGE H . 8.31 26.60 20.76
O2 PGE H . 8.39 25.70 21.88
C3 PGE H . 9.65 25.05 21.99
C4 PGE H . 10.19 25.01 23.39
O4 PGE H . 12.34 23.06 26.19
C6 PGE H . 11.98 24.33 25.55
C5 PGE H . 12.46 24.52 24.11
O3 PGE H . 11.58 25.39 23.39
C1 PGE I . -5.46 -4.23 25.52
O1 PGE I . -5.51 -5.54 24.90
C2 PGE I . -5.15 -3.09 24.54
O2 PGE I . -4.01 -3.35 23.72
C3 PGE I . -2.75 -3.06 24.34
C4 PGE I . -1.74 -4.09 23.92
O4 PGE I . 2.65 -4.45 24.48
C6 PGE I . 1.58 -4.87 25.31
C5 PGE I . 0.32 -5.13 24.55
O3 PGE I . -0.66 -4.13 24.86
C1 PEG J . -22.21 3.85 -13.75
O1 PEG J . -21.91 5.18 -13.25
C2 PEG J . -21.11 2.85 -13.48
O2 PEG J . -19.82 3.27 -13.96
C3 PEG J . -19.77 3.86 -15.26
C4 PEG J . -18.33 4.09 -15.67
O4 PEG J . -18.17 5.02 -16.76
C1 PEG K . -8.41 -24.94 -25.27
O1 PEG K . -7.24 -24.96 -26.08
C2 PEG K . -8.23 -25.76 -24.00
O2 PEG K . -8.84 -25.11 -22.89
C3 PEG K . -8.90 -25.91 -21.70
C4 PEG K . -10.18 -25.63 -20.97
O4 PEG K . -10.08 -25.86 -19.59
C1 PGE L . -15.25 -3.52 -33.31
O1 PGE L . -15.42 -4.93 -33.09
C2 PGE L . -16.21 -2.67 -32.52
O2 PGE L . -15.93 -1.28 -32.67
C3 PGE L . -14.61 -0.93 -32.25
C4 PGE L . -14.55 0.50 -31.82
O4 PGE L . -11.18 2.63 -31.84
C6 PGE L . -12.44 3.25 -31.75
C5 PGE L . -13.48 2.50 -32.54
O3 PGE L . -13.34 1.12 -32.29
#